data_5F32
#
_entry.id   5F32
#
_cell.length_a   57.218
_cell.length_b   102.593
_cell.length_c   141.742
_cell.angle_alpha   90.00
_cell.angle_beta   99.29
_cell.angle_gamma   90.00
#
_symmetry.space_group_name_H-M   'P 1 21 1'
#
loop_
_entity.id
_entity.type
_entity.pdbx_description
1 polymer 'Lysine-specific demethylase 4A'
2 non-polymer 'ZINC ION'
3 non-polymer 8-(2-azanyl-1,3-thiazol-4-yl)-3~{H}-pyrido[3,4-d]pyrimidin-4-one
4 non-polymer 'DIMETHYL SULFOXIDE'
5 non-polymer 1,2-ETHANEDIOL
6 non-polymer GLYCEROL
7 water water
#
_entity_poly.entity_id   1
_entity_poly.type   'polypeptide(L)'
_entity_poly.pdbx_seq_one_letter_code
;SMASESETLNPSARIMTFYPTMEEFRNFSRYIAYIESQGAHRAGLAKVVPPKEWKPRASYDDIDDLVIPAPIQQLVTGQS
GLFTQYNIQKKAMTVREFRKIANSDKYCTPRYSEFEELERKYWKNLTFNPPIYGADVNGTLYEKHVDEWNIGRLRTILDL
VEKESGITIEGVNTPYLYFGMWKTSFAWHTEDMDLYSINYLHFGEPKSWYSVPPEHGKRLERLAKGFFPGSAQSCEAFLR
HKMTLISPLMLKKYGIPFDKVTQEAGEFMITFPYGYHAGFNHGFNCAESTNFATRRWIEYGKQAVLCSCRKDMVKISMDV
FVRKFQPERYKLWKAGKDNTVIDHTLPTPEAAEFLKESEL
;
_entity_poly.pdbx_strand_id   A,B,C,D
#
# COMPACT_ATOMS: atom_id res chain seq x y z
N SER A 12 -15.92 -37.56 8.20
CA SER A 12 -16.30 -37.80 9.59
C SER A 12 -15.05 -37.90 10.50
N ALA A 13 -14.51 -36.71 10.92
CA ALA A 13 -13.29 -36.49 11.73
C ALA A 13 -12.04 -37.12 11.11
N ARG A 14 -12.00 -37.18 9.76
CA ARG A 14 -10.90 -37.72 8.97
C ARG A 14 -9.83 -36.65 8.74
N ILE A 15 -8.54 -37.08 8.63
CA ILE A 15 -7.39 -36.18 8.39
C ILE A 15 -7.58 -35.46 7.04
N MET A 16 -7.54 -34.12 7.08
CA MET A 16 -7.68 -33.27 5.89
C MET A 16 -6.33 -32.74 5.41
N THR A 17 -6.20 -32.54 4.07
CA THR A 17 -5.02 -32.00 3.37
C THR A 17 -5.38 -30.68 2.69
N PHE A 18 -4.51 -29.68 2.81
CA PHE A 18 -4.75 -28.38 2.23
C PHE A 18 -3.62 -27.94 1.35
N TYR A 19 -3.96 -27.19 0.31
CA TYR A 19 -2.99 -26.70 -0.66
C TYR A 19 -3.11 -25.19 -0.82
N PRO A 20 -2.61 -24.43 0.14
CA PRO A 20 -2.70 -22.96 0.02
C PRO A 20 -1.94 -22.37 -1.15
N THR A 21 -2.45 -21.23 -1.65
CA THR A 21 -1.81 -20.42 -2.69
C THR A 21 -0.74 -19.61 -1.95
N MET A 22 0.22 -19.01 -2.66
CA MET A 22 1.28 -18.20 -2.04
C MET A 22 0.72 -17.04 -1.18
N GLU A 23 -0.41 -16.41 -1.61
CA GLU A 23 -1.10 -15.33 -0.90
C GLU A 23 -1.74 -15.84 0.40
N GLU A 24 -2.35 -17.04 0.34
CA GLU A 24 -2.98 -17.70 1.49
C GLU A 24 -1.91 -18.18 2.46
N PHE A 25 -0.76 -18.58 1.93
CA PHE A 25 0.36 -19.10 2.69
C PHE A 25 1.10 -18.06 3.51
N ARG A 26 1.08 -16.79 3.09
CA ARG A 26 1.82 -15.73 3.74
C ARG A 26 1.37 -15.46 5.18
N ASN A 27 0.07 -15.53 5.48
CA ASN A 27 -0.42 -15.33 6.85
C ASN A 27 -0.73 -16.68 7.53
N PHE A 28 0.16 -17.08 8.46
CA PHE A 28 0.09 -18.36 9.19
C PHE A 28 -1.14 -18.49 10.10
N SER A 29 -1.33 -17.55 11.05
CA SER A 29 -2.44 -17.59 12.01
C SER A 29 -3.81 -17.56 11.33
N ARG A 30 -3.95 -16.76 10.26
CA ARG A 30 -5.17 -16.64 9.48
C ARG A 30 -5.51 -17.96 8.80
N TYR A 31 -4.47 -18.68 8.32
CA TYR A 31 -4.65 -19.97 7.66
C TYR A 31 -5.06 -21.07 8.63
N ILE A 32 -4.60 -21.03 9.90
CA ILE A 32 -5.00 -21.99 10.92
C ILE A 32 -6.50 -21.83 11.25
N ALA A 33 -6.96 -20.56 11.35
CA ALA A 33 -8.35 -20.17 11.54
C ALA A 33 -9.18 -20.66 10.32
N TYR A 34 -8.63 -20.54 9.08
CA TYR A 34 -9.29 -21.04 7.86
C TYR A 34 -9.47 -22.56 7.88
N ILE A 35 -8.39 -23.34 8.16
CA ILE A 35 -8.47 -24.80 8.17
C ILE A 35 -9.45 -25.31 9.27
N GLU A 36 -9.59 -24.56 10.39
CA GLU A 36 -10.52 -24.90 11.46
C GLU A 36 -11.98 -24.64 11.05
N SER A 37 -12.23 -23.58 10.24
CA SER A 37 -13.56 -23.26 9.71
C SER A 37 -14.00 -24.37 8.73
N GLN A 38 -13.03 -25.19 8.27
CA GLN A 38 -13.21 -26.32 7.36
C GLN A 38 -13.33 -27.64 8.15
N GLY A 39 -13.21 -27.56 9.48
CA GLY A 39 -13.35 -28.69 10.37
C GLY A 39 -12.10 -29.56 10.56
N ALA A 40 -10.93 -29.09 10.09
CA ALA A 40 -9.66 -29.82 10.20
C ALA A 40 -9.25 -30.23 11.64
N HIS A 41 -9.60 -29.40 12.67
CA HIS A 41 -9.27 -29.62 14.09
C HIS A 41 -9.92 -30.87 14.69
N ARG A 42 -11.05 -31.29 14.10
CA ARG A 42 -11.83 -32.45 14.54
C ARG A 42 -11.07 -33.77 14.43
N ALA A 43 -10.14 -33.89 13.48
CA ALA A 43 -9.33 -35.10 13.30
C ALA A 43 -8.15 -35.10 14.27
N GLY A 44 -7.75 -33.90 14.73
CA GLY A 44 -6.64 -33.70 15.65
C GLY A 44 -5.31 -33.51 14.93
N LEU A 45 -5.31 -33.80 13.61
CA LEU A 45 -4.19 -33.76 12.71
C LEU A 45 -4.63 -33.27 11.31
N ALA A 46 -3.87 -32.33 10.71
CA ALA A 46 -4.13 -31.90 9.34
C ALA A 46 -2.82 -31.74 8.60
N LYS A 47 -2.85 -31.99 7.29
CA LYS A 47 -1.68 -31.82 6.42
C LYS A 47 -1.81 -30.53 5.58
N VAL A 48 -0.70 -29.77 5.49
CA VAL A 48 -0.62 -28.56 4.66
C VAL A 48 0.55 -28.69 3.67
N VAL A 49 0.22 -28.70 2.41
CA VAL A 49 1.16 -28.78 1.30
C VAL A 49 1.44 -27.34 0.88
N PRO A 50 2.69 -26.87 1.01
CA PRO A 50 3.01 -25.48 0.64
C PRO A 50 3.00 -25.22 -0.87
N PRO A 51 2.91 -23.93 -1.29
CA PRO A 51 3.02 -23.63 -2.73
C PRO A 51 4.41 -24.03 -3.23
N LYS A 52 4.48 -24.64 -4.43
CA LYS A 52 5.70 -25.11 -5.10
C LYS A 52 6.85 -24.09 -5.13
N GLU A 53 6.51 -22.80 -5.31
CA GLU A 53 7.47 -21.69 -5.36
C GLU A 53 8.18 -21.45 -4.01
N TRP A 54 7.62 -21.99 -2.91
CA TRP A 54 8.15 -21.83 -1.56
C TRP A 54 9.14 -22.92 -1.17
N LYS A 55 10.31 -22.49 -0.67
CA LYS A 55 11.38 -23.35 -0.19
C LYS A 55 12.02 -22.69 1.06
N PRO A 56 12.15 -23.38 2.22
CA PRO A 56 12.76 -22.71 3.39
C PRO A 56 14.30 -22.65 3.37
N ARG A 57 14.95 -23.50 2.53
CA ARG A 57 16.40 -23.60 2.41
C ARG A 57 16.73 -24.13 1.02
N ALA A 58 17.71 -23.48 0.35
CA ALA A 58 18.18 -23.80 -1.01
C ALA A 58 18.76 -25.21 -1.18
N SER A 59 19.49 -25.73 -0.16
CA SER A 59 20.10 -27.07 -0.19
C SER A 59 20.38 -27.65 1.21
N TYR A 60 20.44 -28.98 1.29
CA TYR A 60 20.68 -29.72 2.52
C TYR A 60 22.01 -30.52 2.49
N ASP A 61 22.88 -30.23 1.51
CA ASP A 61 24.18 -30.88 1.35
C ASP A 61 25.30 -30.29 2.25
N ASP A 62 24.98 -29.20 3.00
CA ASP A 62 25.93 -28.48 3.87
C ASP A 62 25.64 -28.62 5.38
N ILE A 63 25.00 -29.72 5.81
CA ILE A 63 24.65 -29.92 7.22
C ILE A 63 25.25 -31.22 7.82
N ASP A 64 26.12 -31.93 7.05
CA ASP A 64 26.76 -33.20 7.46
C ASP A 64 27.57 -33.12 8.77
N ASP A 65 28.13 -31.93 9.08
CA ASP A 65 28.93 -31.72 10.29
C ASP A 65 28.14 -31.21 11.49
N LEU A 66 26.80 -31.08 11.34
CA LEU A 66 25.90 -30.63 12.40
C LEU A 66 25.88 -31.65 13.53
N VAL A 67 25.99 -31.17 14.78
CA VAL A 67 26.05 -32.02 15.97
C VAL A 67 24.69 -32.39 16.52
N ILE A 68 24.47 -33.69 16.71
CA ILE A 68 23.28 -34.26 17.37
C ILE A 68 23.84 -34.55 18.78
N PRO A 69 23.61 -33.66 19.78
CA PRO A 69 24.26 -33.85 21.09
C PRO A 69 23.81 -35.07 21.90
N ALA A 70 22.53 -35.38 21.88
CA ALA A 70 22.00 -36.51 22.64
C ALA A 70 21.18 -37.50 21.79
N PRO A 71 21.81 -38.32 20.90
CA PRO A 71 21.04 -39.29 20.11
C PRO A 71 20.52 -40.40 21.03
N ILE A 72 19.35 -40.97 20.72
CA ILE A 72 18.73 -41.98 21.57
C ILE A 72 18.51 -43.32 20.86
N GLN A 73 18.99 -44.40 21.50
CA GLN A 73 18.75 -45.75 21.02
C GLN A 73 17.36 -46.10 21.58
N GLN A 74 16.41 -46.43 20.68
CA GLN A 74 15.03 -46.70 21.08
C GLN A 74 14.79 -48.19 21.32
N LEU A 75 14.79 -48.59 22.60
CA LEU A 75 14.54 -49.96 23.02
C LEU A 75 13.05 -50.13 23.26
N VAL A 76 12.44 -51.12 22.66
CA VAL A 76 11.02 -51.34 22.77
C VAL A 76 10.74 -52.69 23.35
N THR A 77 9.92 -52.73 24.40
CA THR A 77 9.53 -53.97 25.01
C THR A 77 7.98 -54.13 25.00
N GLY A 78 7.51 -55.33 24.74
CA GLY A 78 6.09 -55.65 24.76
C GLY A 78 5.68 -56.76 23.83
N GLN A 79 4.35 -56.96 23.72
CA GLN A 79 3.72 -57.98 22.89
C GLN A 79 2.28 -57.61 22.62
N SER A 80 1.64 -58.29 21.66
CA SER A 80 0.22 -58.13 21.30
C SER A 80 -0.25 -56.67 21.16
N GLY A 81 0.50 -55.90 20.38
CA GLY A 81 0.20 -54.51 20.06
C GLY A 81 0.34 -53.48 21.16
N LEU A 82 0.94 -53.85 22.30
CA LEU A 82 1.14 -52.94 23.44
C LEU A 82 2.60 -52.97 23.82
N PHE A 83 3.26 -51.81 23.71
CA PHE A 83 4.68 -51.72 23.97
C PHE A 83 5.04 -50.51 24.81
N THR A 84 6.27 -50.54 25.38
CA THR A 84 6.88 -49.47 26.18
C THR A 84 8.23 -49.20 25.55
N GLN A 85 8.47 -47.92 25.23
CA GLN A 85 9.71 -47.46 24.63
C GLN A 85 10.63 -46.84 25.66
N TYR A 86 11.84 -47.38 25.75
CA TYR A 86 12.91 -46.94 26.64
C TYR A 86 13.96 -46.28 25.78
N ASN A 87 14.32 -45.05 26.14
CA ASN A 87 15.29 -44.29 25.40
C ASN A 87 16.64 -44.34 26.08
N ILE A 88 17.66 -44.78 25.36
CA ILE A 88 19.01 -44.89 25.87
C ILE A 88 19.85 -43.81 25.21
N GLN A 89 20.40 -42.86 25.99
CA GLN A 89 21.23 -41.78 25.43
C GLN A 89 22.58 -42.34 24.98
N LYS A 90 22.98 -41.98 23.77
CA LYS A 90 24.22 -42.40 23.16
C LYS A 90 25.16 -41.19 23.06
N LYS A 91 26.44 -41.43 22.71
CA LYS A 91 27.42 -40.35 22.55
C LYS A 91 27.02 -39.45 21.36
N ALA A 92 27.36 -38.15 21.43
CA ALA A 92 27.07 -37.15 20.38
C ALA A 92 27.70 -37.56 19.05
N MET A 93 26.96 -37.35 17.97
CA MET A 93 27.42 -37.69 16.62
C MET A 93 27.02 -36.63 15.62
N THR A 94 27.61 -36.66 14.43
CA THR A 94 27.28 -35.70 13.36
C THR A 94 26.12 -36.24 12.52
N VAL A 95 25.59 -35.41 11.60
CA VAL A 95 24.54 -35.80 10.65
C VAL A 95 25.12 -36.87 9.69
N ARG A 96 26.44 -36.81 9.40
CA ARG A 96 27.22 -37.73 8.56
C ARG A 96 27.27 -39.13 9.20
N GLU A 97 27.75 -39.22 10.48
CA GLU A 97 27.85 -40.48 11.24
C GLU A 97 26.46 -41.09 11.37
N PHE A 98 25.44 -40.23 11.58
CA PHE A 98 24.04 -40.63 11.72
C PHE A 98 23.50 -41.24 10.43
N ARG A 99 23.68 -40.52 9.29
CA ARG A 99 23.26 -40.95 7.95
C ARG A 99 23.96 -42.26 7.55
N LYS A 100 25.21 -42.46 8.01
CA LYS A 100 26.01 -43.66 7.78
C LYS A 100 25.35 -44.88 8.40
N ILE A 101 24.87 -44.73 9.66
CA ILE A 101 24.15 -45.76 10.40
C ILE A 101 22.74 -45.92 9.79
N ALA A 102 22.02 -44.81 9.55
CA ALA A 102 20.65 -44.78 8.99
C ALA A 102 20.55 -45.45 7.62
N ASN A 103 21.50 -45.16 6.70
CA ASN A 103 21.50 -45.71 5.34
C ASN A 103 22.32 -47.01 5.18
N SER A 104 22.85 -47.57 6.31
CA SER A 104 23.60 -48.83 6.32
C SER A 104 22.66 -50.02 6.11
N ASP A 105 23.20 -51.19 5.76
CA ASP A 105 22.39 -52.40 5.53
C ASP A 105 21.64 -52.87 6.79
N LYS A 106 22.26 -52.67 7.97
CA LYS A 106 21.70 -53.03 9.28
C LYS A 106 20.49 -52.18 9.71
N TYR A 107 20.46 -50.87 9.37
CA TYR A 107 19.40 -49.96 9.81
C TYR A 107 18.55 -49.34 8.68
N CYS A 108 18.81 -49.67 7.40
CA CYS A 108 18.02 -49.12 6.28
C CYS A 108 16.63 -49.75 6.19
N THR A 109 15.75 -49.08 5.44
CA THR A 109 14.36 -49.44 5.18
C THR A 109 14.27 -50.78 4.45
N PRO A 110 13.37 -51.72 4.86
CA PRO A 110 13.22 -52.96 4.08
C PRO A 110 12.45 -52.71 2.77
N ARG A 111 12.52 -53.68 1.83
CA ARG A 111 11.81 -53.58 0.54
C ARG A 111 10.31 -53.74 0.75
N TYR A 112 9.49 -52.86 0.15
CA TYR A 112 8.03 -52.88 0.28
C TYR A 112 7.31 -52.38 -0.98
N SER A 113 6.12 -52.95 -1.26
CA SER A 113 5.30 -52.60 -2.43
C SER A 113 4.28 -51.47 -2.17
N GLU A 114 3.65 -51.47 -0.98
CA GLU A 114 2.66 -50.48 -0.56
C GLU A 114 2.88 -50.11 0.93
N PHE A 115 2.38 -48.94 1.38
CA PHE A 115 2.54 -48.47 2.77
C PHE A 115 2.07 -49.50 3.79
N GLU A 116 0.94 -50.18 3.50
CA GLU A 116 0.34 -51.19 4.37
C GLU A 116 1.32 -52.34 4.71
N GLU A 117 2.25 -52.64 3.78
CA GLU A 117 3.30 -53.65 3.94
C GLU A 117 4.42 -53.12 4.83
N LEU A 118 4.80 -51.82 4.68
CA LEU A 118 5.85 -51.22 5.52
C LEU A 118 5.34 -51.04 6.97
N GLU A 119 4.05 -50.71 7.13
CA GLU A 119 3.35 -50.55 8.39
C GLU A 119 3.32 -51.91 9.12
N ARG A 120 3.04 -53.01 8.36
CA ARG A 120 3.02 -54.38 8.86
C ARG A 120 4.40 -54.77 9.43
N LYS A 121 5.49 -54.50 8.67
CA LYS A 121 6.88 -54.74 9.03
C LYS A 121 7.28 -53.95 10.27
N TYR A 122 6.84 -52.69 10.37
CA TYR A 122 7.10 -51.83 11.53
C TYR A 122 6.57 -52.47 12.81
N TRP A 123 5.26 -52.81 12.85
CA TRP A 123 4.60 -53.39 14.01
C TRP A 123 5.06 -54.85 14.32
N LYS A 124 5.67 -55.51 13.34
CA LYS A 124 6.19 -56.86 13.50
C LYS A 124 7.61 -56.81 14.09
N ASN A 125 8.41 -55.81 13.68
CA ASN A 125 9.84 -55.68 14.02
C ASN A 125 10.26 -54.55 14.98
N LEU A 126 9.31 -53.72 15.50
N LEU A 126 9.29 -53.79 15.52
CA LEU A 126 9.66 -52.58 16.39
CA LEU A 126 9.46 -52.67 16.46
C LEU A 126 10.47 -52.97 17.65
C LEU A 126 10.39 -52.98 17.65
N THR A 127 10.37 -54.23 18.14
CA THR A 127 11.15 -54.68 19.29
C THR A 127 12.52 -55.23 18.88
N PHE A 128 12.76 -55.43 17.57
CA PHE A 128 14.05 -55.94 17.08
C PHE A 128 14.93 -54.82 16.59
N ASN A 129 16.25 -55.05 16.57
N ASN A 129 16.25 -55.07 16.53
CA ASN A 129 17.31 -54.14 16.08
CA ASN A 129 17.30 -54.14 16.07
C ASN A 129 17.05 -52.67 16.45
C ASN A 129 17.03 -52.66 16.46
N PRO A 130 17.19 -52.27 17.74
CA PRO A 130 16.88 -50.88 18.15
C PRO A 130 17.54 -49.77 17.34
N PRO A 131 16.72 -48.92 16.69
CA PRO A 131 17.29 -47.83 15.88
C PRO A 131 17.71 -46.63 16.75
N ILE A 132 18.36 -45.64 16.14
CA ILE A 132 18.82 -44.44 16.83
C ILE A 132 18.09 -43.24 16.26
N TYR A 133 17.60 -42.37 17.16
CA TYR A 133 16.87 -41.17 16.82
C TYR A 133 17.66 -39.91 17.18
N GLY A 134 17.93 -39.09 16.17
CA GLY A 134 18.61 -37.80 16.32
C GLY A 134 17.60 -36.77 16.75
N ALA A 135 16.97 -37.03 17.91
CA ALA A 135 15.87 -36.25 18.46
C ALA A 135 16.29 -35.13 19.41
N ASP A 136 15.45 -34.08 19.45
CA ASP A 136 15.53 -32.91 20.33
C ASP A 136 16.75 -32.03 20.10
N VAL A 137 17.16 -31.90 18.82
CA VAL A 137 18.29 -31.05 18.43
C VAL A 137 17.78 -29.61 18.36
N ASN A 138 18.36 -28.74 19.18
CA ASN A 138 18.01 -27.32 19.23
C ASN A 138 18.55 -26.63 17.98
N GLY A 139 17.64 -26.16 17.15
CA GLY A 139 18.01 -25.50 15.90
C GLY A 139 16.90 -25.41 14.88
N THR A 140 17.22 -24.74 13.77
CA THR A 140 16.36 -24.47 12.62
C THR A 140 17.15 -24.68 11.33
N LEU A 141 16.49 -25.20 10.30
CA LEU A 141 17.13 -25.38 8.99
C LEU A 141 16.55 -24.36 8.02
N TYR A 142 15.76 -23.40 8.55
CA TYR A 142 15.20 -22.30 7.75
C TYR A 142 16.27 -21.24 7.55
N GLU A 143 16.30 -20.65 6.34
CA GLU A 143 17.21 -19.55 6.04
C GLU A 143 16.66 -18.32 6.76
N LYS A 144 17.54 -17.42 7.20
CA LYS A 144 17.21 -16.23 7.99
C LYS A 144 16.11 -15.30 7.45
N HIS A 145 16.00 -15.20 6.11
N HIS A 145 15.98 -15.19 6.11
CA HIS A 145 15.08 -14.33 5.38
CA HIS A 145 15.01 -14.26 5.52
C HIS A 145 13.65 -14.86 5.20
C HIS A 145 13.74 -14.93 4.95
N VAL A 146 13.46 -16.19 5.35
CA VAL A 146 12.20 -16.91 5.07
C VAL A 146 11.09 -16.38 6.01
N ASP A 147 10.08 -15.68 5.44
CA ASP A 147 9.03 -15.01 6.22
C ASP A 147 7.66 -15.75 6.32
N GLU A 148 7.47 -16.84 5.57
CA GLU A 148 6.22 -17.59 5.57
C GLU A 148 6.46 -18.91 6.26
N TRP A 149 5.57 -19.25 7.26
CA TRP A 149 5.57 -20.50 8.04
C TRP A 149 6.95 -20.83 8.66
N ASN A 150 7.67 -19.79 9.11
CA ASN A 150 8.97 -19.96 9.74
C ASN A 150 8.76 -20.48 11.15
N ILE A 151 9.11 -21.72 11.36
CA ILE A 151 8.92 -22.39 12.64
C ILE A 151 9.62 -21.65 13.77
N GLY A 152 10.74 -21.02 13.46
CA GLY A 152 11.48 -20.22 14.42
C GLY A 152 10.65 -19.05 14.91
N ARG A 153 9.86 -18.43 14.02
CA ARG A 153 9.01 -17.29 14.38
C ARG A 153 7.58 -17.25 13.83
N LEU A 154 6.70 -18.10 14.34
CA LEU A 154 5.29 -18.16 13.89
C LEU A 154 4.43 -16.92 14.15
N ARG A 155 4.72 -16.24 15.25
CA ARG A 155 4.07 -15.01 15.72
C ARG A 155 2.62 -15.21 16.19
N THR A 156 2.36 -16.30 16.91
CA THR A 156 1.05 -16.61 17.49
C THR A 156 1.00 -16.07 18.95
N ILE A 157 -0.13 -16.24 19.64
CA ILE A 157 -0.30 -15.77 21.02
C ILE A 157 0.64 -16.54 22.02
N LEU A 158 1.20 -17.72 21.64
CA LEU A 158 2.17 -18.44 22.49
C LEU A 158 3.36 -17.53 22.86
N ASP A 159 3.68 -16.56 21.96
CA ASP A 159 4.74 -15.54 22.10
C ASP A 159 4.70 -14.71 23.37
N LEU A 160 3.52 -14.58 24.02
CA LEU A 160 3.27 -13.84 25.26
C LEU A 160 4.16 -14.25 26.42
N VAL A 161 4.45 -15.57 26.56
CA VAL A 161 5.28 -16.12 27.64
C VAL A 161 6.69 -15.54 27.57
N GLU A 162 7.32 -15.58 26.37
CA GLU A 162 8.65 -15.02 26.11
C GLU A 162 8.62 -13.48 26.19
N LYS A 163 7.55 -12.86 25.70
CA LYS A 163 7.37 -11.40 25.67
C LYS A 163 7.31 -10.80 27.09
N GLU A 164 6.52 -11.40 27.97
CA GLU A 164 6.35 -10.92 29.34
C GLU A 164 7.48 -11.33 30.31
N SER A 165 8.04 -12.52 30.17
CA SER A 165 9.07 -12.99 31.08
C SER A 165 10.44 -13.27 30.50
N GLY A 166 10.49 -13.58 29.22
CA GLY A 166 11.73 -13.89 28.54
C GLY A 166 12.11 -15.35 28.65
N ILE A 167 11.34 -16.13 29.41
CA ILE A 167 11.63 -17.55 29.57
C ILE A 167 11.36 -18.36 28.31
N THR A 168 12.24 -19.30 28.05
CA THR A 168 12.13 -20.13 26.87
C THR A 168 12.12 -21.61 27.24
N ILE A 169 11.32 -22.38 26.51
CA ILE A 169 11.16 -23.81 26.73
C ILE A 169 11.55 -24.50 25.43
N GLU A 170 12.74 -25.15 25.43
CA GLU A 170 13.32 -25.89 24.30
C GLU A 170 12.26 -26.76 23.61
N GLY A 171 12.10 -26.58 22.31
CA GLY A 171 11.12 -27.35 21.53
C GLY A 171 9.69 -26.90 21.69
N VAL A 172 9.38 -26.13 22.75
CA VAL A 172 8.00 -25.64 22.95
C VAL A 172 7.85 -24.25 22.27
N ASN A 173 8.63 -23.24 22.71
CA ASN A 173 8.56 -21.94 22.06
C ASN A 173 9.87 -21.63 21.31
N THR A 174 10.68 -22.69 21.06
CA THR A 174 11.93 -22.67 20.27
C THR A 174 11.81 -23.88 19.30
N PRO A 175 12.52 -23.95 18.15
CA PRO A 175 12.34 -25.13 17.29
C PRO A 175 13.23 -26.32 17.66
N TYR A 176 12.78 -27.54 17.32
CA TYR A 176 13.53 -28.79 17.50
C TYR A 176 13.72 -29.46 16.13
N LEU A 177 14.87 -30.08 15.93
CA LEU A 177 15.13 -30.86 14.72
C LEU A 177 15.10 -32.33 15.12
N TYR A 178 14.60 -33.20 14.24
CA TYR A 178 14.48 -34.63 14.48
C TYR A 178 15.07 -35.38 13.30
N PHE A 179 16.21 -36.03 13.51
CA PHE A 179 16.88 -36.82 12.47
C PHE A 179 16.46 -38.25 12.65
N GLY A 180 15.59 -38.72 11.76
CA GLY A 180 15.06 -40.07 11.84
C GLY A 180 15.78 -41.09 11.00
N MET A 181 15.44 -42.33 11.24
CA MET A 181 15.89 -43.49 10.49
C MET A 181 14.74 -44.49 10.55
N TRP A 182 14.82 -45.58 9.79
CA TRP A 182 13.78 -46.59 9.75
C TRP A 182 13.43 -47.09 11.16
N LYS A 183 12.11 -47.19 11.45
CA LYS A 183 11.58 -47.73 12.69
C LYS A 183 11.70 -46.81 13.92
N THR A 184 12.30 -45.59 13.79
CA THR A 184 12.36 -44.64 14.91
C THR A 184 10.94 -44.12 15.06
N SER A 185 10.48 -43.96 16.29
CA SER A 185 9.11 -43.56 16.50
C SER A 185 8.82 -42.63 17.65
N PHE A 186 7.62 -42.07 17.61
CA PHE A 186 7.11 -41.22 18.66
C PHE A 186 5.84 -41.89 19.19
N ALA A 187 5.79 -42.04 20.51
CA ALA A 187 4.67 -42.67 21.21
C ALA A 187 3.42 -41.82 21.26
N TRP A 188 2.30 -42.42 21.66
CA TRP A 188 1.04 -41.70 21.75
C TRP A 188 1.12 -40.59 22.78
N HIS A 189 0.75 -39.39 22.37
CA HIS A 189 0.82 -38.24 23.24
C HIS A 189 0.05 -37.06 22.70
N THR A 190 -0.11 -36.06 23.53
CA THR A 190 -0.72 -34.78 23.18
C THR A 190 0.41 -33.82 23.48
N GLU A 191 0.34 -32.61 22.99
CA GLU A 191 1.42 -31.66 23.22
C GLU A 191 1.48 -31.20 24.63
N ASP A 192 2.63 -30.66 25.06
CA ASP A 192 2.74 -30.10 26.40
C ASP A 192 1.68 -29.00 26.52
N MET A 193 0.96 -28.94 27.68
CA MET A 193 -0.13 -27.97 27.92
C MET A 193 -1.31 -28.12 26.96
N ASP A 194 -1.34 -29.24 26.17
CA ASP A 194 -2.33 -29.55 25.13
C ASP A 194 -2.33 -28.47 24.02
N LEU A 195 -1.13 -28.02 23.68
CA LEU A 195 -0.89 -27.02 22.64
C LEU A 195 -0.94 -27.58 21.21
N TYR A 196 -0.96 -26.68 20.25
CA TYR A 196 -0.90 -27.04 18.85
C TYR A 196 0.55 -27.31 18.55
N SER A 197 0.81 -28.01 17.47
CA SER A 197 2.18 -28.26 17.04
C SER A 197 2.25 -28.18 15.50
N ILE A 198 3.42 -27.82 14.98
CA ILE A 198 3.67 -27.71 13.56
C ILE A 198 4.90 -28.57 13.29
N ASN A 199 4.86 -29.39 12.23
CA ASN A 199 5.98 -30.27 11.88
C ASN A 199 6.23 -30.14 10.41
N TYR A 200 7.48 -29.83 10.05
CA TYR A 200 7.86 -29.72 8.64
C TYR A 200 8.90 -30.74 8.31
N LEU A 201 8.62 -31.60 7.30
CA LEU A 201 9.62 -32.59 6.90
C LEU A 201 10.55 -31.91 5.88
N HIS A 202 11.76 -31.51 6.32
CA HIS A 202 12.71 -30.81 5.44
C HIS A 202 13.16 -31.64 4.23
N PHE A 203 13.50 -32.92 4.46
CA PHE A 203 13.99 -33.85 3.44
C PHE A 203 13.91 -35.29 3.92
N GLY A 204 14.23 -36.19 2.99
CA GLY A 204 14.36 -37.62 3.24
C GLY A 204 13.13 -38.45 3.00
N GLU A 205 13.14 -39.62 3.67
CA GLU A 205 12.09 -40.62 3.63
C GLU A 205 10.86 -40.17 4.40
N PRO A 206 9.65 -40.70 4.08
CA PRO A 206 8.45 -40.21 4.78
C PRO A 206 8.32 -40.54 6.28
N LYS A 207 7.36 -39.86 6.91
CA LYS A 207 7.00 -40.01 8.31
C LYS A 207 5.51 -40.35 8.35
N SER A 208 5.16 -41.53 8.92
CA SER A 208 3.74 -41.91 9.05
C SER A 208 3.21 -41.50 10.41
N TRP A 209 1.94 -41.09 10.42
CA TRP A 209 1.27 -40.57 11.59
C TRP A 209 -0.03 -41.31 11.83
N TYR A 210 -0.34 -41.51 13.10
CA TYR A 210 -1.62 -42.02 13.60
C TYR A 210 -2.21 -40.90 14.42
N SER A 211 -3.54 -40.75 14.39
N SER A 211 -3.54 -40.75 14.39
CA SER A 211 -4.22 -39.67 15.11
CA SER A 211 -4.22 -39.69 15.12
C SER A 211 -5.57 -40.10 15.67
C SER A 211 -5.55 -40.15 15.69
N VAL A 212 -5.88 -39.69 16.89
CA VAL A 212 -7.16 -39.99 17.53
C VAL A 212 -7.86 -38.62 17.62
N PRO A 213 -9.11 -38.48 17.11
CA PRO A 213 -9.81 -37.19 17.23
C PRO A 213 -9.88 -36.69 18.69
N PRO A 214 -9.64 -35.38 18.95
CA PRO A 214 -9.77 -34.85 20.33
C PRO A 214 -11.07 -35.24 21.06
N GLU A 215 -12.22 -35.35 20.35
CA GLU A 215 -13.50 -35.77 20.94
C GLU A 215 -13.51 -37.24 21.42
N HIS A 216 -12.50 -38.08 21.03
CA HIS A 216 -12.40 -39.47 21.51
C HIS A 216 -11.13 -39.73 22.34
N GLY A 217 -10.45 -38.64 22.71
CA GLY A 217 -9.20 -38.65 23.45
C GLY A 217 -9.26 -39.24 24.85
N LYS A 218 -10.39 -38.99 25.57
CA LYS A 218 -10.60 -39.55 26.91
C LYS A 218 -10.74 -41.07 26.85
N ARG A 219 -11.19 -41.60 25.68
CA ARG A 219 -11.34 -43.05 25.42
C ARG A 219 -9.97 -43.73 25.34
N LEU A 220 -9.04 -43.17 24.56
CA LEU A 220 -7.69 -43.70 24.42
C LEU A 220 -6.98 -43.72 25.79
N GLU A 221 -7.12 -42.63 26.58
CA GLU A 221 -6.56 -42.53 27.94
C GLU A 221 -7.08 -43.66 28.84
N ARG A 222 -8.42 -43.88 28.85
CA ARG A 222 -9.10 -44.95 29.61
C ARG A 222 -8.54 -46.31 29.23
N LEU A 223 -8.40 -46.56 27.93
CA LEU A 223 -7.83 -47.80 27.38
C LEU A 223 -6.36 -48.01 27.85
N ALA A 224 -5.50 -46.97 27.76
CA ALA A 224 -4.10 -47.03 28.20
C ALA A 224 -3.99 -47.29 29.71
N LYS A 225 -4.93 -46.73 30.52
CA LYS A 225 -5.02 -46.93 31.97
C LYS A 225 -5.31 -48.42 32.28
N GLY A 226 -6.22 -49.02 31.51
CA GLY A 226 -6.58 -50.43 31.62
C GLY A 226 -5.44 -51.37 31.26
N PHE A 227 -4.66 -51.03 30.23
CA PHE A 227 -3.51 -51.80 29.75
C PHE A 227 -2.24 -51.63 30.56
N PHE A 228 -2.05 -50.45 31.19
CA PHE A 228 -0.87 -50.12 32.01
C PHE A 228 -1.32 -49.62 33.39
N PRO A 229 -1.89 -50.51 34.26
CA PRO A 229 -2.41 -50.04 35.57
C PRO A 229 -1.37 -49.54 36.57
N GLY A 230 -0.14 -50.07 36.49
CA GLY A 230 0.95 -49.66 37.37
C GLY A 230 1.37 -48.23 37.06
N SER A 231 1.52 -47.94 35.76
CA SER A 231 1.89 -46.66 35.16
C SER A 231 0.86 -45.57 35.46
N ALA A 232 -0.44 -45.93 35.39
CA ALA A 232 -1.55 -45.02 35.67
C ALA A 232 -1.72 -44.72 37.17
N GLN A 233 -1.26 -45.65 38.04
CA GLN A 233 -1.33 -45.47 39.49
C GLN A 233 -0.25 -44.49 39.97
N SER A 234 0.92 -44.51 39.32
CA SER A 234 2.08 -43.68 39.65
C SER A 234 1.99 -42.25 39.13
N CYS A 235 1.25 -42.04 38.02
CA CYS A 235 1.11 -40.75 37.35
C CYS A 235 -0.30 -40.59 36.75
N GLU A 236 -0.90 -39.42 36.99
CA GLU A 236 -2.21 -39.08 36.47
C GLU A 236 -2.20 -39.04 34.94
N ALA A 237 -1.11 -38.55 34.37
CA ALA A 237 -1.00 -38.47 32.93
C ALA A 237 0.30 -39.11 32.47
N PHE A 238 0.37 -40.43 32.56
CA PHE A 238 1.56 -41.17 32.17
C PHE A 238 1.89 -41.14 30.67
N LEU A 239 0.88 -40.87 29.85
CA LEU A 239 1.08 -40.80 28.40
C LEU A 239 2.00 -39.63 28.03
N ARG A 240 2.10 -38.66 28.95
CA ARG A 240 2.97 -37.49 28.85
C ARG A 240 4.44 -37.89 28.87
N HIS A 241 4.74 -39.10 29.37
CA HIS A 241 6.11 -39.66 29.40
C HIS A 241 6.58 -40.05 27.99
N LYS A 242 5.64 -40.09 27.00
CA LYS A 242 5.89 -40.44 25.59
C LYS A 242 6.64 -41.79 25.45
N MET A 243 6.17 -42.81 26.20
CA MET A 243 6.74 -44.16 26.23
C MET A 243 5.75 -45.24 25.74
N THR A 244 4.49 -44.88 25.56
CA THR A 244 3.46 -45.87 25.23
C THR A 244 3.15 -45.99 23.74
N LEU A 245 3.38 -47.20 23.20
CA LEU A 245 3.05 -47.55 21.81
C LEU A 245 1.89 -48.53 21.80
N ILE A 246 0.85 -48.20 21.05
CA ILE A 246 -0.37 -48.98 20.88
C ILE A 246 -0.60 -49.13 19.36
N SER A 247 -0.60 -50.38 18.85
CA SER A 247 -0.78 -50.65 17.42
C SER A 247 -2.18 -50.23 16.89
N PRO A 248 -2.32 -49.88 15.58
CA PRO A 248 -3.65 -49.56 15.03
C PRO A 248 -4.69 -50.69 15.19
N LEU A 249 -4.24 -51.97 15.17
CA LEU A 249 -5.07 -53.16 15.36
C LEU A 249 -5.72 -53.21 16.76
N MET A 250 -4.97 -52.85 17.81
CA MET A 250 -5.48 -52.77 19.19
C MET A 250 -6.52 -51.67 19.30
N LEU A 251 -6.24 -50.49 18.71
CA LEU A 251 -7.18 -49.36 18.69
C LEU A 251 -8.48 -49.78 18.02
N LYS A 252 -8.39 -50.58 16.93
CA LYS A 252 -9.55 -51.07 16.17
C LYS A 252 -10.37 -52.04 17.02
N LYS A 253 -9.68 -53.02 17.65
CA LYS A 253 -10.23 -54.05 18.53
C LYS A 253 -11.06 -53.43 19.69
N TYR A 254 -10.53 -52.35 20.30
CA TYR A 254 -11.15 -51.68 21.42
C TYR A 254 -12.05 -50.50 21.00
N GLY A 255 -12.29 -50.40 19.70
CA GLY A 255 -13.17 -49.40 19.09
C GLY A 255 -12.79 -47.96 19.28
N ILE A 256 -11.49 -47.69 19.37
CA ILE A 256 -10.96 -46.33 19.47
C ILE A 256 -10.91 -45.78 18.03
N PRO A 257 -11.67 -44.69 17.70
CA PRO A 257 -11.61 -44.16 16.33
C PRO A 257 -10.27 -43.49 16.10
N PHE A 258 -9.68 -43.73 14.93
CA PHE A 258 -8.39 -43.16 14.59
C PHE A 258 -8.24 -43.04 13.09
N ASP A 259 -7.26 -42.24 12.66
CA ASP A 259 -6.91 -42.13 11.24
C ASP A 259 -5.39 -42.22 11.06
N LYS A 260 -4.96 -42.52 9.85
CA LYS A 260 -3.54 -42.58 9.52
C LYS A 260 -3.24 -41.71 8.31
N VAL A 261 -2.01 -41.19 8.24
CA VAL A 261 -1.53 -40.36 7.13
C VAL A 261 -0.01 -40.47 7.00
N THR A 262 0.52 -40.32 5.77
CA THR A 262 1.95 -40.31 5.54
C THR A 262 2.34 -38.89 5.10
N GLN A 263 3.35 -38.33 5.74
CA GLN A 263 3.89 -37.01 5.48
C GLN A 263 5.16 -37.21 4.65
N GLU A 264 5.22 -36.51 3.51
CA GLU A 264 6.36 -36.61 2.62
C GLU A 264 7.21 -35.37 2.73
N ALA A 265 8.46 -35.45 2.27
CA ALA A 265 9.39 -34.32 2.33
C ALA A 265 8.75 -33.09 1.66
N GLY A 266 8.79 -31.98 2.38
CA GLY A 266 8.25 -30.72 1.90
C GLY A 266 6.85 -30.41 2.34
N GLU A 267 6.26 -31.24 3.21
CA GLU A 267 4.90 -31.04 3.72
C GLU A 267 4.92 -30.72 5.20
N PHE A 268 3.85 -30.08 5.65
CA PHE A 268 3.64 -29.67 7.03
C PHE A 268 2.52 -30.50 7.64
N MET A 269 2.68 -30.87 8.91
CA MET A 269 1.65 -31.59 9.64
C MET A 269 1.32 -30.70 10.83
N ILE A 270 0.04 -30.50 11.08
CA ILE A 270 -0.40 -29.68 12.18
C ILE A 270 -1.20 -30.52 13.16
N THR A 271 -0.86 -30.46 14.43
CA THR A 271 -1.61 -31.19 15.45
C THR A 271 -2.39 -30.13 16.23
N PHE A 272 -3.61 -30.48 16.59
CA PHE A 272 -4.53 -29.60 17.27
C PHE A 272 -4.58 -29.90 18.75
N PRO A 273 -4.99 -28.92 19.57
CA PRO A 273 -5.10 -29.19 21.03
C PRO A 273 -5.86 -30.46 21.38
N TYR A 274 -5.26 -31.26 22.30
CA TYR A 274 -5.77 -32.54 22.81
C TYR A 274 -5.88 -33.59 21.68
N GLY A 275 -5.05 -33.44 20.65
CA GLY A 275 -4.99 -34.38 19.54
C GLY A 275 -3.93 -35.44 19.83
N TYR A 276 -4.36 -36.67 20.15
CA TYR A 276 -3.38 -37.75 20.42
C TYR A 276 -2.78 -38.22 19.11
N HIS A 277 -1.45 -38.30 19.04
CA HIS A 277 -0.79 -38.73 17.82
C HIS A 277 0.39 -39.62 18.13
N ALA A 278 0.71 -40.53 17.20
CA ALA A 278 1.85 -41.45 17.25
C ALA A 278 2.34 -41.68 15.80
N GLY A 279 3.49 -42.29 15.65
CA GLY A 279 4.03 -42.55 14.32
C GLY A 279 5.45 -43.03 14.28
N PHE A 280 5.97 -43.17 13.07
CA PHE A 280 7.29 -43.70 12.80
C PHE A 280 7.86 -43.14 11.52
N ASN A 281 9.19 -43.20 11.40
CA ASN A 281 9.96 -42.77 10.24
C ASN A 281 10.19 -43.93 9.33
N HIS A 282 10.10 -43.68 8.00
CA HIS A 282 10.26 -44.71 6.99
C HIS A 282 11.71 -45.01 6.72
N GLY A 283 12.57 -44.03 7.00
CA GLY A 283 14.00 -44.15 6.78
C GLY A 283 14.66 -42.84 7.14
N PHE A 284 15.89 -42.61 6.64
CA PHE A 284 16.63 -41.38 6.91
C PHE A 284 15.86 -40.12 6.48
N ASN A 285 15.67 -39.17 7.43
CA ASN A 285 14.95 -37.93 7.18
C ASN A 285 15.25 -36.88 8.24
N CYS A 286 14.68 -35.67 8.08
CA CYS A 286 14.82 -34.59 9.03
C CYS A 286 13.56 -33.74 9.09
N ALA A 287 13.01 -33.58 10.31
CA ALA A 287 11.82 -32.78 10.60
C ALA A 287 12.15 -31.68 11.61
N GLU A 288 11.43 -30.57 11.54
CA GLU A 288 11.57 -29.40 12.42
C GLU A 288 10.18 -29.16 13.01
N SER A 289 10.12 -28.96 14.34
CA SER A 289 8.84 -28.70 15.00
C SER A 289 8.92 -27.72 16.15
N THR A 290 7.76 -27.17 16.46
CA THR A 290 7.53 -26.26 17.57
C THR A 290 6.06 -26.31 17.96
N ASN A 291 5.71 -25.64 19.04
CA ASN A 291 4.32 -25.55 19.45
C ASN A 291 3.88 -24.15 19.12
N PHE A 292 2.57 -23.96 19.05
CA PHE A 292 1.98 -22.65 18.82
C PHE A 292 0.62 -22.70 19.48
N ALA A 293 -0.08 -21.57 19.51
CA ALA A 293 -1.39 -21.46 20.12
C ALA A 293 -2.32 -20.55 19.30
N THR A 294 -3.62 -20.64 19.56
CA THR A 294 -4.66 -19.75 19.04
C THR A 294 -5.47 -19.36 20.28
N ARG A 295 -6.52 -18.50 20.14
CA ARG A 295 -7.37 -18.12 21.28
C ARG A 295 -8.14 -19.33 21.88
N ARG A 296 -8.50 -20.31 21.03
CA ARG A 296 -9.18 -21.57 21.39
C ARG A 296 -8.35 -22.42 22.37
N TRP A 297 -7.00 -22.40 22.25
CA TRP A 297 -6.14 -23.18 23.12
C TRP A 297 -6.26 -22.81 24.61
N ILE A 298 -6.52 -21.53 24.96
CA ILE A 298 -6.59 -21.00 26.33
C ILE A 298 -7.30 -21.98 27.29
N GLU A 299 -8.53 -22.42 26.93
CA GLU A 299 -9.32 -23.36 27.73
C GLU A 299 -8.63 -24.70 27.92
N TYR A 300 -7.98 -25.23 26.86
CA TYR A 300 -7.26 -26.50 26.88
C TYR A 300 -6.07 -26.43 27.85
N GLY A 301 -5.33 -25.32 27.81
CA GLY A 301 -4.18 -25.06 28.67
C GLY A 301 -4.58 -24.94 30.13
N LYS A 302 -5.75 -24.33 30.41
CA LYS A 302 -6.30 -24.19 31.78
C LYS A 302 -6.73 -25.55 32.33
N GLN A 303 -7.16 -26.48 31.44
CA GLN A 303 -7.70 -27.79 31.83
C GLN A 303 -6.78 -28.99 31.64
N ALA A 304 -5.60 -28.80 31.00
CA ALA A 304 -4.67 -29.89 30.71
C ALA A 304 -4.28 -30.65 31.99
N VAL A 305 -4.28 -31.98 31.91
CA VAL A 305 -3.92 -32.85 33.01
C VAL A 305 -2.45 -33.14 32.84
N LEU A 306 -1.64 -32.59 33.74
CA LEU A 306 -0.18 -32.67 33.65
C LEU A 306 0.42 -33.86 34.39
N CYS A 307 1.69 -34.22 34.05
CA CYS A 307 2.44 -35.30 34.69
C CYS A 307 2.55 -34.97 36.18
N SER A 308 2.11 -35.91 37.04
CA SER A 308 2.14 -35.76 38.50
C SER A 308 3.34 -36.44 39.19
N CYS A 309 4.08 -37.31 38.47
CA CYS A 309 5.22 -38.05 39.03
C CYS A 309 6.61 -37.37 38.85
N ARG A 310 6.70 -36.27 38.08
CA ARG A 310 7.98 -35.57 37.87
N MET A 313 8.48 -31.81 34.67
CA MET A 313 7.96 -31.74 33.30
C MET A 313 7.53 -30.30 32.92
N VAL A 314 7.09 -30.10 31.66
CA VAL A 314 6.69 -28.78 31.12
C VAL A 314 5.36 -28.28 31.69
N LYS A 315 5.40 -27.05 32.22
CA LYS A 315 4.25 -26.36 32.78
C LYS A 315 4.36 -24.86 32.45
N ILE A 316 3.31 -24.32 31.83
CA ILE A 316 3.22 -22.90 31.47
C ILE A 316 2.19 -22.24 32.38
N SER A 317 2.51 -21.03 32.91
CA SER A 317 1.59 -20.25 33.72
C SER A 317 0.51 -19.67 32.80
N MET A 318 -0.76 -20.04 33.06
CA MET A 318 -1.95 -19.63 32.31
C MET A 318 -2.45 -18.23 32.67
N ASP A 319 -1.98 -17.68 33.81
CA ASP A 319 -2.37 -16.37 34.33
C ASP A 319 -2.28 -15.23 33.30
N VAL A 320 -1.16 -15.12 32.55
CA VAL A 320 -1.00 -14.08 31.51
C VAL A 320 -2.06 -14.23 30.38
N PHE A 321 -2.37 -15.48 30.00
CA PHE A 321 -3.37 -15.80 28.96
C PHE A 321 -4.80 -15.48 29.40
N VAL A 322 -5.14 -15.82 30.67
CA VAL A 322 -6.45 -15.54 31.24
C VAL A 322 -6.60 -14.01 31.45
N ARG A 323 -5.54 -13.35 32.01
CA ARG A 323 -5.51 -11.89 32.23
C ARG A 323 -5.81 -11.07 30.95
N LYS A 324 -5.13 -11.39 29.83
CA LYS A 324 -5.21 -10.72 28.53
C LYS A 324 -6.46 -11.05 27.70
N PHE A 325 -6.80 -12.35 27.56
CA PHE A 325 -7.89 -12.80 26.69
C PHE A 325 -9.22 -13.16 27.38
N GLN A 326 -9.18 -13.43 28.69
CA GLN A 326 -10.39 -13.74 29.48
C GLN A 326 -10.37 -12.90 30.78
N PRO A 327 -10.34 -11.53 30.74
CA PRO A 327 -10.26 -10.78 32.01
C PRO A 327 -11.44 -10.93 32.95
N GLU A 328 -12.65 -11.10 32.38
CA GLU A 328 -13.91 -11.27 33.10
C GLU A 328 -13.96 -12.55 33.95
N ARG A 329 -13.28 -13.61 33.47
CA ARG A 329 -13.25 -14.91 34.12
C ARG A 329 -12.06 -15.11 35.06
N TYR A 330 -11.09 -14.16 35.10
CA TYR A 330 -9.89 -14.27 35.95
C TYR A 330 -10.19 -14.53 37.43
N LYS A 331 -11.09 -13.71 38.04
CA LYS A 331 -11.49 -13.83 39.45
C LYS A 331 -12.16 -15.18 39.73
N LEU A 332 -13.07 -15.60 38.83
CA LEU A 332 -13.77 -16.88 38.90
C LEU A 332 -12.77 -18.06 38.79
N TRP A 333 -11.88 -18.03 37.77
CA TRP A 333 -10.85 -19.03 37.47
C TRP A 333 -9.80 -19.19 38.58
N LYS A 334 -9.28 -18.07 39.13
CA LYS A 334 -8.28 -18.07 40.19
C LYS A 334 -8.81 -18.66 41.52
N ALA A 335 -10.14 -18.54 41.76
CA ALA A 335 -10.84 -19.04 42.95
C ALA A 335 -11.33 -20.51 42.80
N GLY A 336 -11.06 -21.12 41.66
CA GLY A 336 -11.45 -22.49 41.33
C GLY A 336 -12.91 -22.65 40.99
N LYS A 337 -13.52 -21.58 40.43
CA LYS A 337 -14.93 -21.55 40.06
C LYS A 337 -15.18 -21.52 38.53
N ASP A 338 -14.12 -21.74 37.70
CA ASP A 338 -14.28 -21.81 36.25
C ASP A 338 -14.65 -23.25 35.87
N ASN A 339 -15.96 -23.51 35.73
CA ASN A 339 -16.51 -24.84 35.42
C ASN A 339 -16.84 -24.96 33.91
N THR A 340 -15.99 -24.33 33.06
CA THR A 340 -16.12 -24.33 31.60
C THR A 340 -15.90 -25.74 31.05
N VAL A 341 -16.75 -26.13 30.08
CA VAL A 341 -16.67 -27.43 29.41
C VAL A 341 -16.23 -27.18 27.97
N ILE A 342 -15.16 -27.84 27.54
CA ILE A 342 -14.67 -27.65 26.17
C ILE A 342 -15.51 -28.45 25.16
N ASP A 343 -15.92 -27.79 24.08
CA ASP A 343 -16.59 -28.39 22.94
C ASP A 343 -15.50 -28.51 21.87
N HIS A 344 -15.02 -29.74 21.65
CA HIS A 344 -13.92 -30.06 20.71
C HIS A 344 -14.28 -29.83 19.23
N THR A 345 -15.57 -29.67 18.92
CA THR A 345 -16.05 -29.46 17.54
C THR A 345 -15.99 -27.97 17.13
N LEU A 346 -16.05 -27.03 18.11
CA LEU A 346 -16.01 -25.59 17.85
C LEU A 346 -14.66 -25.15 17.27
N PRO A 347 -14.66 -24.34 16.18
CA PRO A 347 -13.38 -23.82 15.67
C PRO A 347 -12.92 -22.62 16.53
N THR A 348 -11.70 -22.14 16.29
CA THR A 348 -11.12 -21.02 17.04
C THR A 348 -11.93 -19.72 16.77
N PRO A 349 -12.08 -18.78 17.74
CA PRO A 349 -12.85 -17.56 17.46
C PRO A 349 -12.37 -16.76 16.25
N GLU A 350 -11.04 -16.81 15.93
CA GLU A 350 -10.40 -16.14 14.78
C GLU A 350 -10.96 -16.58 13.42
N ALA A 351 -11.62 -17.76 13.38
CA ALA A 351 -12.24 -18.37 12.19
C ALA A 351 -13.58 -17.73 11.80
N ALA A 352 -14.11 -16.83 12.66
CA ALA A 352 -15.38 -16.10 12.50
C ALA A 352 -15.58 -15.48 11.11
N GLU A 353 -14.51 -14.89 10.54
CA GLU A 353 -14.51 -14.28 9.21
C GLU A 353 -14.85 -15.26 8.08
N PHE A 354 -14.42 -16.53 8.22
CA PHE A 354 -14.69 -17.59 7.24
C PHE A 354 -16.05 -18.27 7.47
N LEU A 355 -16.67 -18.04 8.65
CA LEU A 355 -17.95 -18.62 9.04
C LEU A 355 -19.03 -17.56 9.14
N SER B 12 -2.00 41.84 19.60
CA SER B 12 -1.02 42.24 18.59
C SER B 12 -0.61 41.02 17.75
N ALA B 13 -1.64 40.26 17.21
CA ALA B 13 -1.51 39.02 16.42
C ALA B 13 -0.70 37.93 17.17
N ARG B 14 -0.76 38.00 18.53
CA ARG B 14 -0.14 37.06 19.44
C ARG B 14 -1.04 35.84 19.60
N ILE B 15 -0.42 34.64 19.73
CA ILE B 15 -1.17 33.40 19.92
C ILE B 15 -1.90 33.45 21.28
N MET B 16 -3.21 33.23 21.23
CA MET B 16 -4.08 33.20 22.41
C MET B 16 -4.35 31.74 22.82
N THR B 17 -4.56 31.54 24.13
CA THR B 17 -4.89 30.25 24.76
C THR B 17 -6.26 30.41 25.43
N PHE B 18 -7.10 29.39 25.27
CA PHE B 18 -8.44 29.35 25.82
C PHE B 18 -8.68 28.15 26.72
N TYR B 19 -9.48 28.37 27.75
CA TYR B 19 -9.80 27.33 28.71
C TYR B 19 -11.31 27.17 28.89
N PRO B 20 -11.97 26.54 27.92
CA PRO B 20 -13.43 26.40 28.03
C PRO B 20 -13.86 25.50 29.19
N THR B 21 -15.05 25.80 29.75
CA THR B 21 -15.71 24.98 30.75
C THR B 21 -16.34 23.80 29.96
N MET B 22 -16.79 22.74 30.65
CA MET B 22 -17.43 21.59 30.01
C MET B 22 -18.68 22.01 29.18
N GLU B 23 -19.45 23.02 29.62
CA GLU B 23 -20.64 23.56 28.92
C GLU B 23 -20.26 24.27 27.60
N GLU B 24 -19.21 25.13 27.64
CA GLU B 24 -18.72 25.88 26.47
C GLU B 24 -18.08 24.94 25.44
N PHE B 25 -17.43 23.89 25.95
CA PHE B 25 -16.70 22.88 25.19
C PHE B 25 -17.60 21.94 24.38
N ARG B 26 -18.86 21.77 24.79
CA ARG B 26 -19.80 20.87 24.11
C ARG B 26 -20.10 21.24 22.65
N ASN B 27 -20.28 22.54 22.32
CA ASN B 27 -20.55 22.94 20.93
C ASN B 27 -19.24 23.43 20.27
N PHE B 28 -18.69 22.59 19.37
CA PHE B 28 -17.42 22.88 18.69
C PHE B 28 -17.46 24.15 17.83
N SER B 29 -18.42 24.22 16.89
CA SER B 29 -18.61 25.31 15.93
C SER B 29 -18.83 26.65 16.62
N ARG B 30 -19.70 26.67 17.66
CA ARG B 30 -20.01 27.86 18.46
C ARG B 30 -18.75 28.30 19.22
N TYR B 31 -17.91 27.35 19.70
CA TYR B 31 -16.67 27.73 20.40
C TYR B 31 -15.66 28.39 19.46
N ILE B 32 -15.53 27.89 18.20
CA ILE B 32 -14.65 28.53 17.21
C ILE B 32 -15.14 29.99 16.93
N ALA B 33 -16.49 30.19 16.82
CA ALA B 33 -17.13 31.49 16.62
C ALA B 33 -16.79 32.42 17.80
N TYR B 34 -16.81 31.87 19.05
CA TYR B 34 -16.44 32.60 20.27
C TYR B 34 -14.94 33.00 20.27
N ILE B 35 -14.00 32.09 19.92
CA ILE B 35 -12.57 32.42 19.96
C ILE B 35 -12.22 33.51 18.89
N GLU B 36 -12.94 33.52 17.74
CA GLU B 36 -12.76 34.54 16.69
C GLU B 36 -13.34 35.91 17.10
N SER B 37 -14.42 35.92 17.90
CA SER B 37 -15.00 37.17 18.43
C SER B 37 -13.97 37.82 19.40
N GLN B 38 -13.06 37.00 19.98
CA GLN B 38 -11.98 37.42 20.87
C GLN B 38 -10.71 37.82 20.06
N GLY B 39 -10.77 37.66 18.73
CA GLY B 39 -9.65 37.96 17.84
C GLY B 39 -8.58 36.88 17.72
N ALA B 40 -8.89 35.61 18.11
CA ALA B 40 -7.92 34.50 18.03
C ALA B 40 -7.35 34.25 16.64
N HIS B 41 -8.19 34.38 15.60
CA HIS B 41 -7.86 34.12 14.19
C HIS B 41 -6.73 35.00 13.63
N ARG B 42 -6.54 36.20 14.20
CA ARG B 42 -5.54 37.16 13.76
C ARG B 42 -4.08 36.64 13.89
N ALA B 43 -3.81 35.76 14.85
CA ALA B 43 -2.48 35.16 15.03
C ALA B 43 -2.28 34.03 14.00
N GLY B 44 -3.41 33.41 13.56
CA GLY B 44 -3.41 32.29 12.62
C GLY B 44 -3.32 30.93 13.30
N LEU B 45 -3.13 30.96 14.63
CA LEU B 45 -2.98 29.82 15.51
C LEU B 45 -3.54 30.18 16.92
N ALA B 46 -4.28 29.25 17.54
CA ALA B 46 -4.79 29.39 18.92
C ALA B 46 -4.67 28.06 19.62
N LYS B 47 -4.43 28.11 20.93
CA LYS B 47 -4.38 26.91 21.74
C LYS B 47 -5.67 26.82 22.55
N VAL B 48 -6.21 25.62 22.65
CA VAL B 48 -7.41 25.34 23.44
C VAL B 48 -7.10 24.21 24.45
N VAL B 49 -7.19 24.52 25.75
CA VAL B 49 -6.99 23.54 26.80
C VAL B 49 -8.38 23.00 27.14
N PRO B 50 -8.66 21.69 26.96
CA PRO B 50 -9.99 21.18 27.28
C PRO B 50 -10.23 21.10 28.79
N PRO B 51 -11.51 20.99 29.25
CA PRO B 51 -11.74 20.84 30.71
C PRO B 51 -11.12 19.53 31.22
N LYS B 52 -10.65 19.53 32.49
CA LYS B 52 -9.99 18.39 33.14
C LYS B 52 -10.81 17.08 33.10
N GLU B 53 -12.15 17.19 33.18
CA GLU B 53 -13.10 16.07 33.17
C GLU B 53 -13.32 15.42 31.77
N TRP B 54 -12.64 15.95 30.73
CA TRP B 54 -12.76 15.44 29.36
C TRP B 54 -11.54 14.60 28.95
N LYS B 55 -11.81 13.43 28.35
CA LYS B 55 -10.80 12.47 27.90
C LYS B 55 -11.29 11.84 26.58
N PRO B 56 -10.49 11.86 25.49
CA PRO B 56 -10.97 11.24 24.24
C PRO B 56 -10.86 9.71 24.23
N ARG B 57 -10.02 9.12 25.10
CA ARG B 57 -9.75 7.68 25.21
C ARG B 57 -9.31 7.38 26.65
N ALA B 58 -9.75 6.23 27.20
CA ALA B 58 -9.45 5.79 28.56
C ALA B 58 -7.96 5.53 28.82
N SER B 59 -7.25 4.86 27.88
CA SER B 59 -5.81 4.57 27.98
C SER B 59 -5.16 4.38 26.59
N TYR B 60 -3.83 4.57 26.51
CA TYR B 60 -3.07 4.41 25.27
C TYR B 60 -2.18 3.14 25.29
N ASP B 61 -2.46 2.22 26.22
CA ASP B 61 -1.72 0.97 26.43
C ASP B 61 -1.98 -0.11 25.36
N ASP B 62 -3.00 0.09 24.51
CA ASP B 62 -3.44 -0.86 23.49
C ASP B 62 -3.17 -0.42 22.05
N ILE B 63 -2.10 0.37 21.80
CA ILE B 63 -1.86 0.84 20.43
C ILE B 63 -0.43 0.49 19.89
N ASP B 64 0.39 -0.30 20.62
CA ASP B 64 1.73 -0.67 20.17
C ASP B 64 1.71 -1.59 18.93
N ASP B 65 0.57 -2.26 18.68
CA ASP B 65 0.40 -3.14 17.52
C ASP B 65 -0.16 -2.41 16.29
N LEU B 66 -0.48 -1.11 16.45
CA LEU B 66 -0.99 -0.27 15.37
C LEU B 66 0.12 -0.08 14.33
N VAL B 67 -0.21 -0.25 13.06
CA VAL B 67 0.70 -0.16 11.93
C VAL B 67 0.73 1.27 11.39
N ILE B 68 1.95 1.75 11.11
CA ILE B 68 2.28 3.01 10.44
C ILE B 68 2.63 2.52 9.03
N PRO B 69 1.70 2.59 8.06
CA PRO B 69 1.97 2.01 6.73
C PRO B 69 3.11 2.63 5.91
N ALA B 70 3.39 3.93 6.10
CA ALA B 70 4.40 4.64 5.30
C ALA B 70 5.22 5.62 6.13
N PRO B 71 6.09 5.15 7.06
CA PRO B 71 6.94 6.10 7.80
C PRO B 71 7.92 6.79 6.85
N ILE B 72 8.23 8.07 7.12
CA ILE B 72 9.14 8.84 6.28
C ILE B 72 10.38 9.27 7.05
N GLN B 73 11.55 9.04 6.46
CA GLN B 73 12.81 9.53 7.00
C GLN B 73 12.91 10.93 6.43
N GLN B 74 13.15 11.92 7.30
CA GLN B 74 13.15 13.33 6.90
C GLN B 74 14.57 13.84 6.75
N LEU B 75 15.00 13.94 5.48
CA LEU B 75 16.34 14.43 5.15
C LEU B 75 16.26 15.90 4.95
N VAL B 76 17.12 16.62 5.62
CA VAL B 76 17.12 18.07 5.57
C VAL B 76 18.45 18.58 5.06
N THR B 77 18.39 19.45 4.03
CA THR B 77 19.56 20.09 3.45
C THR B 77 19.45 21.63 3.52
N GLY B 78 20.55 22.30 3.83
CA GLY B 78 20.59 23.74 3.88
C GLY B 78 21.58 24.31 4.85
N GLN B 79 21.52 25.64 5.01
CA GLN B 79 22.38 26.42 5.91
C GLN B 79 21.74 27.80 6.13
N SER B 80 22.31 28.60 7.05
CA SER B 80 21.90 29.97 7.40
C SER B 80 20.37 30.17 7.55
N GLY B 81 19.71 29.21 8.21
CA GLY B 81 18.29 29.26 8.51
C GLY B 81 17.29 28.96 7.41
N LEU B 82 17.77 28.54 6.22
CA LEU B 82 16.93 28.18 5.07
C LEU B 82 17.24 26.75 4.69
N PHE B 83 16.21 25.88 4.74
CA PHE B 83 16.37 24.45 4.50
C PHE B 83 15.29 23.84 3.64
N THR B 84 15.64 22.74 2.96
CA THR B 84 14.76 21.92 2.14
C THR B 84 14.68 20.54 2.78
N GLN B 85 13.46 20.07 2.97
CA GLN B 85 13.21 18.77 3.53
C GLN B 85 12.78 17.75 2.44
N TYR B 86 13.45 16.61 2.40
CA TYR B 86 13.18 15.50 1.49
C TYR B 86 12.67 14.31 2.30
N ASN B 87 11.52 13.79 1.93
CA ASN B 87 10.92 12.63 2.60
C ASN B 87 11.31 11.34 1.90
N ILE B 88 11.89 10.39 2.66
CA ILE B 88 12.27 9.06 2.15
C ILE B 88 11.29 8.07 2.77
N GLN B 89 10.41 7.46 1.97
CA GLN B 89 9.45 6.48 2.49
C GLN B 89 10.17 5.21 2.87
N LYS B 90 9.92 4.74 4.09
CA LYS B 90 10.51 3.53 4.63
C LYS B 90 9.43 2.44 4.63
N LYS B 91 9.81 1.18 4.91
CA LYS B 91 8.84 0.10 4.98
C LYS B 91 7.90 0.28 6.21
N ALA B 92 6.68 -0.30 6.15
CA ALA B 92 5.69 -0.27 7.23
C ALA B 92 6.27 -0.78 8.56
N MET B 93 5.88 -0.15 9.67
CA MET B 93 6.31 -0.54 11.00
C MET B 93 5.18 -0.39 12.03
N THR B 94 5.28 -1.07 13.17
CA THR B 94 4.29 -0.94 14.22
C THR B 94 4.64 0.28 15.12
N VAL B 95 3.70 0.72 15.99
CA VAL B 95 3.95 1.80 16.95
C VAL B 95 5.07 1.34 17.96
N ARG B 96 5.14 0.03 18.24
CA ARG B 96 6.15 -0.61 19.10
C ARG B 96 7.58 -0.46 18.51
N GLU B 97 7.75 -0.76 17.18
CA GLU B 97 9.05 -0.66 16.46
C GLU B 97 9.48 0.81 16.38
N PHE B 98 8.51 1.71 16.08
CA PHE B 98 8.72 3.14 15.99
C PHE B 98 9.20 3.72 17.31
N ARG B 99 8.54 3.33 18.43
CA ARG B 99 8.81 3.77 19.80
C ARG B 99 10.23 3.38 20.24
N LYS B 100 10.68 2.18 19.82
CA LYS B 100 12.01 1.64 20.11
C LYS B 100 13.09 2.56 19.49
N ILE B 101 12.89 2.99 18.25
CA ILE B 101 13.76 3.88 17.50
C ILE B 101 13.72 5.30 18.11
N ALA B 102 12.50 5.85 18.34
CA ALA B 102 12.31 7.16 18.96
C ALA B 102 13.07 7.29 20.29
N ASN B 103 12.99 6.27 21.16
CA ASN B 103 13.60 6.28 22.49
C ASN B 103 15.07 5.81 22.53
N SER B 104 15.63 5.33 21.40
CA SER B 104 17.02 4.87 21.27
C SER B 104 18.01 6.01 21.41
N ASP B 105 19.30 5.69 21.72
CA ASP B 105 20.37 6.67 21.92
C ASP B 105 20.55 7.61 20.71
N LYS B 106 20.59 7.04 19.49
CA LYS B 106 20.77 7.78 18.23
C LYS B 106 19.68 8.85 17.95
N TYR B 107 18.43 8.59 18.35
CA TYR B 107 17.29 9.46 18.02
C TYR B 107 16.60 10.15 19.19
N CYS B 108 16.88 9.74 20.45
CA CYS B 108 16.24 10.31 21.64
C CYS B 108 16.44 11.82 21.80
N THR B 109 15.49 12.46 22.49
CA THR B 109 15.51 13.89 22.83
C THR B 109 16.81 14.21 23.59
N PRO B 110 17.59 15.23 23.18
CA PRO B 110 18.79 15.60 23.95
C PRO B 110 18.40 16.17 25.32
N ARG B 111 19.26 16.00 26.33
CA ARG B 111 19.04 16.53 27.68
C ARG B 111 19.13 18.06 27.57
N TYR B 112 18.20 18.77 28.20
CA TYR B 112 18.14 20.24 28.10
C TYR B 112 17.43 20.85 29.31
N SER B 113 17.67 22.15 29.57
CA SER B 113 17.03 22.88 30.65
C SER B 113 15.61 23.39 30.28
N GLU B 114 15.49 24.53 29.54
CA GLU B 114 14.19 25.10 29.12
C GLU B 114 13.96 24.94 27.59
N PHE B 115 12.74 25.27 27.10
N PHE B 115 12.74 25.27 27.10
CA PHE B 115 12.37 25.18 25.67
CA PHE B 115 12.35 25.14 25.69
C PHE B 115 13.38 25.86 24.75
C PHE B 115 13.26 25.92 24.71
N GLU B 116 13.86 27.06 25.14
CA GLU B 116 14.81 27.85 24.33
C GLU B 116 16.07 27.07 23.95
N GLU B 117 16.58 26.24 24.89
CA GLU B 117 17.75 25.35 24.71
C GLU B 117 17.41 24.26 23.68
N LEU B 118 16.21 23.66 23.77
CA LEU B 118 15.78 22.61 22.86
C LEU B 118 15.53 23.17 21.44
N GLU B 119 14.94 24.38 21.35
CA GLU B 119 14.69 25.10 20.10
C GLU B 119 16.05 25.38 19.39
N ARG B 120 17.05 25.82 20.18
CA ARG B 120 18.41 26.09 19.72
C ARG B 120 19.04 24.81 19.19
N LYS B 121 18.85 23.68 19.86
CA LYS B 121 19.38 22.39 19.45
C LYS B 121 18.72 21.90 18.20
N TYR B 122 17.42 22.20 18.02
CA TYR B 122 16.70 21.80 16.83
C TYR B 122 17.24 22.55 15.63
N TRP B 123 17.35 23.90 15.71
CA TRP B 123 17.83 24.70 14.57
C TRP B 123 19.31 24.47 14.26
N LYS B 124 20.09 24.03 15.24
CA LYS B 124 21.50 23.71 15.05
C LYS B 124 21.70 22.28 14.47
N ASN B 125 20.84 21.30 14.84
CA ASN B 125 21.00 19.88 14.45
C ASN B 125 20.01 19.30 13.44
N LEU B 126 19.05 20.10 12.90
N LEU B 126 19.15 20.16 12.87
CA LEU B 126 18.01 19.58 11.98
CA LEU B 126 18.10 19.87 11.88
C LEU B 126 18.55 18.87 10.73
C LEU B 126 18.55 18.99 10.73
N THR B 127 19.76 19.21 10.24
CA THR B 127 20.33 18.53 9.09
C THR B 127 21.07 17.24 9.46
N PHE B 128 21.26 16.96 10.77
CA PHE B 128 21.96 15.74 11.23
C PHE B 128 20.99 14.68 11.71
N ASN B 129 21.46 13.40 11.71
CA ASN B 129 20.74 12.19 12.14
C ASN B 129 19.27 12.19 11.72
N PRO B 130 18.98 12.14 10.37
CA PRO B 130 17.59 12.23 9.89
C PRO B 130 16.60 11.32 10.62
N PRO B 131 15.64 11.95 11.32
CA PRO B 131 14.67 11.15 12.08
C PRO B 131 13.59 10.55 11.18
N ILE B 132 12.74 9.69 11.75
CA ILE B 132 11.62 9.06 11.06
C ILE B 132 10.31 9.59 11.64
N TYR B 133 9.35 9.99 10.77
CA TYR B 133 8.06 10.52 11.15
C TYR B 133 6.99 9.54 10.74
N GLY B 134 6.22 9.06 11.71
CA GLY B 134 5.12 8.13 11.48
C GLY B 134 3.89 8.94 11.11
N ALA B 135 4.00 9.66 9.99
CA ALA B 135 3.01 10.61 9.49
C ALA B 135 1.91 9.99 8.61
N ASP B 136 0.79 10.73 8.48
CA ASP B 136 -0.34 10.41 7.60
C ASP B 136 -0.95 9.03 7.83
N VAL B 137 -1.04 8.58 9.10
CA VAL B 137 -1.68 7.29 9.40
C VAL B 137 -3.20 7.53 9.41
N ASN B 138 -3.95 6.84 8.54
CA ASN B 138 -5.42 6.98 8.49
C ASN B 138 -6.00 6.34 9.72
N GLY B 139 -6.59 7.15 10.58
CA GLY B 139 -7.19 6.63 11.80
C GLY B 139 -7.52 7.66 12.87
N THR B 140 -8.14 7.17 13.93
CA THR B 140 -8.53 7.96 15.10
C THR B 140 -8.19 7.22 16.38
N LEU B 141 -7.87 7.98 17.45
CA LEU B 141 -7.62 7.38 18.76
C LEU B 141 -8.75 7.72 19.73
N TYR B 142 -9.79 8.40 19.21
CA TYR B 142 -10.99 8.74 19.96
C TYR B 142 -11.85 7.50 20.05
N GLU B 143 -12.50 7.33 21.21
CA GLU B 143 -13.46 6.28 21.43
C GLU B 143 -14.74 6.79 20.77
N LYS B 144 -15.49 5.90 20.10
CA LYS B 144 -16.72 6.18 19.35
C LYS B 144 -17.75 7.06 20.07
N HIS B 145 -17.95 6.82 21.38
CA HIS B 145 -18.92 7.52 22.23
C HIS B 145 -18.59 9.01 22.55
N VAL B 146 -17.33 9.47 22.33
CA VAL B 146 -16.91 10.86 22.63
C VAL B 146 -17.62 11.87 21.70
N ASP B 147 -18.48 12.71 22.29
CA ASP B 147 -19.29 13.69 21.56
C ASP B 147 -18.62 15.03 21.35
N GLU B 148 -17.84 15.49 22.35
CA GLU B 148 -17.19 16.81 22.30
C GLU B 148 -15.87 16.73 21.59
N TRP B 149 -15.67 17.66 20.62
CA TRP B 149 -14.46 17.86 19.87
C TRP B 149 -13.88 16.57 19.28
N ASN B 150 -14.77 15.72 18.76
CA ASN B 150 -14.37 14.46 18.16
C ASN B 150 -13.89 14.75 16.76
N ILE B 151 -12.59 14.63 16.55
CA ILE B 151 -11.98 14.94 15.28
C ILE B 151 -12.60 14.11 14.17
N GLY B 152 -13.03 12.91 14.48
CA GLY B 152 -13.69 12.07 13.52
C GLY B 152 -15.00 12.68 13.04
N ARG B 153 -15.76 13.30 13.94
CA ARG B 153 -17.04 13.93 13.60
C ARG B 153 -17.31 15.34 14.17
N LEU B 154 -16.66 16.36 13.62
CA LEU B 154 -16.82 17.75 14.06
C LEU B 154 -18.19 18.41 13.79
N ARG B 155 -18.81 18.01 12.69
CA ARG B 155 -20.09 18.48 12.19
C ARG B 155 -20.07 19.97 11.76
N THR B 156 -18.98 20.39 11.09
CA THR B 156 -18.85 21.75 10.53
C THR B 156 -19.37 21.69 9.08
N ILE B 157 -19.46 22.83 8.41
CA ILE B 157 -19.95 22.92 7.01
C ILE B 157 -19.00 22.23 6.00
N LEU B 158 -17.79 21.79 6.42
CA LEU B 158 -16.88 21.04 5.54
C LEU B 158 -17.49 19.69 5.15
N ASP B 159 -18.47 19.18 5.97
CA ASP B 159 -19.23 17.94 5.80
C ASP B 159 -19.97 17.93 4.45
N LEU B 160 -20.23 19.13 3.87
CA LEU B 160 -20.91 19.31 2.58
C LEU B 160 -20.11 18.66 1.44
N VAL B 161 -18.77 18.58 1.56
CA VAL B 161 -17.89 17.95 0.57
C VAL B 161 -18.25 16.45 0.42
N GLU B 162 -18.22 15.68 1.53
CA GLU B 162 -18.57 14.25 1.52
C GLU B 162 -20.08 14.01 1.27
N LYS B 163 -20.95 14.96 1.68
CA LYS B 163 -22.40 14.83 1.51
C LYS B 163 -22.85 15.08 0.06
N GLU B 164 -22.41 16.18 -0.57
CA GLU B 164 -22.83 16.49 -1.95
C GLU B 164 -22.10 15.71 -3.05
N SER B 165 -20.79 15.45 -2.90
CA SER B 165 -20.05 14.74 -3.95
C SER B 165 -19.62 13.29 -3.63
N GLY B 166 -19.67 12.91 -2.35
CA GLY B 166 -19.28 11.58 -1.92
C GLY B 166 -17.77 11.40 -1.91
N ILE B 167 -17.04 12.53 -2.10
CA ILE B 167 -15.59 12.60 -2.16
C ILE B 167 -14.95 12.53 -0.76
N THR B 168 -14.07 11.53 -0.58
CA THR B 168 -13.27 11.34 0.62
C THR B 168 -11.85 11.87 0.31
N ILE B 169 -11.36 12.77 1.16
CA ILE B 169 -10.02 13.32 1.06
C ILE B 169 -9.35 13.03 2.39
N GLU B 170 -8.45 12.03 2.38
CA GLU B 170 -7.73 11.56 3.57
C GLU B 170 -6.98 12.69 4.26
N GLY B 171 -7.15 12.76 5.58
CA GLY B 171 -6.53 13.81 6.39
C GLY B 171 -7.21 15.16 6.28
N VAL B 172 -8.13 15.35 5.30
CA VAL B 172 -8.84 16.64 5.11
C VAL B 172 -10.26 16.53 5.73
N ASN B 173 -11.08 15.58 5.26
CA ASN B 173 -12.39 15.33 5.86
C ASN B 173 -12.40 13.95 6.55
N THR B 174 -11.18 13.40 6.78
CA THR B 174 -10.92 12.15 7.50
C THR B 174 -9.79 12.44 8.48
N PRO B 175 -9.67 11.76 9.64
CA PRO B 175 -8.58 12.12 10.57
C PRO B 175 -7.24 11.47 10.22
N TYR B 176 -6.13 12.13 10.58
CA TYR B 176 -4.78 11.57 10.39
C TYR B 176 -4.10 11.46 11.75
N LEU B 177 -3.30 10.40 11.94
CA LEU B 177 -2.45 10.25 13.12
C LEU B 177 -1.02 10.55 12.72
N TYR B 178 -0.30 11.25 13.60
CA TYR B 178 1.12 11.57 13.41
C TYR B 178 1.89 11.08 14.61
N PHE B 179 2.76 10.09 14.39
CA PHE B 179 3.64 9.56 15.45
C PHE B 179 4.99 10.27 15.33
N GLY B 180 5.28 11.14 16.28
CA GLY B 180 6.51 11.92 16.25
C GLY B 180 7.65 11.34 17.07
N MET B 181 8.85 11.78 16.76
CA MET B 181 10.06 11.53 17.52
C MET B 181 10.81 12.85 17.56
N TRP B 182 11.89 12.96 18.35
CA TRP B 182 12.67 14.18 18.44
C TRP B 182 13.11 14.65 17.07
N LYS B 183 12.96 15.98 16.83
CA LYS B 183 13.46 16.65 15.64
C LYS B 183 12.62 16.37 14.37
N THR B 184 11.52 15.58 14.45
CA THR B 184 10.66 15.43 13.27
C THR B 184 9.95 16.80 13.07
N SER B 185 9.77 17.23 11.83
CA SER B 185 9.17 18.53 11.57
C SER B 185 8.12 18.63 10.52
N PHE B 186 7.38 19.72 10.59
CA PHE B 186 6.41 20.08 9.60
C PHE B 186 6.86 21.46 9.10
N ALA B 187 7.02 21.57 7.79
CA ALA B 187 7.48 22.78 7.11
C ALA B 187 6.42 23.87 7.00
N TRP B 188 6.84 25.07 6.63
CA TRP B 188 5.89 26.17 6.50
C TRP B 188 4.84 25.91 5.44
N HIS B 189 3.58 26.07 5.83
CA HIS B 189 2.49 25.82 4.93
C HIS B 189 1.16 26.34 5.47
N THR B 190 0.15 26.32 4.62
CA THR B 190 -1.21 26.67 4.97
C THR B 190 -1.97 25.39 4.65
N GLU B 191 -3.20 25.29 5.11
CA GLU B 191 -3.96 24.07 4.87
C GLU B 191 -4.44 23.96 3.44
N ASP B 192 -4.76 22.72 2.97
CA ASP B 192 -5.36 22.55 1.63
C ASP B 192 -6.57 23.45 1.54
N MET B 193 -6.73 24.15 0.40
CA MET B 193 -7.84 25.10 0.14
C MET B 193 -7.91 26.26 1.17
N ASP B 194 -6.83 26.44 1.95
CA ASP B 194 -6.64 27.45 3.04
C ASP B 194 -7.72 27.30 4.10
N LEU B 195 -8.00 26.05 4.42
CA LEU B 195 -8.96 25.63 5.42
C LEU B 195 -8.45 25.72 6.85
N TYR B 196 -9.34 25.56 7.82
CA TYR B 196 -8.98 25.54 9.22
C TYR B 196 -8.46 24.13 9.52
N SER B 197 -7.74 23.98 10.62
CA SER B 197 -7.28 22.67 11.06
C SER B 197 -7.32 22.59 12.60
N ILE B 198 -7.48 21.39 13.10
CA ILE B 198 -7.53 21.09 14.54
C ILE B 198 -6.48 20.01 14.74
N ASN B 199 -5.61 20.18 15.76
N ASN B 199 -5.65 20.16 15.77
CA ASN B 199 -4.57 19.21 16.12
CA ASN B 199 -4.58 19.20 16.05
C ASN B 199 -4.73 18.87 17.59
C ASN B 199 -4.59 18.86 17.55
N TYR B 200 -4.91 17.59 17.90
CA TYR B 200 -4.99 17.14 19.29
C TYR B 200 -3.77 16.30 19.64
N LEU B 201 -3.01 16.74 20.64
CA LEU B 201 -1.83 15.96 21.08
C LEU B 201 -2.29 14.88 22.11
N HIS B 202 -2.45 13.61 21.66
CA HIS B 202 -2.95 12.52 22.49
C HIS B 202 -2.06 12.18 23.70
N PHE B 203 -0.75 12.02 23.48
CA PHE B 203 0.21 11.69 24.51
C PHE B 203 1.63 12.00 24.03
N GLY B 204 2.57 11.88 24.97
CA GLY B 204 3.99 11.99 24.77
C GLY B 204 4.59 13.34 24.99
N GLU B 205 5.77 13.53 24.37
CA GLU B 205 6.55 14.76 24.41
C GLU B 205 5.86 15.91 23.67
N PRO B 206 6.16 17.17 24.04
CA PRO B 206 5.48 18.29 23.37
C PRO B 206 5.77 18.45 21.85
N LYS B 207 4.96 19.30 21.22
CA LYS B 207 5.08 19.72 19.83
C LYS B 207 5.22 21.25 19.87
N SER B 208 6.26 21.82 19.24
CA SER B 208 6.39 23.28 19.20
C SER B 208 5.93 23.81 17.85
N TRP B 209 5.32 24.99 17.86
CA TRP B 209 4.74 25.58 16.67
C TRP B 209 5.22 26.99 16.49
N TYR B 210 5.21 27.42 15.24
CA TYR B 210 5.52 28.76 14.79
C TYR B 210 4.36 29.15 13.92
N SER B 211 4.00 30.43 13.96
N SER B 211 3.95 30.43 13.97
CA SER B 211 2.88 30.92 13.16
CA SER B 211 2.83 30.91 13.16
C SER B 211 3.15 32.31 12.63
C SER B 211 3.01 32.34 12.70
N VAL B 212 2.60 32.62 11.47
CA VAL B 212 2.68 33.92 10.84
C VAL B 212 1.21 34.38 10.76
N PRO B 213 0.89 35.60 11.21
CA PRO B 213 -0.50 36.08 11.08
C PRO B 213 -1.00 36.03 9.63
N PRO B 214 -2.26 35.56 9.36
CA PRO B 214 -2.77 35.60 7.97
C PRO B 214 -2.54 36.92 7.24
N GLU B 215 -2.64 38.09 7.94
CA GLU B 215 -2.43 39.42 7.34
C GLU B 215 -0.97 39.68 6.88
N HIS B 216 0.00 38.79 7.25
CA HIS B 216 1.39 38.88 6.81
C HIS B 216 1.83 37.66 5.98
N GLY B 217 0.88 36.80 5.64
CA GLY B 217 1.13 35.58 4.86
C GLY B 217 1.75 35.82 3.50
N LYS B 218 1.37 36.93 2.83
CA LYS B 218 1.90 37.34 1.52
C LYS B 218 3.36 37.78 1.64
N ARG B 219 3.70 38.43 2.75
CA ARG B 219 5.09 38.83 3.07
C ARG B 219 5.96 37.57 3.17
N LEU B 220 5.47 36.48 3.83
CA LEU B 220 6.21 35.25 3.94
C LEU B 220 6.42 34.59 2.58
N GLU B 221 5.38 34.57 1.73
CA GLU B 221 5.42 33.98 0.38
C GLU B 221 6.44 34.66 -0.54
N ARG B 222 6.49 36.01 -0.50
CA ARG B 222 7.43 36.79 -1.31
C ARG B 222 8.86 36.49 -0.85
N LEU B 223 9.04 36.30 0.46
CA LEU B 223 10.34 35.96 1.02
C LEU B 223 10.79 34.59 0.53
N ALA B 224 9.91 33.58 0.63
CA ALA B 224 10.18 32.20 0.20
C ALA B 224 10.54 32.16 -1.29
N LYS B 225 9.84 32.96 -2.16
CA LYS B 225 10.09 33.05 -3.61
C LYS B 225 11.47 33.64 -3.91
N GLY B 226 11.87 34.65 -3.13
CA GLY B 226 13.19 35.27 -3.25
C GLY B 226 14.32 34.31 -2.90
N PHE B 227 14.09 33.42 -1.94
CA PHE B 227 15.12 32.47 -1.53
C PHE B 227 15.13 31.17 -2.33
N PHE B 228 14.00 30.81 -2.96
CA PHE B 228 13.88 29.62 -3.80
C PHE B 228 13.27 29.98 -5.16
N PRO B 229 14.01 30.74 -6.01
CA PRO B 229 13.46 31.14 -7.32
C PRO B 229 13.21 30.00 -8.32
N GLY B 230 13.99 28.93 -8.22
CA GLY B 230 13.83 27.75 -9.06
C GLY B 230 12.51 27.03 -8.81
N SER B 231 12.15 26.88 -7.52
CA SER B 231 10.90 26.25 -7.06
C SER B 231 9.66 27.10 -7.39
N ALA B 232 9.78 28.44 -7.22
CA ALA B 232 8.72 29.41 -7.50
C ALA B 232 8.37 29.50 -8.98
N GLN B 233 9.38 29.31 -9.87
CA GLN B 233 9.18 29.33 -11.33
C GLN B 233 8.45 28.07 -11.79
N SER B 234 8.72 26.93 -11.11
CA SER B 234 8.13 25.62 -11.40
C SER B 234 6.72 25.45 -10.82
N CYS B 235 6.40 26.11 -9.70
CA CYS B 235 5.09 25.98 -9.05
C CYS B 235 4.62 27.28 -8.41
N GLU B 236 3.37 27.62 -8.69
CA GLU B 236 2.71 28.80 -8.17
C GLU B 236 2.67 28.75 -6.64
N ALA B 237 2.46 27.57 -6.08
CA ALA B 237 2.40 27.45 -4.64
C ALA B 237 3.31 26.32 -4.17
N PHE B 238 4.61 26.52 -4.30
CA PHE B 238 5.59 25.52 -3.90
C PHE B 238 5.59 25.22 -2.40
N LEU B 239 5.27 26.22 -1.59
CA LEU B 239 5.21 26.05 -0.14
C LEU B 239 4.19 24.94 0.22
N ARG B 240 3.19 24.70 -0.67
CA ARG B 240 2.21 23.61 -0.50
C ARG B 240 2.89 22.21 -0.60
N HIS B 241 4.16 22.17 -1.07
CA HIS B 241 4.91 20.91 -1.14
C HIS B 241 5.37 20.50 0.25
N LYS B 242 5.29 21.42 1.24
CA LYS B 242 5.66 21.22 2.65
C LYS B 242 7.10 20.75 2.77
N MET B 243 8.01 21.38 2.04
CA MET B 243 9.45 21.07 2.01
C MET B 243 10.29 22.23 2.53
N THR B 244 9.70 23.39 2.74
CA THR B 244 10.48 24.59 3.09
C THR B 244 10.48 24.93 4.57
N LEU B 245 11.67 24.88 5.18
CA LEU B 245 11.96 25.22 6.56
C LEU B 245 12.73 26.54 6.60
N ILE B 246 12.24 27.48 7.42
CA ILE B 246 12.82 28.83 7.62
C ILE B 246 12.89 29.06 9.11
N SER B 247 14.09 29.30 9.65
CA SER B 247 14.24 29.51 11.09
C SER B 247 13.61 30.81 11.61
N PRO B 248 13.26 30.88 12.94
CA PRO B 248 12.77 32.15 13.50
C PRO B 248 13.76 33.30 13.35
N LEU B 249 15.09 33.01 13.33
CA LEU B 249 16.15 34.00 13.12
C LEU B 249 16.04 34.65 11.72
N MET B 250 15.75 33.84 10.67
CA MET B 250 15.54 34.39 9.32
C MET B 250 14.26 35.25 9.23
N LEU B 251 13.16 34.83 9.90
CA LEU B 251 11.91 35.60 9.89
C LEU B 251 12.13 36.96 10.55
N LYS B 252 12.91 36.99 11.66
CA LYS B 252 13.23 38.19 12.40
C LYS B 252 14.07 39.13 11.55
N LYS B 253 15.10 38.59 10.86
CA LYS B 253 15.99 39.35 9.99
C LYS B 253 15.20 40.03 8.84
N TYR B 254 14.19 39.33 8.29
CA TYR B 254 13.44 39.86 7.16
C TYR B 254 12.13 40.54 7.55
N GLY B 255 11.96 40.82 8.84
CA GLY B 255 10.81 41.53 9.38
C GLY B 255 9.46 40.86 9.22
N ILE B 256 9.42 39.52 9.20
CA ILE B 256 8.19 38.75 9.10
C ILE B 256 7.67 38.62 10.52
N PRO B 257 6.48 39.19 10.86
CA PRO B 257 5.95 38.98 12.23
C PRO B 257 5.58 37.49 12.44
N PHE B 258 5.94 36.96 13.61
CA PHE B 258 5.63 35.59 13.95
C PHE B 258 5.49 35.43 15.45
N ASP B 259 4.88 34.34 15.85
CA ASP B 259 4.75 33.94 17.23
C ASP B 259 5.10 32.46 17.34
N LYS B 260 5.39 32.03 18.55
CA LYS B 260 5.70 30.64 18.86
C LYS B 260 4.90 30.19 20.08
N VAL B 261 4.62 28.89 20.14
CA VAL B 261 3.87 28.26 21.22
C VAL B 261 4.23 26.77 21.31
N THR B 262 4.23 26.23 22.54
CA THR B 262 4.46 24.80 22.75
C THR B 262 3.12 24.12 23.14
N GLN B 263 2.73 23.07 22.41
CA GLN B 263 1.54 22.28 22.69
C GLN B 263 1.96 21.06 23.50
N GLU B 264 1.31 20.90 24.65
CA GLU B 264 1.57 19.78 25.55
C GLU B 264 0.48 18.75 25.38
N ALA B 265 0.75 17.51 25.79
CA ALA B 265 -0.19 16.39 25.72
C ALA B 265 -1.52 16.81 26.37
N GLY B 266 -2.62 16.46 25.71
CA GLY B 266 -3.93 16.84 26.19
C GLY B 266 -4.37 18.22 25.74
N GLU B 267 -3.65 18.86 24.82
CA GLU B 267 -4.05 20.18 24.32
C GLU B 267 -4.37 20.15 22.84
N PHE B 268 -5.29 21.06 22.43
CA PHE B 268 -5.66 21.29 21.05
C PHE B 268 -4.96 22.54 20.50
N MET B 269 -4.55 22.47 19.23
CA MET B 269 -4.07 23.62 18.45
C MET B 269 -5.06 23.79 17.31
N ILE B 270 -5.45 25.03 17.06
CA ILE B 270 -6.36 25.37 15.96
C ILE B 270 -5.59 26.26 14.99
N THR B 271 -5.61 25.92 13.69
CA THR B 271 -5.05 26.80 12.67
C THR B 271 -6.25 27.40 11.92
N PHE B 272 -6.09 28.66 11.57
CA PHE B 272 -7.09 29.45 10.89
C PHE B 272 -6.74 29.57 9.42
N PRO B 273 -7.76 29.91 8.58
CA PRO B 273 -7.50 30.05 7.13
C PRO B 273 -6.38 31.00 6.75
N TYR B 274 -5.46 30.50 5.89
CA TYR B 274 -4.30 31.23 5.42
C TYR B 274 -3.29 31.54 6.58
N GLY B 275 -3.33 30.73 7.63
CA GLY B 275 -2.41 30.85 8.76
C GLY B 275 -1.20 29.97 8.50
N TYR B 276 -0.07 30.55 8.07
CA TYR B 276 1.17 29.78 7.85
C TYR B 276 1.70 29.29 9.18
N HIS B 277 2.06 28.00 9.25
CA HIS B 277 2.60 27.38 10.46
C HIS B 277 3.68 26.38 10.10
N ALA B 278 4.61 26.20 11.02
CA ALA B 278 5.71 25.25 10.98
C ALA B 278 5.97 24.80 12.44
N GLY B 279 6.70 23.72 12.61
CA GLY B 279 7.07 23.26 13.93
C GLY B 279 7.81 21.95 13.98
N PHE B 280 8.05 21.47 15.19
CA PHE B 280 8.79 20.24 15.42
C PHE B 280 8.32 19.52 16.67
N ASN B 281 8.60 18.21 16.73
CA ASN B 281 8.26 17.37 17.86
C ASN B 281 9.45 17.33 18.80
N HIS B 282 9.19 17.37 20.14
CA HIS B 282 10.25 17.33 21.16
C HIS B 282 10.74 15.93 21.40
N GLY B 283 9.91 14.94 21.08
CA GLY B 283 10.25 13.55 21.30
C GLY B 283 9.07 12.68 20.92
N PHE B 284 9.08 11.42 21.38
CA PHE B 284 8.01 10.47 21.09
C PHE B 284 6.64 10.99 21.51
N ASN B 285 5.71 10.98 20.56
CA ASN B 285 4.37 11.50 20.76
C ASN B 285 3.40 11.06 19.66
N CYS B 286 2.15 11.46 19.82
CA CYS B 286 1.07 11.15 18.89
C CYS B 286 0.03 12.26 18.86
N ALA B 287 -0.17 12.80 17.68
CA ALA B 287 -1.14 13.85 17.39
C ALA B 287 -2.18 13.36 16.39
N GLU B 288 -3.41 13.84 16.57
CA GLU B 288 -4.52 13.54 15.65
C GLU B 288 -4.92 14.85 15.03
N SER B 289 -5.11 14.84 13.70
CA SER B 289 -5.43 16.04 12.98
C SER B 289 -6.48 15.86 11.90
N THR B 290 -7.18 16.96 11.56
CA THR B 290 -8.12 17.05 10.45
C THR B 290 -8.39 18.52 10.11
N ASN B 291 -9.05 18.75 8.96
CA ASN B 291 -9.45 20.08 8.56
C ASN B 291 -10.93 20.27 8.86
N PHE B 292 -11.34 21.51 8.98
CA PHE B 292 -12.75 21.90 9.22
C PHE B 292 -12.95 23.28 8.60
N ALA B 293 -14.19 23.72 8.52
CA ALA B 293 -14.52 25.01 7.93
C ALA B 293 -15.57 25.75 8.75
N THR B 294 -15.71 27.07 8.52
CA THR B 294 -16.76 27.96 9.03
C THR B 294 -17.25 28.74 7.79
N ARG B 295 -18.27 29.59 7.93
CA ARG B 295 -18.80 30.41 6.84
C ARG B 295 -17.72 31.37 6.28
N ARG B 296 -16.80 31.85 7.14
CA ARG B 296 -15.68 32.74 6.81
C ARG B 296 -14.69 32.07 5.86
N TRP B 297 -14.53 30.75 5.95
CA TRP B 297 -13.61 30.05 5.05
C TRP B 297 -13.98 30.12 3.56
N ILE B 298 -15.26 30.18 3.23
CA ILE B 298 -15.72 30.11 1.84
C ILE B 298 -14.94 31.08 0.89
N GLU B 299 -14.74 32.34 1.26
CA GLU B 299 -13.98 33.28 0.44
C GLU B 299 -12.51 32.86 0.26
N TYR B 300 -11.93 32.22 1.31
CA TYR B 300 -10.57 31.72 1.30
C TYR B 300 -10.49 30.55 0.33
N GLY B 301 -11.48 29.67 0.36
CA GLY B 301 -11.57 28.50 -0.52
C GLY B 301 -11.63 28.88 -1.99
N LYS B 302 -12.41 29.92 -2.30
CA LYS B 302 -12.59 30.47 -3.66
C LYS B 302 -11.32 31.13 -4.21
N GLN B 303 -10.51 31.72 -3.32
CA GLN B 303 -9.30 32.49 -3.66
C GLN B 303 -7.97 31.77 -3.47
N ALA B 304 -7.96 30.56 -2.88
CA ALA B 304 -6.75 29.80 -2.59
C ALA B 304 -5.89 29.54 -3.84
N VAL B 305 -4.58 29.80 -3.73
CA VAL B 305 -3.59 29.59 -4.81
C VAL B 305 -3.05 28.18 -4.59
N LEU B 306 -3.45 27.28 -5.47
CA LEU B 306 -3.16 25.86 -5.38
C LEU B 306 -1.91 25.43 -6.14
N CYS B 307 -1.36 24.27 -5.76
CA CYS B 307 -0.21 23.67 -6.43
C CYS B 307 -0.64 23.34 -7.86
N SER B 308 0.15 23.80 -8.83
CA SER B 308 -0.08 23.63 -10.26
C SER B 308 0.80 22.51 -10.92
N CYS B 309 1.77 21.93 -10.15
CA CYS B 309 2.73 20.97 -10.69
C CYS B 309 2.51 19.48 -10.32
N ARG B 310 1.53 19.17 -9.46
CA ARG B 310 1.26 17.78 -9.06
C ARG B 310 -0.21 17.42 -9.36
N LYS B 311 -0.44 16.18 -9.87
CA LYS B 311 -1.77 15.69 -10.26
C LYS B 311 -2.72 15.34 -9.11
N ASP B 312 -2.21 14.72 -8.03
CA ASP B 312 -3.03 14.25 -6.92
C ASP B 312 -3.33 15.30 -5.80
N MET B 313 -3.10 16.60 -6.09
N MET B 313 -3.11 16.59 -6.07
CA MET B 313 -3.32 17.70 -5.14
CA MET B 313 -3.31 17.65 -5.07
C MET B 313 -4.81 17.91 -4.81
C MET B 313 -4.78 17.97 -4.83
N VAL B 314 -5.09 18.32 -3.57
CA VAL B 314 -6.44 18.60 -3.07
C VAL B 314 -7.02 19.88 -3.66
N LYS B 315 -8.07 19.70 -4.48
CA LYS B 315 -8.84 20.75 -5.10
C LYS B 315 -10.32 20.50 -4.73
N ILE B 316 -10.89 21.38 -3.90
CA ILE B 316 -12.29 21.23 -3.51
C ILE B 316 -13.17 22.11 -4.40
N SER B 317 -14.24 21.51 -4.97
CA SER B 317 -15.21 22.25 -5.76
C SER B 317 -15.95 23.18 -4.78
N MET B 318 -15.91 24.49 -5.07
CA MET B 318 -16.53 25.53 -4.22
C MET B 318 -18.01 25.81 -4.54
N ASP B 319 -18.53 25.28 -5.67
CA ASP B 319 -19.90 25.44 -6.17
C ASP B 319 -20.97 25.31 -5.08
N VAL B 320 -20.99 24.16 -4.36
CA VAL B 320 -21.92 23.82 -3.27
C VAL B 320 -21.93 24.90 -2.14
N PHE B 321 -20.75 25.38 -1.72
CA PHE B 321 -20.62 26.39 -0.67
C PHE B 321 -21.14 27.74 -1.10
N VAL B 322 -20.79 28.15 -2.34
CA VAL B 322 -21.18 29.42 -2.96
C VAL B 322 -22.70 29.41 -3.21
N ARG B 323 -23.22 28.31 -3.78
CA ARG B 323 -24.66 28.17 -4.06
C ARG B 323 -25.49 28.26 -2.76
N LYS B 324 -25.01 27.60 -1.67
CA LYS B 324 -25.72 27.55 -0.39
C LYS B 324 -25.58 28.81 0.49
N PHE B 325 -24.34 29.30 0.71
CA PHE B 325 -24.08 30.41 1.64
C PHE B 325 -23.93 31.80 1.02
N GLN B 326 -23.74 31.90 -0.30
CA GLN B 326 -23.69 33.20 -1.02
C GLN B 326 -24.49 33.04 -2.33
N PRO B 327 -25.82 32.72 -2.28
CA PRO B 327 -26.57 32.47 -3.51
C PRO B 327 -26.58 33.59 -4.56
N GLU B 328 -26.57 34.86 -4.10
CA GLU B 328 -26.58 36.07 -4.94
C GLU B 328 -25.35 36.21 -5.84
N ARG B 329 -24.21 35.64 -5.40
CA ARG B 329 -22.92 35.71 -6.09
C ARG B 329 -22.58 34.51 -6.97
N TYR B 330 -23.44 33.46 -7.00
CA TYR B 330 -23.17 32.24 -7.78
C TYR B 330 -22.88 32.49 -9.26
N LYS B 331 -23.73 33.26 -9.97
CA LYS B 331 -23.52 33.57 -11.38
C LYS B 331 -22.27 34.44 -11.59
N LEU B 332 -22.18 35.58 -10.85
CA LEU B 332 -21.06 36.52 -10.89
C LEU B 332 -19.71 35.79 -10.74
N TRP B 333 -19.62 34.87 -9.74
CA TRP B 333 -18.44 34.05 -9.45
C TRP B 333 -18.13 33.07 -10.58
N LYS B 334 -19.17 32.48 -11.19
CA LYS B 334 -19.05 31.55 -12.33
C LYS B 334 -18.58 32.28 -13.60
N ALA B 335 -19.08 33.52 -13.83
CA ALA B 335 -18.67 34.38 -14.96
C ALA B 335 -17.21 34.88 -14.76
N GLY B 336 -16.64 34.56 -13.60
CA GLY B 336 -15.28 34.91 -13.20
C GLY B 336 -15.10 36.36 -12.77
N LYS B 337 -16.21 37.07 -12.51
CA LYS B 337 -16.20 38.49 -12.16
C LYS B 337 -16.49 38.76 -10.65
N ASP B 338 -16.12 37.81 -9.77
CA ASP B 338 -16.25 38.00 -8.32
C ASP B 338 -14.90 38.57 -7.86
N ASN B 339 -14.87 39.89 -7.59
CA ASN B 339 -13.67 40.65 -7.23
C ASN B 339 -13.51 40.90 -5.72
N THR B 340 -14.26 40.15 -4.87
CA THR B 340 -14.22 40.25 -3.40
C THR B 340 -12.80 40.22 -2.84
N VAL B 341 -12.51 41.13 -1.89
CA VAL B 341 -11.24 41.27 -1.18
C VAL B 341 -11.43 40.78 0.24
N ILE B 342 -10.62 39.80 0.67
CA ILE B 342 -10.65 39.25 2.02
C ILE B 342 -10.02 40.24 3.03
N ASP B 343 -10.71 40.44 4.15
CA ASP B 343 -10.29 41.24 5.29
C ASP B 343 -9.98 40.22 6.38
N HIS B 344 -8.71 39.88 6.57
CA HIS B 344 -8.23 38.88 7.54
C HIS B 344 -8.58 39.19 9.01
N THR B 345 -8.79 40.47 9.38
CA THR B 345 -9.10 40.84 10.77
C THR B 345 -10.53 40.47 11.21
N LEU B 346 -11.48 40.41 10.26
CA LEU B 346 -12.88 40.16 10.54
C LEU B 346 -13.21 38.74 11.06
N PRO B 347 -14.03 38.64 12.13
CA PRO B 347 -14.43 37.30 12.61
C PRO B 347 -15.50 36.66 11.71
N THR B 348 -15.78 35.36 11.92
CA THR B 348 -16.76 34.60 11.15
C THR B 348 -18.19 35.13 11.41
N PRO B 349 -19.14 35.14 10.42
CA PRO B 349 -20.51 35.64 10.72
C PRO B 349 -21.20 35.02 11.95
N GLU B 350 -20.91 33.73 12.24
CA GLU B 350 -21.43 32.96 13.40
C GLU B 350 -21.08 33.59 14.77
N ALA B 351 -20.05 34.47 14.81
CA ALA B 351 -19.60 35.20 16.00
C ALA B 351 -20.53 36.38 16.38
N ALA B 352 -21.57 36.69 15.55
CA ALA B 352 -22.54 37.79 15.76
C ALA B 352 -23.20 37.83 17.15
N GLU B 353 -23.57 36.64 17.69
CA GLU B 353 -24.17 36.48 19.00
C GLU B 353 -23.23 36.92 20.14
N PHE B 354 -21.90 36.79 19.95
CA PHE B 354 -20.90 37.22 20.94
C PHE B 354 -20.57 38.73 20.80
N LEU B 355 -20.75 39.28 19.59
CA LEU B 355 -20.46 40.68 19.25
C LEU B 355 -21.73 41.45 18.97
N GLU C 7 -25.05 -9.06 -26.27
CA GLU C 7 -26.02 -9.53 -27.27
C GLU C 7 -26.94 -10.66 -26.75
N THR C 8 -26.42 -11.48 -25.81
CA THR C 8 -27.14 -12.60 -25.18
C THR C 8 -28.00 -12.16 -23.99
N LEU C 9 -27.71 -10.97 -23.42
CA LEU C 9 -28.44 -10.38 -22.29
C LEU C 9 -29.57 -9.51 -22.83
N ASN C 10 -30.82 -9.74 -22.35
CA ASN C 10 -32.06 -9.08 -22.77
C ASN C 10 -32.18 -9.03 -24.33
N PRO C 11 -32.09 -10.20 -25.03
CA PRO C 11 -32.13 -10.19 -26.52
C PRO C 11 -33.40 -9.62 -27.15
N SER C 12 -34.53 -9.71 -26.42
CA SER C 12 -35.82 -9.20 -26.86
C SER C 12 -35.92 -7.66 -26.64
N ALA C 13 -34.90 -7.08 -25.95
CA ALA C 13 -34.79 -5.65 -25.62
C ALA C 13 -36.10 -5.11 -24.98
N ARG C 14 -36.63 -5.86 -23.98
CA ARG C 14 -37.88 -5.47 -23.32
C ARG C 14 -37.62 -4.71 -22.02
N ILE C 15 -38.59 -3.85 -21.60
CA ILE C 15 -38.47 -3.05 -20.37
C ILE C 15 -38.38 -3.97 -19.17
N MET C 16 -37.27 -3.83 -18.41
CA MET C 16 -36.99 -4.61 -17.21
C MET C 16 -37.30 -3.79 -15.96
N THR C 17 -37.81 -4.45 -14.90
CA THR C 17 -38.12 -3.84 -13.62
C THR C 17 -37.15 -4.38 -12.59
N PHE C 18 -36.67 -3.51 -11.70
CA PHE C 18 -35.72 -3.90 -10.68
C PHE C 18 -36.18 -3.51 -9.29
N TYR C 19 -35.83 -4.35 -8.34
CA TYR C 19 -36.18 -4.14 -6.94
C TYR C 19 -34.92 -4.22 -6.09
N PRO C 20 -34.11 -3.16 -6.07
CA PRO C 20 -32.88 -3.21 -5.23
C PRO C 20 -33.16 -3.27 -3.73
N THR C 21 -32.20 -3.83 -2.96
CA THR C 21 -32.26 -3.85 -1.49
C THR C 21 -31.75 -2.47 -1.04
N MET C 22 -31.89 -2.14 0.26
CA MET C 22 -31.37 -0.88 0.78
C MET C 22 -29.85 -0.76 0.54
N GLU C 23 -29.09 -1.85 0.74
CA GLU C 23 -27.63 -1.91 0.54
C GLU C 23 -27.24 -1.64 -0.92
N GLU C 24 -27.95 -2.26 -1.90
CA GLU C 24 -27.73 -2.08 -3.36
C GLU C 24 -28.11 -0.67 -3.81
N PHE C 25 -29.16 -0.11 -3.18
CA PHE C 25 -29.73 1.21 -3.50
C PHE C 25 -28.80 2.38 -3.18
N ARG C 26 -27.98 2.28 -2.12
CA ARG C 26 -27.09 3.35 -1.67
C ARG C 26 -26.12 3.91 -2.74
N ASN C 27 -25.54 3.04 -3.60
CA ASN C 27 -24.65 3.50 -4.66
C ASN C 27 -25.39 3.52 -5.98
N PHE C 28 -25.83 4.72 -6.40
CA PHE C 28 -26.59 4.98 -7.62
C PHE C 28 -25.87 4.50 -8.88
N SER C 29 -24.67 5.07 -9.14
CA SER C 29 -23.85 4.77 -10.31
C SER C 29 -23.51 3.28 -10.46
N ARG C 30 -23.22 2.61 -9.34
CA ARG C 30 -22.93 1.18 -9.29
C ARG C 30 -24.21 0.39 -9.63
N TYR C 31 -25.39 0.85 -9.17
CA TYR C 31 -26.65 0.16 -9.46
C TYR C 31 -27.04 0.27 -10.95
N ILE C 32 -26.72 1.41 -11.60
CA ILE C 32 -26.94 1.63 -13.04
C ILE C 32 -26.02 0.68 -13.81
N ALA C 33 -24.77 0.51 -13.35
CA ALA C 33 -23.80 -0.41 -13.93
C ALA C 33 -24.34 -1.84 -13.86
N TYR C 34 -24.96 -2.21 -12.71
CA TYR C 34 -25.55 -3.53 -12.49
C TYR C 34 -26.73 -3.80 -13.43
N ILE C 35 -27.64 -2.83 -13.60
CA ILE C 35 -28.80 -3.05 -14.46
C ILE C 35 -28.38 -3.17 -15.95
N GLU C 36 -27.25 -2.54 -16.33
CA GLU C 36 -26.70 -2.61 -17.68
C GLU C 36 -26.08 -3.99 -17.90
N SER C 37 -25.50 -4.58 -16.83
CA SER C 37 -24.94 -5.93 -16.85
C SER C 37 -26.07 -6.96 -17.06
N GLN C 38 -27.32 -6.61 -16.69
CA GLN C 38 -28.53 -7.44 -16.89
C GLN C 38 -29.19 -7.20 -18.28
N GLY C 39 -28.72 -6.17 -18.98
CA GLY C 39 -29.18 -5.81 -20.33
C GLY C 39 -30.37 -4.87 -20.36
N ALA C 40 -30.63 -4.13 -19.27
CA ALA C 40 -31.76 -3.19 -19.17
C ALA C 40 -31.73 -2.09 -20.25
N HIS C 41 -30.51 -1.59 -20.57
CA HIS C 41 -30.25 -0.52 -21.56
C HIS C 41 -30.76 -0.84 -22.97
N ARG C 42 -30.89 -2.14 -23.31
CA ARG C 42 -31.35 -2.60 -24.61
C ARG C 42 -32.78 -2.15 -24.94
N ALA C 43 -33.64 -1.96 -23.93
CA ALA C 43 -35.00 -1.44 -24.11
C ALA C 43 -35.03 0.08 -24.26
N GLY C 44 -34.06 0.77 -23.65
CA GLY C 44 -33.94 2.24 -23.69
C GLY C 44 -34.57 2.89 -22.49
N LEU C 45 -35.22 2.06 -21.67
CA LEU C 45 -35.99 2.42 -20.51
C LEU C 45 -36.00 1.26 -19.51
N ALA C 46 -35.85 1.60 -18.22
CA ALA C 46 -35.90 0.63 -17.12
C ALA C 46 -36.68 1.23 -15.94
N LYS C 47 -37.45 0.38 -15.23
CA LYS C 47 -38.16 0.78 -14.03
C LYS C 47 -37.39 0.27 -12.79
N VAL C 48 -37.18 1.13 -11.78
CA VAL C 48 -36.54 0.77 -10.52
C VAL C 48 -37.53 1.10 -9.36
N VAL C 49 -37.97 0.06 -8.65
CA VAL C 49 -38.85 0.19 -7.49
C VAL C 49 -37.92 0.29 -6.26
N PRO C 50 -37.93 1.42 -5.54
CA PRO C 50 -37.01 1.56 -4.40
C PRO C 50 -37.41 0.73 -3.16
N PRO C 51 -36.43 0.41 -2.27
CA PRO C 51 -36.78 -0.29 -1.01
C PRO C 51 -37.89 0.43 -0.25
N LYS C 52 -38.84 -0.31 0.36
CA LYS C 52 -39.99 0.19 1.11
C LYS C 52 -39.64 1.21 2.22
N GLU C 53 -38.45 1.04 2.83
CA GLU C 53 -37.95 1.91 3.90
C GLU C 53 -37.52 3.31 3.42
N TRP C 54 -37.23 3.47 2.11
CA TRP C 54 -36.77 4.72 1.51
C TRP C 54 -37.91 5.67 1.14
N LYS C 55 -37.74 6.96 1.47
CA LYS C 55 -38.67 8.07 1.20
C LYS C 55 -37.87 9.37 0.95
N PRO C 56 -38.06 10.09 -0.18
CA PRO C 56 -37.32 11.35 -0.38
C PRO C 56 -37.85 12.54 0.42
N ARG C 57 -39.08 12.42 0.96
CA ARG C 57 -39.79 13.48 1.69
C ARG C 57 -40.83 12.83 2.62
N ALA C 58 -40.96 13.37 3.85
CA ALA C 58 -41.89 12.87 4.88
C ALA C 58 -43.37 13.01 4.48
N SER C 59 -43.72 14.13 3.82
CA SER C 59 -45.08 14.43 3.33
C SER C 59 -45.03 15.53 2.27
N TYR C 60 -46.05 15.57 1.40
CA TYR C 60 -46.20 16.56 0.34
C TYR C 60 -47.34 17.54 0.68
N ASP C 61 -47.66 17.68 1.98
CA ASP C 61 -48.74 18.55 2.49
C ASP C 61 -48.44 20.05 2.50
N ASP C 62 -47.16 20.44 2.34
CA ASP C 62 -46.70 21.82 2.43
C ASP C 62 -46.26 22.47 1.11
N ILE C 63 -46.80 21.99 -0.03
CA ILE C 63 -46.41 22.51 -1.34
C ILE C 63 -47.52 23.26 -2.11
N ASP C 64 -48.69 23.53 -1.51
CA ASP C 64 -49.80 24.24 -2.19
C ASP C 64 -49.43 25.62 -2.76
N ASP C 65 -48.52 26.34 -2.09
CA ASP C 65 -48.10 27.67 -2.51
C ASP C 65 -46.84 27.62 -3.34
N LEU C 66 -46.45 26.42 -3.80
CA LEU C 66 -45.31 26.29 -4.68
C LEU C 66 -45.74 26.87 -6.05
N VAL C 67 -44.94 27.79 -6.60
CA VAL C 67 -45.26 28.43 -7.87
C VAL C 67 -44.77 27.64 -9.10
N ILE C 68 -45.67 27.40 -10.05
CA ILE C 68 -45.37 26.81 -11.36
C ILE C 68 -45.22 28.05 -12.27
N PRO C 69 -43.97 28.50 -12.56
CA PRO C 69 -43.78 29.78 -13.30
C PRO C 69 -44.35 29.85 -14.71
N ALA C 70 -44.30 28.75 -15.46
CA ALA C 70 -44.74 28.79 -16.85
C ALA C 70 -45.61 27.57 -17.23
N PRO C 71 -46.87 27.49 -16.75
CA PRO C 71 -47.69 26.33 -17.12
C PRO C 71 -47.96 26.37 -18.62
N ILE C 72 -48.04 25.21 -19.24
CA ILE C 72 -48.23 25.23 -20.68
C ILE C 72 -49.53 24.53 -21.09
N GLN C 73 -50.37 25.24 -21.86
CA GLN C 73 -51.54 24.60 -22.43
C GLN C 73 -51.04 23.84 -23.72
N GLN C 74 -51.29 22.53 -23.78
CA GLN C 74 -50.85 21.65 -24.88
C GLN C 74 -51.92 21.50 -25.98
N LEU C 75 -51.68 22.16 -27.12
CA LEU C 75 -52.58 22.15 -28.26
C LEU C 75 -52.06 21.11 -29.23
N VAL C 76 -52.86 20.09 -29.49
CA VAL C 76 -52.44 18.99 -30.34
C VAL C 76 -53.21 18.99 -31.66
N THR C 77 -52.45 18.91 -32.78
CA THR C 77 -53.02 18.88 -34.12
C THR C 77 -52.57 17.60 -34.83
N GLY C 78 -53.46 17.02 -35.62
CA GLY C 78 -53.14 15.80 -36.36
C GLY C 78 -54.28 14.83 -36.49
N GLN C 79 -53.99 13.67 -37.08
CA GLN C 79 -54.95 12.60 -37.35
C GLN C 79 -54.21 11.31 -37.72
N SER C 80 -54.94 10.17 -37.70
CA SER C 80 -54.41 8.87 -38.09
C SER C 80 -53.04 8.52 -37.40
N GLY C 81 -52.95 8.77 -36.09
CA GLY C 81 -51.77 8.47 -35.28
C GLY C 81 -50.57 9.39 -35.38
N LEU C 82 -50.65 10.45 -36.19
CA LEU C 82 -49.55 11.40 -36.40
C LEU C 82 -50.03 12.75 -35.89
N PHE C 83 -49.31 13.31 -34.93
CA PHE C 83 -49.69 14.58 -34.29
C PHE C 83 -48.53 15.49 -34.03
N THR C 84 -48.83 16.78 -33.97
CA THR C 84 -47.92 17.85 -33.60
C THR C 84 -48.52 18.60 -32.40
N GLN C 85 -47.70 18.79 -31.38
CA GLN C 85 -48.12 19.44 -30.16
C GLN C 85 -47.51 20.84 -30.10
N TYR C 86 -48.35 21.85 -29.88
CA TYR C 86 -48.00 23.27 -29.76
C TYR C 86 -48.24 23.72 -28.33
N ASN C 87 -47.30 24.48 -27.80
CA ASN C 87 -47.35 25.00 -26.44
C ASN C 87 -47.83 26.42 -26.38
N ILE C 88 -48.68 26.70 -25.41
CA ILE C 88 -49.16 28.04 -25.13
C ILE C 88 -48.78 28.29 -23.68
N GLN C 89 -47.82 29.17 -23.45
CA GLN C 89 -47.40 29.50 -22.10
C GLN C 89 -48.47 30.34 -21.42
N LYS C 90 -48.91 29.89 -20.24
CA LYS C 90 -49.91 30.57 -19.42
C LYS C 90 -49.20 31.29 -18.30
N LYS C 91 -49.91 32.16 -17.59
CA LYS C 91 -49.33 32.90 -16.46
C LYS C 91 -49.01 31.94 -15.27
N ALA C 92 -48.09 32.37 -14.39
CA ALA C 92 -47.68 31.60 -13.21
C ALA C 92 -48.90 31.20 -12.36
N MET C 93 -48.94 29.93 -11.96
CA MET C 93 -50.00 29.44 -11.10
C MET C 93 -49.40 28.66 -9.91
N THR C 94 -50.20 28.38 -8.89
CA THR C 94 -49.71 27.62 -7.75
C THR C 94 -50.14 26.16 -7.90
N VAL C 95 -49.53 25.25 -7.12
CA VAL C 95 -49.86 23.82 -7.09
C VAL C 95 -51.33 23.61 -6.66
N ARG C 96 -51.83 24.46 -5.74
CA ARG C 96 -53.21 24.46 -5.24
C ARG C 96 -54.20 24.78 -6.37
N GLU C 97 -53.92 25.84 -7.16
CA GLU C 97 -54.73 26.25 -8.32
C GLU C 97 -54.64 25.21 -9.44
N PHE C 98 -53.44 24.65 -9.65
CA PHE C 98 -53.24 23.61 -10.66
C PHE C 98 -54.05 22.36 -10.32
N ARG C 99 -54.00 21.90 -9.03
CA ARG C 99 -54.67 20.70 -8.54
C ARG C 99 -56.18 20.82 -8.71
N LYS C 100 -56.76 22.02 -8.42
CA LYS C 100 -58.19 22.29 -8.54
C LYS C 100 -58.65 22.14 -10.01
N ILE C 101 -57.88 22.69 -10.97
CA ILE C 101 -58.13 22.58 -12.42
C ILE C 101 -58.00 21.08 -12.85
N ALA C 102 -56.90 20.40 -12.44
CA ALA C 102 -56.65 19.00 -12.79
C ALA C 102 -57.78 18.06 -12.33
N ASN C 103 -58.40 18.37 -11.18
CA ASN C 103 -59.43 17.51 -10.59
C ASN C 103 -60.86 17.95 -10.88
N SER C 104 -61.05 19.07 -11.60
CA SER C 104 -62.35 19.62 -12.00
C SER C 104 -62.99 18.67 -13.05
N ASP C 105 -64.32 18.77 -13.26
CA ASP C 105 -65.02 17.91 -14.22
C ASP C 105 -64.52 18.08 -15.66
N LYS C 106 -64.05 19.29 -16.02
CA LYS C 106 -63.53 19.61 -17.34
C LYS C 106 -62.23 18.85 -17.69
N TYR C 107 -61.27 18.75 -16.74
CA TYR C 107 -59.96 18.14 -17.00
C TYR C 107 -59.65 16.82 -16.30
N CYS C 108 -60.53 16.31 -15.43
CA CYS C 108 -60.28 15.05 -14.70
C CYS C 108 -60.19 13.82 -15.61
N THR C 109 -59.56 12.76 -15.09
CA THR C 109 -59.41 11.49 -15.80
C THR C 109 -60.80 10.88 -16.09
N PRO C 110 -61.04 10.36 -17.31
CA PRO C 110 -62.31 9.67 -17.56
C PRO C 110 -62.34 8.37 -16.75
N ARG C 111 -63.54 7.84 -16.51
CA ARG C 111 -63.73 6.57 -15.82
C ARG C 111 -63.34 5.45 -16.80
N TYR C 112 -62.57 4.48 -16.30
CA TYR C 112 -62.09 3.36 -17.09
C TYR C 112 -61.81 2.17 -16.16
N SER C 113 -61.81 0.96 -16.72
CA SER C 113 -61.56 -0.29 -15.99
C SER C 113 -60.11 -0.73 -16.16
N GLU C 114 -59.67 -1.00 -17.40
CA GLU C 114 -58.31 -1.43 -17.74
C GLU C 114 -57.49 -0.30 -18.39
N PHE C 115 -56.15 -0.30 -18.22
CA PHE C 115 -55.25 0.70 -18.83
C PHE C 115 -55.47 0.82 -20.35
N GLU C 116 -55.69 -0.32 -21.03
CA GLU C 116 -55.91 -0.40 -22.47
C GLU C 116 -57.09 0.51 -22.90
N GLU C 117 -58.13 0.60 -22.05
CA GLU C 117 -59.30 1.46 -22.24
C GLU C 117 -58.86 2.93 -22.09
N LEU C 118 -57.96 3.23 -21.12
CA LEU C 118 -57.45 4.59 -20.87
C LEU C 118 -56.51 5.06 -22.00
N GLU C 119 -55.63 4.19 -22.49
CA GLU C 119 -54.71 4.44 -23.59
C GLU C 119 -55.54 4.74 -24.88
N ARG C 120 -56.65 3.99 -25.11
CA ARG C 120 -57.58 4.20 -26.22
C ARG C 120 -58.18 5.63 -26.13
N LYS C 121 -58.68 6.00 -24.95
CA LYS C 121 -59.28 7.30 -24.70
C LYS C 121 -58.26 8.43 -24.90
N TYR C 122 -56.98 8.18 -24.54
CA TYR C 122 -55.90 9.14 -24.74
C TYR C 122 -55.67 9.38 -26.28
N TRP C 123 -55.43 8.32 -27.08
CA TRP C 123 -55.19 8.50 -28.51
C TRP C 123 -56.46 8.98 -29.30
N LYS C 124 -57.66 8.72 -28.76
CA LYS C 124 -58.91 9.17 -29.36
C LYS C 124 -59.19 10.62 -29.01
N ASN C 125 -58.78 11.11 -27.81
CA ASN C 125 -59.12 12.48 -27.39
C ASN C 125 -57.98 13.47 -27.25
N LEU C 126 -56.74 13.10 -27.62
N LEU C 126 -56.80 13.07 -27.72
CA LEU C 126 -55.59 14.01 -27.43
CA LEU C 126 -55.55 13.82 -27.72
C LEU C 126 -55.71 15.36 -28.17
C LEU C 126 -55.67 15.26 -28.25
N THR C 127 -56.51 15.46 -29.27
CA THR C 127 -56.65 16.77 -29.93
C THR C 127 -57.76 17.62 -29.35
N PHE C 128 -58.54 17.09 -28.38
CA PHE C 128 -59.69 17.79 -27.77
C PHE C 128 -59.36 18.30 -26.40
N ASN C 129 -60.10 19.32 -25.93
CA ASN C 129 -60.00 19.91 -24.59
C ASN C 129 -58.52 20.03 -24.12
N PRO C 130 -57.69 20.88 -24.80
CA PRO C 130 -56.25 20.95 -24.46
C PRO C 130 -55.92 21.06 -22.96
N PRO C 131 -55.14 20.12 -22.40
CA PRO C 131 -54.80 20.20 -20.96
C PRO C 131 -53.66 21.18 -20.73
N ILE C 132 -53.39 21.42 -19.44
CA ILE C 132 -52.32 22.28 -18.96
C ILE C 132 -51.30 21.42 -18.22
N TYR C 133 -50.02 21.59 -18.59
CA TYR C 133 -48.89 20.88 -18.01
C TYR C 133 -48.03 21.86 -17.24
N GLY C 134 -47.85 21.61 -15.95
CA GLY C 134 -47.00 22.43 -15.07
C GLY C 134 -45.58 21.94 -15.22
N ALA C 135 -45.03 22.07 -16.43
CA ALA C 135 -43.73 21.56 -16.85
C ALA C 135 -42.58 22.48 -16.55
N ASP C 136 -41.37 21.92 -16.53
CA ASP C 136 -40.08 22.60 -16.39
C ASP C 136 -39.95 23.51 -15.18
N VAL C 137 -40.48 23.09 -14.02
CA VAL C 137 -40.39 23.89 -12.79
C VAL C 137 -39.01 23.64 -12.19
N ASN C 138 -38.19 24.69 -12.00
CA ASN C 138 -36.86 24.55 -11.40
C ASN C 138 -37.02 24.28 -9.92
N GLY C 139 -36.57 23.12 -9.50
CA GLY C 139 -36.69 22.76 -8.10
C GLY C 139 -36.63 21.29 -7.82
N THR C 140 -36.73 20.96 -6.53
CA THR C 140 -36.69 19.59 -6.01
C THR C 140 -37.69 19.41 -4.88
N LEU C 141 -38.16 18.17 -4.70
CA LEU C 141 -39.05 17.87 -3.58
C LEU C 141 -38.35 16.97 -2.56
N TYR C 142 -37.07 16.62 -2.80
CA TYR C 142 -36.27 15.83 -1.86
C TYR C 142 -35.87 16.66 -0.68
N GLU C 143 -35.88 16.05 0.51
CA GLU C 143 -35.40 16.65 1.75
C GLU C 143 -33.86 16.60 1.69
N LYS C 144 -33.21 17.59 2.31
CA LYS C 144 -31.74 17.79 2.32
C LYS C 144 -30.89 16.62 2.83
N HIS C 145 -31.40 15.80 3.76
CA HIS C 145 -30.64 14.69 4.36
C HIS C 145 -30.60 13.40 3.49
N VAL C 146 -31.46 13.33 2.42
CA VAL C 146 -31.59 12.15 1.56
C VAL C 146 -30.37 12.01 0.63
N ASP C 147 -29.50 11.04 0.92
CA ASP C 147 -28.27 10.86 0.16
C ASP C 147 -28.38 9.84 -0.98
N GLU C 148 -29.44 9.00 -0.95
CA GLU C 148 -29.69 7.94 -1.93
C GLU C 148 -30.60 8.41 -3.05
N TRP C 149 -30.12 8.27 -4.31
CA TRP C 149 -30.84 8.59 -5.55
C TRP C 149 -31.43 9.99 -5.51
N ASN C 150 -30.66 10.96 -4.96
CA ASN C 150 -31.10 12.34 -4.87
C ASN C 150 -30.87 12.99 -6.24
N ILE C 151 -31.97 13.26 -6.92
CA ILE C 151 -31.98 13.79 -8.25
C ILE C 151 -31.24 15.11 -8.30
N GLY C 152 -31.29 15.84 -7.20
CA GLY C 152 -30.55 17.08 -7.07
C GLY C 152 -29.05 16.85 -7.10
N ARG C 153 -28.58 15.77 -6.47
CA ARG C 153 -27.15 15.43 -6.41
C ARG C 153 -26.82 13.94 -6.61
N LEU C 154 -26.91 13.45 -7.84
CA LEU C 154 -26.65 12.03 -8.18
C LEU C 154 -25.23 11.48 -8.06
N ARG C 155 -24.24 12.35 -8.17
CA ARG C 155 -22.80 12.00 -8.10
C ARG C 155 -22.32 11.19 -9.33
N THR C 156 -22.68 11.61 -10.55
CA THR C 156 -22.21 10.92 -11.77
C THR C 156 -21.13 11.76 -12.47
N ILE C 157 -20.50 11.22 -13.52
CA ILE C 157 -19.46 11.93 -14.26
C ILE C 157 -20.00 13.21 -14.97
N LEU C 158 -21.35 13.37 -15.07
CA LEU C 158 -21.96 14.59 -15.62
C LEU C 158 -21.65 15.85 -14.77
N ASP C 159 -21.24 15.67 -13.48
CA ASP C 159 -20.85 16.75 -12.55
C ASP C 159 -19.72 17.62 -13.10
N LEU C 160 -18.90 17.07 -14.01
CA LEU C 160 -17.78 17.71 -14.70
C LEU C 160 -18.18 18.92 -15.54
N VAL C 161 -19.43 18.95 -16.05
CA VAL C 161 -19.93 20.08 -16.86
C VAL C 161 -19.96 21.37 -16.02
N GLU C 162 -20.46 21.29 -14.77
CA GLU C 162 -20.50 22.42 -13.87
C GLU C 162 -19.17 22.67 -13.13
N LYS C 163 -18.54 21.61 -12.60
CA LYS C 163 -17.29 21.67 -11.84
C LYS C 163 -16.05 22.03 -12.68
N GLU C 164 -15.91 21.49 -13.90
CA GLU C 164 -14.76 21.79 -14.76
C GLU C 164 -15.07 22.87 -15.81
N SER C 165 -16.05 22.64 -16.70
CA SER C 165 -16.45 23.56 -17.76
C SER C 165 -17.13 24.86 -17.25
N GLY C 166 -17.67 24.80 -16.04
CA GLY C 166 -18.38 25.91 -15.38
C GLY C 166 -19.75 26.20 -15.94
N ILE C 167 -20.37 25.22 -16.65
CA ILE C 167 -21.67 25.39 -17.30
C ILE C 167 -22.85 24.77 -16.50
N THR C 168 -23.89 25.59 -16.28
CA THR C 168 -25.15 25.20 -15.64
C THR C 168 -26.23 25.17 -16.73
N ILE C 169 -26.86 24.00 -16.90
CA ILE C 169 -27.93 23.76 -17.88
C ILE C 169 -29.17 23.27 -17.11
N GLU C 170 -30.15 24.16 -16.95
CA GLU C 170 -31.43 23.89 -16.27
C GLU C 170 -32.12 22.63 -16.81
N GLY C 171 -32.49 21.74 -15.89
CA GLY C 171 -33.14 20.48 -16.19
C GLY C 171 -32.18 19.37 -16.57
N VAL C 172 -30.98 19.73 -17.06
CA VAL C 172 -29.93 18.81 -17.53
C VAL C 172 -29.02 18.44 -16.34
N ASN C 173 -28.30 19.42 -15.78
CA ASN C 173 -27.47 19.19 -14.60
C ASN C 173 -28.10 19.83 -13.33
N THR C 174 -29.41 20.20 -13.42
CA THR C 174 -30.23 20.71 -12.32
C THR C 174 -31.58 19.96 -12.35
N PRO C 175 -32.34 19.84 -11.24
CA PRO C 175 -33.62 19.10 -11.34
C PRO C 175 -34.79 19.93 -11.88
N TYR C 176 -35.79 19.24 -12.44
CA TYR C 176 -37.03 19.83 -12.96
C TYR C 176 -38.19 19.10 -12.33
N LEU C 177 -39.26 19.83 -12.07
CA LEU C 177 -40.50 19.25 -11.55
C LEU C 177 -41.55 19.35 -12.64
N TYR C 178 -42.41 18.35 -12.76
CA TYR C 178 -43.48 18.33 -13.75
C TYR C 178 -44.76 18.02 -13.03
N PHE C 179 -45.73 18.94 -13.05
CA PHE C 179 -47.03 18.72 -12.44
C PHE C 179 -47.99 18.36 -13.57
N GLY C 180 -48.38 17.09 -13.59
CA GLY C 180 -49.24 16.58 -14.65
C GLY C 180 -50.70 16.63 -14.36
N MET C 181 -51.50 16.53 -15.41
CA MET C 181 -52.92 16.33 -15.35
C MET C 181 -53.29 15.32 -16.42
N TRP C 182 -54.53 14.82 -16.42
CA TRP C 182 -54.96 13.86 -17.44
C TRP C 182 -54.68 14.39 -18.87
N LYS C 183 -54.11 13.52 -19.71
CA LYS C 183 -53.87 13.79 -21.13
C LYS C 183 -52.67 14.71 -21.42
N THR C 184 -51.91 15.15 -20.39
CA THR C 184 -50.70 15.95 -20.63
C THR C 184 -49.69 14.98 -21.20
N SER C 185 -48.89 15.40 -22.17
CA SER C 185 -47.96 14.49 -22.81
C SER C 185 -46.55 14.97 -23.04
N PHE C 186 -45.68 14.01 -23.28
CA PHE C 186 -44.30 14.27 -23.66
C PHE C 186 -44.09 13.52 -24.98
N ALA C 187 -43.66 14.26 -25.98
CA ALA C 187 -43.44 13.76 -27.33
C ALA C 187 -42.19 12.88 -27.48
N TRP C 188 -42.08 12.18 -28.60
CA TRP C 188 -40.95 11.29 -28.85
C TRP C 188 -39.64 12.07 -28.90
N HIS C 189 -38.68 11.62 -28.12
CA HIS C 189 -37.41 12.28 -28.06
C HIS C 189 -36.36 11.45 -27.34
N THR C 190 -35.13 11.90 -27.44
CA THR C 190 -34.00 11.31 -26.73
C THR C 190 -33.52 12.45 -25.88
N GLU C 191 -32.67 12.19 -24.91
CA GLU C 191 -32.20 13.28 -24.05
C GLU C 191 -31.28 14.25 -24.76
N ASP C 192 -31.12 15.46 -24.20
CA ASP C 192 -30.17 16.42 -24.74
C ASP C 192 -28.80 15.75 -24.70
N MET C 193 -28.05 15.77 -25.84
CA MET C 193 -26.72 15.17 -25.99
C MET C 193 -26.76 13.63 -25.94
N ASP C 194 -27.99 13.04 -26.00
CA ASP C 194 -28.25 11.59 -25.90
C ASP C 194 -27.79 11.04 -24.54
N LEU C 195 -28.01 11.84 -23.51
CA LEU C 195 -27.70 11.51 -22.14
C LEU C 195 -28.75 10.60 -21.52
N TYR C 196 -28.43 10.06 -20.36
CA TYR C 196 -29.33 9.24 -19.58
C TYR C 196 -30.24 10.21 -18.85
N SER C 197 -31.36 9.72 -18.35
CA SER C 197 -32.26 10.54 -17.54
C SER C 197 -32.87 9.67 -16.45
N ILE C 198 -33.26 10.31 -15.35
CA ILE C 198 -33.89 9.70 -14.19
C ILE C 198 -35.20 10.45 -13.93
N ASN C 199 -36.26 9.71 -13.66
CA ASN C 199 -37.57 10.30 -13.40
C ASN C 199 -38.16 9.63 -12.15
N TYR C 200 -38.53 10.43 -11.17
CA TYR C 200 -39.16 9.92 -9.96
C TYR C 200 -40.57 10.44 -9.88
N LEU C 201 -41.53 9.52 -9.76
CA LEU C 201 -42.93 9.93 -9.60
C LEU C 201 -43.24 10.13 -8.10
N HIS C 202 -43.18 11.40 -7.62
CA HIS C 202 -43.39 11.76 -6.20
C HIS C 202 -44.75 11.34 -5.64
N PHE C 203 -45.82 11.68 -6.34
CA PHE C 203 -47.18 11.38 -5.90
C PHE C 203 -48.12 11.44 -7.07
N GLY C 204 -49.36 11.02 -6.83
CA GLY C 204 -50.47 11.12 -7.76
C GLY C 204 -50.69 9.94 -8.67
N GLU C 205 -51.46 10.21 -9.74
CA GLU C 205 -51.82 9.25 -10.77
C GLU C 205 -50.64 8.81 -11.60
N PRO C 206 -50.73 7.62 -12.23
CA PRO C 206 -49.60 7.13 -13.02
C PRO C 206 -49.20 7.97 -14.25
N LYS C 207 -48.01 7.65 -14.74
CA LYS C 207 -47.41 8.19 -15.94
C LYS C 207 -47.13 6.96 -16.80
N SER C 208 -47.70 6.92 -18.02
CA SER C 208 -47.47 5.83 -18.97
C SER C 208 -46.40 6.24 -20.01
N TRP C 209 -45.55 5.28 -20.37
CA TRP C 209 -44.38 5.47 -21.22
C TRP C 209 -44.38 4.51 -22.38
N TYR C 210 -43.81 4.96 -23.51
CA TYR C 210 -43.51 4.16 -24.69
C TYR C 210 -42.01 4.33 -24.89
N SER C 211 -41.33 3.26 -25.31
N SER C 211 -41.32 3.25 -25.27
CA SER C 211 -39.90 3.34 -25.57
CA SER C 211 -39.87 3.32 -25.53
C SER C 211 -39.51 2.55 -26.80
C SER C 211 -39.48 2.54 -26.78
N VAL C 212 -38.52 3.07 -27.55
CA VAL C 212 -38.01 2.41 -28.73
C VAL C 212 -36.60 2.00 -28.32
N PRO C 213 -36.23 0.70 -28.50
CA PRO C 213 -34.86 0.30 -28.16
C PRO C 213 -33.81 1.12 -28.92
N PRO C 214 -32.71 1.55 -28.27
CA PRO C 214 -31.69 2.34 -28.99
C PRO C 214 -31.16 1.73 -30.29
N GLU C 215 -31.04 0.38 -30.38
CA GLU C 215 -30.62 -0.28 -31.61
C GLU C 215 -31.64 -0.08 -32.77
N HIS C 216 -32.87 0.38 -32.46
CA HIS C 216 -33.92 0.65 -33.46
C HIS C 216 -34.27 2.14 -33.61
N GLY C 217 -33.53 3.01 -32.92
CA GLY C 217 -33.71 4.46 -32.91
C GLY C 217 -33.69 5.11 -34.28
N LYS C 218 -32.78 4.65 -35.17
CA LYS C 218 -32.62 5.15 -36.54
C LYS C 218 -33.84 4.87 -37.41
N ARG C 219 -34.48 3.69 -37.20
CA ARG C 219 -35.72 3.29 -37.87
C ARG C 219 -36.86 4.25 -37.49
N LEU C 220 -36.96 4.63 -36.20
CA LEU C 220 -37.95 5.60 -35.76
C LEU C 220 -37.75 6.98 -36.41
N GLU C 221 -36.51 7.49 -36.43
CA GLU C 221 -36.14 8.77 -37.06
C GLU C 221 -36.47 8.79 -38.55
N ARG C 222 -36.13 7.69 -39.27
CA ARG C 222 -36.39 7.52 -40.69
C ARG C 222 -37.89 7.61 -40.96
N LEU C 223 -38.68 6.95 -40.10
CA LEU C 223 -40.13 6.98 -40.15
C LEU C 223 -40.71 8.40 -39.93
N ALA C 224 -40.20 9.14 -38.91
CA ALA C 224 -40.62 10.51 -38.58
C ALA C 224 -40.30 11.52 -39.71
N LYS C 225 -39.07 11.41 -40.31
CA LYS C 225 -38.60 12.23 -41.42
C LYS C 225 -39.51 12.08 -42.63
N GLY C 226 -40.00 10.85 -42.88
CA GLY C 226 -40.92 10.55 -43.96
C GLY C 226 -42.30 11.14 -43.76
N PHE C 227 -42.81 11.11 -42.51
CA PHE C 227 -44.12 11.64 -42.12
C PHE C 227 -44.18 13.15 -42.02
N PHE C 228 -43.06 13.76 -41.62
CA PHE C 228 -42.93 15.22 -41.48
C PHE C 228 -41.78 15.70 -42.37
N PRO C 229 -41.97 15.70 -43.72
CA PRO C 229 -40.86 16.09 -44.61
C PRO C 229 -40.36 17.52 -44.49
N GLY C 230 -41.28 18.47 -44.29
CA GLY C 230 -40.97 19.89 -44.12
C GLY C 230 -40.11 20.12 -42.90
N SER C 231 -40.53 19.56 -41.75
CA SER C 231 -39.84 19.60 -40.45
C SER C 231 -38.37 19.11 -40.49
N ALA C 232 -38.10 18.02 -41.26
CA ALA C 232 -36.77 17.45 -41.42
C ALA C 232 -35.83 18.30 -42.32
N GLN C 233 -36.38 19.04 -43.30
CA GLN C 233 -35.58 19.91 -44.18
C GLN C 233 -35.14 21.18 -43.43
N SER C 234 -35.95 21.63 -42.44
CA SER C 234 -35.71 22.83 -41.63
C SER C 234 -34.73 22.56 -40.48
N CYS C 235 -34.63 21.28 -40.03
CA CYS C 235 -33.81 20.88 -38.90
C CYS C 235 -33.40 19.42 -38.99
N GLU C 236 -32.12 19.17 -38.74
CA GLU C 236 -31.48 17.86 -38.71
C GLU C 236 -32.06 16.99 -37.62
N ALA C 237 -32.36 17.60 -36.48
CA ALA C 237 -32.91 16.83 -35.37
C ALA C 237 -34.17 17.49 -34.85
N PHE C 238 -35.20 17.45 -35.67
CA PHE C 238 -36.50 18.03 -35.33
C PHE C 238 -37.21 17.36 -34.16
N LEU C 239 -36.94 16.08 -33.94
CA LEU C 239 -37.57 15.36 -32.84
C LEU C 239 -37.17 15.98 -31.49
N ARG C 240 -36.00 16.71 -31.46
CA ARG C 240 -35.49 17.41 -30.28
C ARG C 240 -36.36 18.62 -29.92
N HIS C 241 -37.27 19.04 -30.84
CA HIS C 241 -38.21 20.13 -30.57
C HIS C 241 -39.30 19.65 -29.63
N LYS C 242 -39.44 18.31 -29.47
CA LYS C 242 -40.40 17.61 -28.58
C LYS C 242 -41.87 17.99 -28.87
N MET C 243 -42.21 18.04 -30.14
CA MET C 243 -43.54 18.38 -30.64
C MET C 243 -44.21 17.18 -31.40
N THR C 244 -43.47 16.10 -31.63
CA THR C 244 -43.95 15.00 -32.48
C THR C 244 -44.55 13.84 -31.70
N LEU C 245 -45.88 13.63 -31.88
CA LEU C 245 -46.61 12.51 -31.27
C LEU C 245 -46.95 11.46 -32.33
N ILE C 246 -46.59 10.21 -32.05
CA ILE C 246 -46.82 9.06 -32.96
C ILE C 246 -47.41 7.94 -32.10
N SER C 247 -48.65 7.53 -32.41
CA SER C 247 -49.34 6.46 -31.68
C SER C 247 -48.64 5.08 -31.76
N PRO C 248 -48.83 4.19 -30.76
CA PRO C 248 -48.26 2.83 -30.87
C PRO C 248 -48.77 2.04 -32.09
N LEU C 249 -50.04 2.26 -32.53
CA LEU C 249 -50.61 1.57 -33.69
C LEU C 249 -49.90 2.00 -34.97
N MET C 250 -49.46 3.26 -35.01
CA MET C 250 -48.67 3.77 -36.13
C MET C 250 -47.26 3.13 -36.14
N LEU C 251 -46.65 2.88 -34.96
CA LEU C 251 -45.34 2.21 -34.85
C LEU C 251 -45.41 0.76 -35.30
N LYS C 252 -46.48 0.07 -34.90
CA LYS C 252 -46.79 -1.32 -35.24
C LYS C 252 -46.96 -1.48 -36.76
N LYS C 253 -47.72 -0.57 -37.38
CA LYS C 253 -48.01 -0.54 -38.82
C LYS C 253 -46.73 -0.34 -39.66
N TYR C 254 -45.71 0.30 -39.09
CA TYR C 254 -44.49 0.52 -39.84
C TYR C 254 -43.29 -0.29 -39.31
N GLY C 255 -43.60 -1.31 -38.52
CA GLY C 255 -42.65 -2.29 -37.97
C GLY C 255 -41.60 -1.76 -37.02
N ILE C 256 -41.86 -0.62 -36.35
CA ILE C 256 -40.90 -0.09 -35.38
C ILE C 256 -41.10 -0.86 -34.05
N PRO C 257 -40.08 -1.60 -33.55
CA PRO C 257 -40.25 -2.32 -32.27
C PRO C 257 -40.30 -1.31 -31.11
N PHE C 258 -41.23 -1.51 -30.19
CA PHE C 258 -41.37 -0.62 -29.04
C PHE C 258 -41.90 -1.43 -27.86
N ASP C 259 -41.84 -0.86 -26.65
CA ASP C 259 -42.44 -1.51 -25.49
C ASP C 259 -43.14 -0.41 -24.72
N LYS C 260 -44.04 -0.77 -23.83
CA LYS C 260 -44.75 0.21 -23.01
C LYS C 260 -44.74 -0.20 -21.55
N VAL C 261 -44.83 0.78 -20.66
CA VAL C 261 -44.82 0.54 -19.22
C VAL C 261 -45.53 1.69 -18.51
N THR C 262 -46.20 1.39 -17.39
CA THR C 262 -46.84 2.39 -16.54
C THR C 262 -46.02 2.55 -15.25
N GLN C 263 -45.64 3.78 -14.96
CA GLN C 263 -44.90 4.16 -13.77
C GLN C 263 -45.91 4.67 -12.71
N GLU C 264 -45.86 4.10 -11.52
CA GLU C 264 -46.75 4.52 -10.45
C GLU C 264 -46.02 5.33 -9.43
N ALA C 265 -46.77 6.04 -8.55
CA ALA C 265 -46.19 6.89 -7.49
C ALA C 265 -45.18 6.09 -6.69
N GLY C 266 -44.04 6.70 -6.45
CA GLY C 266 -42.95 6.09 -5.70
C GLY C 266 -41.98 5.27 -6.52
N GLU C 267 -42.10 5.29 -7.87
CA GLU C 267 -41.21 4.53 -8.74
C GLU C 267 -40.30 5.45 -9.59
N PHE C 268 -39.11 4.94 -9.87
CA PHE C 268 -38.14 5.55 -10.73
C PHE C 268 -38.22 4.97 -12.15
N MET C 269 -38.02 5.83 -13.16
CA MET C 269 -37.84 5.45 -14.56
C MET C 269 -36.45 5.94 -14.98
N ILE C 270 -35.68 5.07 -15.63
CA ILE C 270 -34.34 5.39 -16.14
C ILE C 270 -34.39 5.33 -17.67
N THR C 271 -33.95 6.39 -18.36
CA THR C 271 -33.86 6.38 -19.81
C THR C 271 -32.37 6.28 -20.12
N PHE C 272 -32.04 5.54 -21.15
CA PHE C 272 -30.67 5.28 -21.53
C PHE C 272 -30.30 6.09 -22.76
N PRO C 273 -28.98 6.31 -23.00
CA PRO C 273 -28.55 7.04 -24.20
C PRO C 273 -29.15 6.56 -25.52
N TYR C 274 -29.76 7.51 -26.28
CA TYR C 274 -30.39 7.28 -27.57
C TYR C 274 -31.66 6.38 -27.47
N GLY C 275 -32.27 6.38 -26.28
CA GLY C 275 -33.51 5.69 -26.01
C GLY C 275 -34.66 6.64 -26.26
N TYR C 276 -35.34 6.52 -27.41
CA TYR C 276 -36.50 7.36 -27.74
C TYR C 276 -37.66 7.04 -26.86
N HIS C 277 -38.26 8.07 -26.21
CA HIS C 277 -39.41 7.83 -25.32
C HIS C 277 -40.52 8.91 -25.47
N ALA C 278 -41.75 8.51 -25.13
CA ALA C 278 -42.97 9.32 -25.21
C ALA C 278 -43.92 8.82 -24.14
N GLY C 279 -44.95 9.58 -23.86
CA GLY C 279 -45.94 9.17 -22.88
C GLY C 279 -46.91 10.23 -22.47
N PHE C 280 -47.69 9.90 -21.46
CA PHE C 280 -48.74 10.75 -20.93
C PHE C 280 -49.04 10.48 -19.49
N ASN C 281 -49.65 11.50 -18.87
CA ASN C 281 -50.11 11.46 -17.49
C ASN C 281 -51.56 10.99 -17.40
N HIS C 282 -51.85 10.13 -16.40
CA HIS C 282 -53.21 9.60 -16.18
C HIS C 282 -54.08 10.61 -15.43
N GLY C 283 -53.46 11.49 -14.66
CA GLY C 283 -54.18 12.50 -13.91
C GLY C 283 -53.20 13.36 -13.18
N PHE C 284 -53.67 14.05 -12.13
CA PHE C 284 -52.85 14.90 -11.29
C PHE C 284 -51.68 14.12 -10.64
N ASN C 285 -50.47 14.58 -10.89
CA ASN C 285 -49.29 13.91 -10.38
C ASN C 285 -48.11 14.88 -10.35
N CYS C 286 -46.96 14.42 -9.86
CA CYS C 286 -45.75 15.22 -9.80
C CYS C 286 -44.54 14.33 -9.94
N ALA C 287 -43.72 14.62 -10.95
CA ALA C 287 -42.47 13.90 -11.24
C ALA C 287 -41.30 14.88 -11.14
N GLU C 288 -40.15 14.34 -10.81
CA GLU C 288 -38.89 15.09 -10.70
C GLU C 288 -37.92 14.43 -11.65
N SER C 289 -37.21 15.27 -12.42
CA SER C 289 -36.32 14.80 -13.45
C SER C 289 -35.00 15.52 -13.57
N THR C 290 -33.99 14.80 -14.08
CA THR C 290 -32.64 15.29 -14.39
C THR C 290 -31.90 14.31 -15.32
N ASN C 291 -30.78 14.75 -15.86
CA ASN C 291 -29.98 13.91 -16.71
C ASN C 291 -28.80 13.47 -15.89
N PHE C 292 -28.15 12.40 -16.30
CA PHE C 292 -26.91 11.89 -15.69
C PHE C 292 -26.11 11.17 -16.77
N ALA C 293 -24.87 10.77 -16.44
CA ALA C 293 -24.01 10.06 -17.37
C ALA C 293 -23.20 8.94 -16.71
N THR C 294 -22.71 8.01 -17.54
CA THR C 294 -21.80 6.92 -17.20
C THR C 294 -20.68 7.03 -18.26
N ARG C 295 -19.59 6.27 -18.11
CA ARG C 295 -18.50 6.26 -19.10
C ARG C 295 -18.97 5.89 -20.53
N ARG C 296 -20.03 5.06 -20.64
CA ARG C 296 -20.64 4.59 -21.90
C ARG C 296 -21.23 5.76 -22.72
N TRP C 297 -21.81 6.76 -22.03
CA TRP C 297 -22.41 7.91 -22.69
C TRP C 297 -21.43 8.77 -23.52
N ILE C 298 -20.17 8.89 -23.11
CA ILE C 298 -19.17 9.73 -23.77
C ILE C 298 -19.20 9.57 -25.30
N GLU C 299 -19.30 8.32 -25.82
CA GLU C 299 -19.35 8.05 -27.25
C GLU C 299 -20.65 8.53 -27.90
N TYR C 300 -21.76 8.43 -27.17
CA TYR C 300 -23.08 8.89 -27.60
C TYR C 300 -23.06 10.42 -27.68
N GLY C 301 -22.41 11.05 -26.71
CA GLY C 301 -22.24 12.50 -26.63
C GLY C 301 -21.42 13.08 -27.77
N LYS C 302 -20.35 12.37 -28.18
CA LYS C 302 -19.48 12.74 -29.30
C LYS C 302 -20.18 12.63 -30.66
N GLN C 303 -21.18 11.74 -30.77
CA GLN C 303 -21.91 11.44 -32.00
C GLN C 303 -23.36 11.98 -32.06
N ALA C 304 -23.86 12.62 -30.98
CA ALA C 304 -25.22 13.16 -30.93
C ALA C 304 -25.51 14.15 -32.05
N VAL C 305 -26.60 13.92 -32.79
CA VAL C 305 -27.05 14.81 -33.88
C VAL C 305 -27.97 15.85 -33.23
N LEU C 306 -27.47 17.10 -33.16
CA LEU C 306 -28.15 18.21 -32.47
C LEU C 306 -29.04 19.08 -33.37
N CYS C 307 -30.00 19.80 -32.73
CA CYS C 307 -30.92 20.73 -33.38
C CYS C 307 -30.09 21.84 -34.01
N SER C 308 -30.34 22.13 -35.30
CA SER C 308 -29.61 23.11 -36.10
C SER C 308 -30.35 24.43 -36.36
N CYS C 309 -31.65 24.49 -36.01
CA CYS C 309 -32.50 25.64 -36.29
C CYS C 309 -32.72 26.62 -35.13
N ARG C 310 -32.36 26.22 -33.89
CA ARG C 310 -32.60 27.06 -32.70
C ARG C 310 -31.34 27.46 -31.96
N LYS C 311 -31.38 28.67 -31.36
CA LYS C 311 -30.34 29.24 -30.51
C LYS C 311 -30.65 28.82 -29.07
N ASP C 312 -29.59 28.70 -28.23
CA ASP C 312 -29.62 28.29 -26.81
C ASP C 312 -29.81 26.78 -26.62
N MET C 313 -29.88 26.00 -27.73
CA MET C 313 -30.01 24.53 -27.68
C MET C 313 -28.86 23.92 -26.91
N VAL C 314 -29.12 22.83 -26.20
CA VAL C 314 -28.11 22.19 -25.36
C VAL C 314 -26.98 21.55 -26.19
N LYS C 315 -25.79 22.16 -26.09
CA LYS C 315 -24.57 21.68 -26.72
C LYS C 315 -23.48 21.61 -25.64
N ILE C 316 -23.05 20.37 -25.31
CA ILE C 316 -22.01 20.14 -24.30
C ILE C 316 -20.68 19.85 -25.01
N SER C 317 -19.59 20.53 -24.56
CA SER C 317 -18.22 20.32 -25.05
C SER C 317 -17.78 18.93 -24.55
N MET C 318 -17.40 18.06 -25.47
CA MET C 318 -17.00 16.70 -25.13
C MET C 318 -15.52 16.56 -24.78
N ASP C 319 -14.71 17.59 -25.10
CA ASP C 319 -13.27 17.68 -24.86
C ASP C 319 -12.87 17.19 -23.47
N VAL C 320 -13.51 17.72 -22.41
CA VAL C 320 -13.26 17.40 -20.99
C VAL C 320 -13.44 15.89 -20.73
N PHE C 321 -14.47 15.27 -21.34
CA PHE C 321 -14.76 13.85 -21.20
C PHE C 321 -13.80 12.98 -21.98
N VAL C 322 -13.43 13.38 -23.22
CA VAL C 322 -12.51 12.64 -24.10
C VAL C 322 -11.11 12.65 -23.49
N ARG C 323 -10.66 13.81 -22.98
CA ARG C 323 -9.35 13.95 -22.35
C ARG C 323 -9.21 13.12 -21.07
N LYS C 324 -10.26 13.10 -20.22
CA LYS C 324 -10.26 12.37 -18.96
C LYS C 324 -10.39 10.86 -19.09
N PHE C 325 -11.36 10.38 -19.89
CA PHE C 325 -11.70 8.95 -20.00
C PHE C 325 -11.27 8.24 -21.29
N GLN C 326 -10.93 8.99 -22.36
CA GLN C 326 -10.45 8.41 -23.62
C GLN C 326 -9.16 9.15 -24.05
N PRO C 327 -8.11 9.31 -23.17
CA PRO C 327 -6.92 10.07 -23.59
C PRO C 327 -6.20 9.58 -24.84
N GLU C 328 -6.17 8.24 -25.05
CA GLU C 328 -5.52 7.61 -26.21
C GLU C 328 -6.19 7.92 -27.55
N ARG C 329 -7.49 8.31 -27.53
CA ARG C 329 -8.26 8.65 -28.73
C ARG C 329 -8.52 10.16 -28.94
N TYR C 330 -8.01 11.03 -28.02
CA TYR C 330 -8.20 12.48 -28.04
C TYR C 330 -7.72 13.17 -29.33
N LYS C 331 -6.43 13.00 -29.70
CA LYS C 331 -5.84 13.57 -30.91
C LYS C 331 -6.49 13.01 -32.18
N LEU C 332 -6.79 11.70 -32.17
CA LEU C 332 -7.45 10.99 -33.26
C LEU C 332 -8.87 11.57 -33.51
N TRP C 333 -9.61 11.88 -32.43
CA TRP C 333 -10.97 12.46 -32.45
C TRP C 333 -10.95 13.92 -32.96
N LYS C 334 -9.89 14.68 -32.64
CA LYS C 334 -9.69 16.06 -33.12
C LYS C 334 -9.34 16.14 -34.61
N ALA C 335 -8.53 15.19 -35.11
CA ALA C 335 -8.16 15.08 -36.53
C ALA C 335 -9.35 14.56 -37.39
N GLY C 336 -10.44 14.18 -36.72
CA GLY C 336 -11.65 13.65 -37.34
C GLY C 336 -11.55 12.20 -37.75
N LYS C 337 -10.49 11.51 -37.26
CA LYS C 337 -10.19 10.12 -37.58
C LYS C 337 -10.90 9.09 -36.68
N ASP C 338 -11.71 9.53 -35.69
CA ASP C 338 -12.43 8.60 -34.81
C ASP C 338 -13.69 8.05 -35.48
N ASN C 339 -13.52 6.90 -36.18
CA ASN C 339 -14.59 6.21 -36.91
C ASN C 339 -15.30 5.14 -36.04
N THR C 340 -15.21 5.27 -34.70
CA THR C 340 -15.82 4.39 -33.70
C THR C 340 -17.32 4.19 -33.97
N VAL C 341 -17.72 2.93 -34.16
CA VAL C 341 -19.14 2.56 -34.37
C VAL C 341 -19.68 2.15 -33.00
N ILE C 342 -20.75 2.83 -32.54
CA ILE C 342 -21.38 2.50 -31.26
C ILE C 342 -22.13 1.14 -31.35
N ASP C 343 -21.84 0.23 -30.40
CA ASP C 343 -22.55 -1.04 -30.21
C ASP C 343 -23.52 -0.79 -29.04
N HIS C 344 -24.83 -0.62 -29.35
CA HIS C 344 -25.90 -0.31 -28.37
C HIS C 344 -26.17 -1.43 -27.34
N THR C 345 -25.78 -2.68 -27.64
CA THR C 345 -25.98 -3.81 -26.71
C THR C 345 -24.96 -3.84 -25.57
N LEU C 346 -23.76 -3.25 -25.77
CA LEU C 346 -22.66 -3.26 -24.82
C LEU C 346 -22.94 -2.50 -23.51
N PRO C 347 -22.72 -3.13 -22.32
CA PRO C 347 -22.93 -2.37 -21.07
C PRO C 347 -21.76 -1.44 -20.77
N THR C 348 -21.98 -0.51 -19.83
CA THR C 348 -20.99 0.48 -19.41
C THR C 348 -19.71 -0.23 -18.89
N PRO C 349 -18.47 0.30 -19.14
CA PRO C 349 -17.25 -0.35 -18.62
C PRO C 349 -17.28 -0.67 -17.11
N GLU C 350 -18.03 0.12 -16.32
CA GLU C 350 -18.23 0.01 -14.86
C GLU C 350 -18.98 -1.30 -14.47
N ALA C 351 -19.66 -1.93 -15.45
CA ALA C 351 -20.42 -3.16 -15.25
C ALA C 351 -19.53 -4.40 -15.10
N ALA C 352 -18.22 -4.28 -15.42
CA ALA C 352 -17.19 -5.32 -15.38
C ALA C 352 -17.19 -6.19 -14.11
N GLU C 353 -17.33 -5.55 -12.91
CA GLU C 353 -17.36 -6.23 -11.59
C GLU C 353 -18.55 -7.20 -11.44
N PHE C 354 -19.67 -6.94 -12.15
CA PHE C 354 -20.89 -7.77 -12.14
C PHE C 354 -20.83 -8.83 -13.24
N LEU C 355 -20.12 -8.53 -14.35
CA LEU C 355 -19.95 -9.44 -15.50
C LEU C 355 -18.89 -10.54 -15.26
N LYS C 356 -17.99 -10.35 -14.27
CA LYS C 356 -16.90 -11.28 -13.93
C LYS C 356 -17.37 -12.70 -13.57
N GLU D 7 56.37 -8.46 -0.86
CA GLU D 7 56.94 -8.02 0.41
C GLU D 7 57.85 -6.78 0.23
N THR D 8 58.91 -6.91 -0.61
CA THR D 8 59.86 -5.84 -0.94
C THR D 8 59.37 -5.05 -2.19
N LEU D 9 58.27 -5.50 -2.84
CA LEU D 9 57.64 -4.85 -4.01
C LEU D 9 56.46 -3.98 -3.53
N ASN D 10 56.48 -2.68 -3.93
CA ASN D 10 55.57 -1.62 -3.51
C ASN D 10 55.46 -1.61 -1.96
N PRO D 11 56.60 -1.54 -1.20
CA PRO D 11 56.51 -1.60 0.27
C PRO D 11 55.76 -0.46 0.92
N SER D 12 55.66 0.68 0.20
CA SER D 12 54.94 1.87 0.64
C SER D 12 53.42 1.72 0.37
N ALA D 13 53.03 0.67 -0.39
CA ALA D 13 51.64 0.38 -0.81
C ALA D 13 50.98 1.59 -1.50
N ARG D 14 51.77 2.33 -2.32
CA ARG D 14 51.30 3.50 -3.06
C ARG D 14 50.68 3.12 -4.39
N ILE D 15 49.74 3.96 -4.89
CA ILE D 15 49.02 3.73 -6.16
C ILE D 15 49.98 3.80 -7.34
N MET D 16 50.06 2.71 -8.09
CA MET D 16 50.93 2.59 -9.26
C MET D 16 50.16 2.82 -10.53
N THR D 17 50.83 3.42 -11.53
CA THR D 17 50.26 3.72 -12.85
C THR D 17 50.99 2.87 -13.89
N PHE D 18 50.27 2.30 -14.84
CA PHE D 18 50.90 1.45 -15.84
C PHE D 18 50.58 1.89 -17.25
N TYR D 19 51.57 1.73 -18.13
CA TYR D 19 51.42 2.11 -19.52
C TYR D 19 51.79 0.94 -20.44
N PRO D 20 50.91 -0.05 -20.54
CA PRO D 20 51.19 -1.20 -21.43
C PRO D 20 51.18 -0.87 -22.91
N THR D 21 52.02 -1.60 -23.70
CA THR D 21 52.08 -1.52 -25.16
C THR D 21 50.83 -2.22 -25.70
N MET D 22 50.63 -2.25 -27.04
CA MET D 22 49.47 -2.95 -27.61
C MET D 22 49.56 -4.48 -27.36
N GLU D 23 50.79 -5.03 -27.36
CA GLU D 23 51.09 -6.46 -27.15
C GLU D 23 50.76 -6.91 -25.72
N GLU D 24 51.18 -6.11 -24.72
CA GLU D 24 50.91 -6.38 -23.31
C GLU D 24 49.41 -6.21 -23.01
N PHE D 25 48.77 -5.21 -23.64
CA PHE D 25 47.36 -4.86 -23.46
C PHE D 25 46.38 -5.92 -23.91
N ARG D 26 46.68 -6.65 -24.99
CA ARG D 26 45.81 -7.67 -25.57
C ARG D 26 45.30 -8.71 -24.57
N ASN D 27 46.18 -9.22 -23.71
CA ASN D 27 45.80 -10.25 -22.73
C ASN D 27 45.53 -9.63 -21.35
N PHE D 28 44.23 -9.40 -21.04
CA PHE D 28 43.75 -8.78 -19.79
C PHE D 28 44.22 -9.49 -18.51
N SER D 29 43.92 -10.81 -18.39
CA SER D 29 44.25 -11.65 -17.23
C SER D 29 45.74 -11.70 -16.97
N ARG D 30 46.55 -11.82 -18.05
CA ARG D 30 48.00 -11.81 -18.01
C ARG D 30 48.49 -10.42 -17.55
N TYR D 31 47.84 -9.32 -18.00
CA TYR D 31 48.28 -7.99 -17.59
C TYR D 31 47.97 -7.71 -16.11
N ILE D 32 46.87 -8.32 -15.56
CA ILE D 32 46.55 -8.21 -14.12
C ILE D 32 47.60 -8.95 -13.30
N ALA D 33 48.02 -10.15 -13.77
CA ALA D 33 49.05 -10.96 -13.11
C ALA D 33 50.34 -10.14 -13.07
N TYR D 34 50.70 -9.48 -14.20
CA TYR D 34 51.89 -8.64 -14.31
C TYR D 34 51.90 -7.50 -13.27
N ILE D 35 50.81 -6.70 -13.18
CA ILE D 35 50.75 -5.58 -12.23
C ILE D 35 50.85 -6.07 -10.75
N GLU D 36 50.32 -7.28 -10.47
CA GLU D 36 50.46 -7.88 -9.14
C GLU D 36 51.90 -8.28 -8.84
N SER D 37 52.68 -8.70 -9.88
CA SER D 37 54.08 -9.11 -9.73
C SER D 37 54.97 -7.89 -9.40
N GLN D 38 54.46 -6.69 -9.69
CA GLN D 38 55.06 -5.36 -9.47
C GLN D 38 54.58 -4.72 -8.16
N GLY D 39 53.69 -5.41 -7.44
CA GLY D 39 53.11 -5.01 -6.16
C GLY D 39 51.95 -4.03 -6.20
N ALA D 40 51.33 -3.81 -7.37
CA ALA D 40 50.22 -2.87 -7.54
C ALA D 40 49.04 -3.08 -6.56
N HIS D 41 48.72 -4.36 -6.25
CA HIS D 41 47.61 -4.78 -5.41
C HIS D 41 47.68 -4.29 -3.98
N ARG D 42 48.89 -4.02 -3.48
CA ARG D 42 49.13 -3.53 -2.13
C ARG D 42 48.42 -2.22 -1.83
N ALA D 43 48.31 -1.31 -2.82
CA ALA D 43 47.60 -0.03 -2.70
C ALA D 43 46.08 -0.25 -2.63
N GLY D 44 45.59 -1.31 -3.28
CA GLY D 44 44.18 -1.64 -3.41
C GLY D 44 43.52 -1.03 -4.62
N LEU D 45 44.27 -0.17 -5.31
CA LEU D 45 43.85 0.57 -6.47
C LEU D 45 45.09 0.78 -7.39
N ALA D 46 44.92 0.57 -8.71
CA ALA D 46 45.97 0.81 -9.71
C ALA D 46 45.35 1.56 -10.91
N LYS D 47 46.16 2.38 -11.60
CA LYS D 47 45.73 3.07 -12.82
C LYS D 47 46.40 2.42 -14.03
N VAL D 48 45.62 2.14 -15.07
CA VAL D 48 46.13 1.58 -16.31
C VAL D 48 45.77 2.50 -17.46
N VAL D 49 46.80 3.06 -18.09
CA VAL D 49 46.69 3.94 -19.24
C VAL D 49 46.82 3.06 -20.49
N PRO D 50 45.72 2.86 -21.25
CA PRO D 50 45.81 2.00 -22.46
C PRO D 50 46.69 2.61 -23.57
N PRO D 51 47.22 1.81 -24.54
CA PRO D 51 47.99 2.42 -25.65
C PRO D 51 47.13 3.38 -26.49
N LYS D 52 47.71 4.53 -26.92
CA LYS D 52 47.04 5.60 -27.69
C LYS D 52 46.22 5.10 -28.91
N GLU D 53 46.70 4.04 -29.58
CA GLU D 53 46.03 3.42 -30.72
C GLU D 53 44.71 2.69 -30.34
N TRP D 54 44.55 2.25 -29.07
CA TRP D 54 43.35 1.55 -28.62
C TRP D 54 42.18 2.49 -28.31
N LYS D 55 40.98 2.15 -28.82
CA LYS D 55 39.74 2.93 -28.65
C LYS D 55 38.50 2.01 -28.49
N PRO D 56 37.72 2.09 -27.39
CA PRO D 56 36.55 1.19 -27.26
C PRO D 56 35.32 1.54 -28.12
N ARG D 57 35.25 2.79 -28.59
CA ARG D 57 34.15 3.35 -29.40
C ARG D 57 34.71 4.49 -30.28
N ALA D 58 34.25 4.63 -31.54
CA ALA D 58 34.73 5.67 -32.46
C ALA D 58 34.40 7.10 -31.99
N SER D 59 33.19 7.32 -31.49
CA SER D 59 32.74 8.62 -31.00
C SER D 59 31.65 8.46 -29.94
N TYR D 60 31.41 9.51 -29.13
CA TYR D 60 30.35 9.46 -28.12
C TYR D 60 29.23 10.45 -28.47
N ASP D 61 29.04 10.73 -29.77
CA ASP D 61 28.02 11.68 -30.23
C ASP D 61 26.67 11.02 -30.56
N ASP D 62 26.59 9.71 -30.32
CA ASP D 62 25.45 8.85 -30.64
C ASP D 62 24.85 8.13 -29.42
N ILE D 63 24.93 8.75 -28.22
CA ILE D 63 24.43 8.13 -26.98
C ILE D 63 23.39 8.99 -26.21
N ASP D 64 22.75 9.97 -26.87
CA ASP D 64 21.74 10.85 -26.28
C ASP D 64 20.45 10.13 -25.88
N ASP D 65 20.07 9.10 -26.67
CA ASP D 65 18.85 8.32 -26.48
C ASP D 65 19.01 7.23 -25.43
N LEU D 66 20.24 7.02 -24.96
CA LEU D 66 20.51 6.06 -23.89
C LEU D 66 19.68 6.50 -22.70
N VAL D 67 19.04 5.52 -22.03
CA VAL D 67 18.16 5.80 -20.90
C VAL D 67 18.79 5.42 -19.58
N ILE D 68 18.64 6.33 -18.60
CA ILE D 68 19.02 6.14 -17.20
C ILE D 68 17.69 5.84 -16.51
N PRO D 69 17.38 4.55 -16.25
CA PRO D 69 16.05 4.21 -15.72
C PRO D 69 15.78 4.60 -14.27
N ALA D 70 16.82 4.64 -13.44
CA ALA D 70 16.63 4.97 -12.02
C ALA D 70 17.70 5.98 -11.53
N PRO D 71 17.66 7.26 -11.98
CA PRO D 71 18.67 8.22 -11.49
C PRO D 71 18.48 8.47 -10.00
N ILE D 72 19.57 8.73 -9.26
CA ILE D 72 19.48 8.91 -7.82
C ILE D 72 19.93 10.29 -7.37
N GLN D 73 19.07 10.97 -6.61
CA GLN D 73 19.44 12.26 -6.01
C GLN D 73 20.20 11.92 -4.71
N GLN D 74 21.45 12.40 -4.59
CA GLN D 74 22.28 12.06 -3.45
C GLN D 74 22.19 13.08 -2.33
N LEU D 75 21.43 12.76 -1.27
CA LEU D 75 21.28 13.61 -0.08
C LEU D 75 22.36 13.18 0.91
N VAL D 76 23.22 14.10 1.30
CA VAL D 76 24.30 13.83 2.23
C VAL D 76 24.03 14.57 3.53
N THR D 77 24.16 13.87 4.66
N THR D 77 24.16 13.85 4.68
CA THR D 77 24.01 14.41 6.01
CA THR D 77 23.96 14.37 6.03
C THR D 77 25.29 14.18 6.78
C THR D 77 25.21 14.14 6.87
N GLY D 78 25.64 15.15 7.60
CA GLY D 78 26.83 15.07 8.44
C GLY D 78 27.60 16.36 8.59
N GLN D 79 28.76 16.22 9.23
CA GLN D 79 29.68 17.30 9.58
C GLN D 79 31.02 16.69 10.05
N SER D 80 32.04 17.56 10.32
CA SER D 80 33.37 17.19 10.82
C SER D 80 34.00 15.97 10.08
N GLY D 81 33.85 15.92 8.76
CA GLY D 81 34.35 14.85 7.89
C GLY D 81 33.67 13.49 7.94
N LEU D 82 32.52 13.39 8.62
CA LEU D 82 31.72 12.18 8.80
C LEU D 82 30.35 12.39 8.19
N PHE D 83 30.00 11.61 7.16
CA PHE D 83 28.74 11.74 6.41
C PHE D 83 28.04 10.44 6.12
N THR D 84 26.71 10.53 5.95
CA THR D 84 25.85 9.44 5.54
C THR D 84 25.14 9.93 4.29
N GLN D 85 25.22 9.12 3.26
CA GLN D 85 24.61 9.44 1.97
C GLN D 85 23.31 8.65 1.81
N TYR D 86 22.23 9.37 1.50
CA TYR D 86 20.91 8.81 1.27
C TYR D 86 20.48 8.99 -0.18
N ASN D 87 19.92 7.94 -0.76
CA ASN D 87 19.49 7.95 -2.15
C ASN D 87 18.01 8.21 -2.31
N ILE D 88 17.69 9.06 -3.25
CA ILE D 88 16.30 9.30 -3.59
C ILE D 88 16.18 8.94 -5.04
N GLN D 89 15.41 7.88 -5.35
CA GLN D 89 15.21 7.48 -6.75
C GLN D 89 14.29 8.48 -7.48
N LYS D 90 14.77 9.03 -8.60
CA LYS D 90 14.06 9.98 -9.45
C LYS D 90 13.52 9.22 -10.65
N LYS D 91 12.60 9.84 -11.40
CA LYS D 91 12.03 9.25 -12.61
C LYS D 91 13.08 9.07 -13.72
N ALA D 92 12.88 8.08 -14.61
CA ALA D 92 13.77 7.79 -15.73
C ALA D 92 14.06 9.03 -16.58
N MET D 93 15.29 9.13 -17.09
CA MET D 93 15.65 10.22 -17.98
C MET D 93 16.65 9.77 -19.05
N THR D 94 16.76 10.53 -20.13
CA THR D 94 17.72 10.20 -21.19
C THR D 94 19.08 10.83 -20.84
N VAL D 95 20.16 10.39 -21.48
CA VAL D 95 21.49 10.97 -21.30
C VAL D 95 21.48 12.46 -21.74
N ARG D 96 20.66 12.81 -22.77
CA ARG D 96 20.46 14.18 -23.26
C ARG D 96 19.87 15.09 -22.14
N GLU D 97 18.83 14.61 -21.44
CA GLU D 97 18.18 15.31 -20.33
C GLU D 97 19.13 15.40 -19.13
N PHE D 98 19.88 14.31 -18.88
CA PHE D 98 20.85 14.25 -17.77
C PHE D 98 21.99 15.26 -17.97
N ARG D 99 22.60 15.28 -19.18
CA ARG D 99 23.70 16.16 -19.58
C ARG D 99 23.29 17.65 -19.47
N LYS D 100 22.06 18.01 -19.89
CA LYS D 100 21.51 19.36 -19.77
C LYS D 100 21.52 19.84 -18.28
N ILE D 101 20.98 19.01 -17.35
CA ILE D 101 20.94 19.23 -15.90
C ILE D 101 22.39 19.30 -15.33
N ALA D 102 23.24 18.32 -15.67
CA ALA D 102 24.66 18.26 -15.24
C ALA D 102 25.44 19.54 -15.59
N ASN D 103 25.19 20.13 -16.79
CA ASN D 103 25.86 21.33 -17.28
C ASN D 103 25.17 22.67 -16.96
N SER D 104 23.94 22.62 -16.39
CA SER D 104 23.14 23.79 -15.97
C SER D 104 23.86 24.56 -14.83
N ASP D 105 23.49 25.84 -14.64
CA ASP D 105 24.04 26.75 -13.63
C ASP D 105 23.93 26.21 -12.22
N LYS D 106 22.79 25.56 -11.90
CA LYS D 106 22.49 24.93 -10.61
C LYS D 106 23.46 23.78 -10.25
N TYR D 107 23.85 22.97 -11.24
CA TYR D 107 24.63 21.78 -10.95
C TYR D 107 26.05 21.73 -11.45
N CYS D 108 26.46 22.62 -12.35
CA CYS D 108 27.80 22.55 -12.95
C CYS D 108 28.96 22.72 -11.94
N THR D 109 30.14 22.28 -12.35
CA THR D 109 31.38 22.37 -11.57
C THR D 109 31.74 23.82 -11.26
N PRO D 110 32.13 24.14 -10.00
CA PRO D 110 32.62 25.50 -9.72
C PRO D 110 34.00 25.72 -10.38
N ARG D 111 34.37 26.99 -10.59
CA ARG D 111 35.65 27.38 -11.18
C ARG D 111 36.80 26.96 -10.25
N TYR D 112 37.91 26.48 -10.81
CA TYR D 112 39.07 26.11 -9.99
C TYR D 112 40.35 25.97 -10.81
N SER D 113 41.49 26.12 -10.16
CA SER D 113 42.79 25.97 -10.84
C SER D 113 43.48 24.66 -10.53
N GLU D 114 43.59 24.34 -9.24
CA GLU D 114 44.26 23.14 -8.78
C GLU D 114 43.26 22.15 -8.21
N PHE D 115 43.60 20.87 -8.25
CA PHE D 115 42.72 19.83 -7.74
C PHE D 115 42.41 19.99 -6.25
N GLU D 116 43.42 20.33 -5.48
CA GLU D 116 43.29 20.53 -4.03
C GLU D 116 42.16 21.50 -3.71
N GLU D 117 41.98 22.52 -4.58
CA GLU D 117 40.95 23.55 -4.49
C GLU D 117 39.59 22.94 -4.73
N LEU D 118 39.44 22.08 -5.76
CA LEU D 118 38.17 21.41 -6.05
C LEU D 118 37.79 20.39 -4.96
N GLU D 119 38.79 19.67 -4.42
CA GLU D 119 38.66 18.68 -3.35
C GLU D 119 38.15 19.41 -2.08
N ARG D 120 38.71 20.61 -1.79
CA ARG D 120 38.25 21.46 -0.67
C ARG D 120 36.79 21.85 -0.85
N LYS D 121 36.40 22.26 -2.07
CA LYS D 121 35.02 22.65 -2.40
C LYS D 121 34.06 21.47 -2.30
N TYR D 122 34.53 20.26 -2.63
CA TYR D 122 33.72 19.04 -2.54
C TYR D 122 33.39 18.74 -1.06
N TRP D 123 34.43 18.69 -0.20
CA TRP D 123 34.28 18.35 1.21
C TRP D 123 33.54 19.46 2.01
N LYS D 124 33.56 20.71 1.51
CA LYS D 124 32.85 21.82 2.16
C LYS D 124 31.37 21.88 1.70
N ASN D 125 31.05 21.40 0.47
CA ASN D 125 29.69 21.57 -0.08
C ASN D 125 28.90 20.31 -0.39
N LEU D 126 29.40 19.12 0.00
CA LEU D 126 28.71 17.86 -0.34
C LEU D 126 27.29 17.72 0.29
N THR D 127 26.98 18.44 1.39
CA THR D 127 25.65 18.34 2.01
C THR D 127 24.66 19.35 1.40
N PHE D 128 25.13 20.25 0.52
CA PHE D 128 24.31 21.29 -0.10
C PHE D 128 23.99 20.93 -1.54
N ASN D 129 22.85 21.44 -2.04
CA ASN D 129 22.32 21.27 -3.39
C ASN D 129 22.49 19.82 -3.90
N PRO D 130 21.76 18.83 -3.32
CA PRO D 130 21.95 17.43 -3.72
C PRO D 130 21.98 17.15 -5.23
N PRO D 131 23.09 16.55 -5.71
CA PRO D 131 23.22 16.28 -7.15
C PRO D 131 22.49 14.99 -7.54
N ILE D 132 22.37 14.75 -8.85
CA ILE D 132 21.76 13.53 -9.39
C ILE D 132 22.84 12.66 -10.05
N TYR D 133 22.90 11.40 -9.65
CA TYR D 133 23.85 10.42 -10.17
C TYR D 133 23.09 9.41 -11.03
N GLY D 134 23.45 9.34 -12.32
CA GLY D 134 22.92 8.40 -13.30
C GLY D 134 23.64 7.07 -13.13
N ALA D 135 23.51 6.47 -11.95
CA ALA D 135 24.21 5.26 -11.51
C ALA D 135 23.51 3.94 -11.80
N ASP D 136 24.31 2.86 -11.79
CA ASP D 136 23.86 1.47 -11.96
C ASP D 136 23.03 1.19 -13.20
N VAL D 137 23.38 1.84 -14.32
CA VAL D 137 22.63 1.63 -15.57
C VAL D 137 23.19 0.36 -16.23
N ASN D 138 22.33 -0.63 -16.51
CA ASN D 138 22.74 -1.87 -17.21
C ASN D 138 23.02 -1.49 -18.66
N GLY D 139 24.29 -1.51 -19.01
CA GLY D 139 24.68 -1.18 -20.37
C GLY D 139 26.17 -1.17 -20.61
N THR D 140 26.53 -0.91 -21.86
CA THR D 140 27.92 -0.84 -22.28
C THR D 140 28.06 0.23 -23.32
N LEU D 141 29.23 0.86 -23.38
CA LEU D 141 29.53 1.85 -24.41
C LEU D 141 30.57 1.31 -25.41
N TYR D 142 31.03 0.06 -25.20
CA TYR D 142 31.97 -0.61 -26.11
C TYR D 142 31.22 -1.01 -27.39
N GLU D 143 31.93 -0.95 -28.54
CA GLU D 143 31.44 -1.45 -29.82
C GLU D 143 31.69 -2.97 -29.77
N LYS D 144 30.82 -3.77 -30.41
CA LYS D 144 30.85 -5.24 -30.40
C LYS D 144 32.21 -5.89 -30.76
N HIS D 145 32.96 -5.35 -31.74
CA HIS D 145 34.24 -5.89 -32.25
C HIS D 145 35.45 -5.74 -31.30
N VAL D 146 35.39 -4.82 -30.31
CA VAL D 146 36.48 -4.54 -29.35
C VAL D 146 36.79 -5.79 -28.49
N ASP D 147 37.95 -6.41 -28.70
CA ASP D 147 38.35 -7.62 -27.99
C ASP D 147 39.24 -7.37 -26.79
N GLU D 148 39.89 -6.20 -26.72
CA GLU D 148 40.84 -5.87 -25.66
C GLU D 148 40.19 -5.09 -24.56
N TRP D 149 40.30 -5.61 -23.32
CA TRP D 149 39.77 -4.99 -22.10
C TRP D 149 38.28 -4.61 -22.24
N ASN D 150 37.49 -5.52 -22.83
CA ASN D 150 36.06 -5.34 -23.03
C ASN D 150 35.34 -5.73 -21.74
N ILE D 151 34.87 -4.71 -21.04
CA ILE D 151 34.24 -4.82 -19.75
C ILE D 151 33.03 -5.74 -19.81
N GLY D 152 32.36 -5.75 -20.95
CA GLY D 152 31.23 -6.61 -21.17
C GLY D 152 31.62 -8.09 -21.10
N ARG D 153 32.79 -8.44 -21.61
CA ARG D 153 33.25 -9.82 -21.61
C ARG D 153 34.76 -10.04 -21.34
N LEU D 154 35.21 -9.87 -20.11
CA LEU D 154 36.61 -10.07 -19.73
C LEU D 154 37.15 -11.50 -19.84
N ARG D 155 36.28 -12.46 -19.57
CA ARG D 155 36.54 -13.92 -19.57
C ARG D 155 37.50 -14.37 -18.45
N THR D 156 37.32 -13.85 -17.22
CA THR D 156 38.12 -14.26 -16.06
C THR D 156 37.43 -15.48 -15.41
N ILE D 157 38.04 -16.06 -14.34
CA ILE D 157 37.41 -17.20 -13.66
C ILE D 157 36.06 -16.85 -12.99
N LEU D 158 35.70 -15.54 -12.83
CA LEU D 158 34.38 -15.15 -12.30
C LEU D 158 33.24 -15.66 -13.19
N ASP D 159 33.56 -15.98 -14.46
CA ASP D 159 32.61 -16.52 -15.42
C ASP D 159 32.00 -17.84 -14.97
N LEU D 160 32.69 -18.58 -14.06
CA LEU D 160 32.21 -19.85 -13.48
C LEU D 160 30.85 -19.74 -12.81
N VAL D 161 30.52 -18.55 -12.26
CA VAL D 161 29.23 -18.27 -11.64
C VAL D 161 28.16 -18.34 -12.73
N GLU D 162 28.41 -17.74 -13.92
CA GLU D 162 27.43 -17.74 -15.01
C GLU D 162 27.53 -18.99 -15.94
N LYS D 163 28.75 -19.53 -16.17
CA LYS D 163 29.02 -20.69 -17.02
C LYS D 163 28.64 -22.02 -16.34
N GLU D 164 29.04 -22.22 -15.07
CA GLU D 164 28.74 -23.43 -14.29
C GLU D 164 27.44 -23.30 -13.47
N SER D 165 27.35 -22.31 -12.55
CA SER D 165 26.16 -22.10 -11.72
C SER D 165 24.93 -21.58 -12.50
N GLY D 166 25.17 -20.87 -13.61
CA GLY D 166 24.14 -20.30 -14.47
C GLY D 166 23.61 -18.95 -13.99
N ILE D 167 24.15 -18.46 -12.86
CA ILE D 167 23.72 -17.21 -12.20
C ILE D 167 24.25 -15.95 -12.87
N THR D 168 23.32 -15.00 -13.10
CA THR D 168 23.60 -13.68 -13.64
C THR D 168 23.38 -12.66 -12.52
N ILE D 169 24.41 -11.86 -12.24
CA ILE D 169 24.37 -10.83 -11.20
C ILE D 169 24.72 -9.48 -11.82
N GLU D 170 23.66 -8.68 -12.09
CA GLU D 170 23.72 -7.33 -12.69
C GLU D 170 24.80 -6.44 -12.04
N GLY D 171 25.73 -5.95 -12.87
CA GLY D 171 26.85 -5.12 -12.44
C GLY D 171 28.04 -5.86 -11.84
N VAL D 172 27.86 -7.15 -11.45
CA VAL D 172 28.91 -7.98 -10.87
C VAL D 172 29.58 -8.76 -11.99
N ASN D 173 28.86 -9.61 -12.72
CA ASN D 173 29.42 -10.30 -13.87
C ASN D 173 28.78 -9.82 -15.20
N THR D 174 28.31 -8.56 -15.23
CA THR D 174 27.70 -7.85 -16.37
C THR D 174 28.15 -6.36 -16.26
N PRO D 175 28.19 -5.58 -17.36
CA PRO D 175 28.64 -4.18 -17.21
C PRO D 175 27.59 -3.20 -16.66
N TYR D 176 28.07 -2.16 -16.01
CA TYR D 176 27.27 -1.08 -15.44
C TYR D 176 27.82 0.26 -15.95
N LEU D 177 26.92 1.19 -16.26
CA LEU D 177 27.31 2.56 -16.64
C LEU D 177 26.97 3.53 -15.50
N TYR D 178 27.80 4.55 -15.32
CA TYR D 178 27.66 5.58 -14.30
C TYR D 178 27.79 6.94 -14.97
N PHE D 179 26.69 7.69 -15.02
CA PHE D 179 26.70 9.03 -15.58
C PHE D 179 26.81 10.02 -14.42
N GLY D 180 27.99 10.61 -14.27
CA GLY D 180 28.21 11.53 -13.18
C GLY D 180 27.95 12.98 -13.49
N MET D 181 27.80 13.78 -12.44
CA MET D 181 27.77 15.21 -12.51
C MET D 181 28.65 15.68 -11.36
N TRP D 182 28.92 16.98 -11.25
CA TRP D 182 29.73 17.52 -10.18
C TRP D 182 29.17 17.11 -8.81
N LYS D 183 30.08 16.65 -7.91
CA LYS D 183 29.80 16.37 -6.50
C LYS D 183 29.07 15.03 -6.28
N THR D 184 28.81 14.23 -7.35
CA THR D 184 28.24 12.90 -7.18
C THR D 184 29.33 12.03 -6.59
N SER D 185 28.97 11.16 -5.66
CA SER D 185 29.96 10.36 -4.98
C SER D 185 29.67 8.90 -4.77
N PHE D 186 30.73 8.17 -4.47
CA PHE D 186 30.65 6.79 -4.10
C PHE D 186 31.30 6.70 -2.72
N ALA D 187 30.58 6.08 -1.79
CA ALA D 187 31.00 5.91 -0.40
C ALA D 187 32.07 4.85 -0.22
N TRP D 188 32.70 4.84 0.96
CA TRP D 188 33.75 3.86 1.23
C TRP D 188 33.20 2.44 1.18
N HIS D 189 33.87 1.57 0.45
CA HIS D 189 33.44 0.19 0.31
C HIS D 189 34.48 -0.70 -0.35
N THR D 190 34.24 -2.00 -0.31
CA THR D 190 35.04 -3.02 -0.98
C THR D 190 34.02 -3.65 -1.93
N GLU D 191 34.47 -4.43 -2.91
CA GLU D 191 33.50 -5.00 -3.82
C GLU D 191 32.66 -6.09 -3.17
N ASP D 192 31.52 -6.44 -3.81
CA ASP D 192 30.71 -7.55 -3.34
C ASP D 192 31.63 -8.79 -3.36
N MET D 193 31.63 -9.61 -2.28
CA MET D 193 32.43 -10.82 -2.11
C MET D 193 33.94 -10.52 -2.10
N ASP D 194 34.32 -9.21 -1.90
CA ASP D 194 35.71 -8.70 -1.94
C ASP D 194 36.39 -9.03 -3.31
N LEU D 195 35.61 -8.90 -4.38
CA LEU D 195 36.05 -9.12 -5.72
C LEU D 195 36.88 -7.96 -6.27
N TYR D 196 37.52 -8.21 -7.40
CA TYR D 196 38.28 -7.22 -8.12
C TYR D 196 37.28 -6.39 -8.89
N SER D 197 37.66 -5.19 -9.31
CA SER D 197 36.79 -4.38 -10.13
C SER D 197 37.58 -3.59 -11.17
N ILE D 198 36.95 -3.32 -12.30
CA ILE D 198 37.52 -2.56 -13.39
C ILE D 198 36.55 -1.41 -13.65
N ASN D 199 37.09 -0.22 -13.88
CA ASN D 199 36.36 1.02 -14.16
C ASN D 199 37.10 1.76 -15.28
N TYR D 200 36.37 2.05 -16.35
CA TYR D 200 36.91 2.81 -17.47
C TYR D 200 36.14 4.11 -17.59
N LEU D 201 36.86 5.23 -17.61
CA LEU D 201 36.24 6.54 -17.80
C LEU D 201 36.14 6.84 -19.33
N HIS D 202 34.93 6.68 -19.91
CA HIS D 202 34.70 6.86 -21.35
C HIS D 202 34.95 8.26 -21.85
N PHE D 203 34.38 9.26 -21.18
CA PHE D 203 34.50 10.65 -21.59
C PHE D 203 34.18 11.52 -20.41
N GLY D 204 34.35 12.82 -20.59
CA GLY D 204 33.99 13.85 -19.64
C GLY D 204 35.02 14.26 -18.64
N GLU D 205 34.52 14.88 -17.57
CA GLU D 205 35.31 15.40 -16.47
C GLU D 205 35.90 14.29 -15.63
N PRO D 206 37.00 14.55 -14.90
CA PRO D 206 37.60 13.48 -14.10
C PRO D 206 36.75 12.91 -12.93
N LYS D 207 37.27 11.81 -12.38
CA LYS D 207 36.75 11.10 -11.23
C LYS D 207 37.94 10.93 -10.26
N SER D 208 37.84 11.50 -9.04
CA SER D 208 38.90 11.37 -8.04
C SER D 208 38.56 10.23 -7.10
N TRP D 209 39.60 9.50 -6.71
CA TRP D 209 39.49 8.30 -5.89
C TRP D 209 40.32 8.43 -4.64
N TYR D 210 39.88 7.73 -3.60
CA TYR D 210 40.63 7.55 -2.35
C TYR D 210 40.70 6.06 -2.13
N SER D 211 41.80 5.59 -1.60
CA SER D 211 41.90 4.14 -1.37
C SER D 211 42.74 3.82 -0.14
N VAL D 212 42.40 2.74 0.53
CA VAL D 212 43.09 2.26 1.71
C VAL D 212 43.73 0.93 1.29
N PRO D 213 45.06 0.75 1.52
CA PRO D 213 45.69 -0.54 1.19
C PRO D 213 44.94 -1.74 1.84
N PRO D 214 44.66 -2.87 1.13
CA PRO D 214 44.03 -4.05 1.80
C PRO D 214 44.64 -4.46 3.14
N GLU D 215 45.99 -4.35 3.30
CA GLU D 215 46.64 -4.70 4.57
C GLU D 215 46.22 -3.77 5.74
N HIS D 216 45.63 -2.60 5.44
CA HIS D 216 45.14 -1.67 6.48
C HIS D 216 43.60 -1.55 6.52
N GLY D 217 42.89 -2.41 5.76
CA GLY D 217 41.43 -2.41 5.65
C GLY D 217 40.65 -2.50 6.95
N LYS D 218 41.09 -3.42 7.85
CA LYS D 218 40.52 -3.64 9.19
C LYS D 218 40.57 -2.38 10.06
N ARG D 219 41.62 -1.54 9.90
CA ARG D 219 41.81 -0.26 10.60
C ARG D 219 40.77 0.74 10.11
N LEU D 220 40.48 0.79 8.80
CA LEU D 220 39.40 1.63 8.31
C LEU D 220 38.04 1.20 8.95
N GLU D 221 37.75 -0.11 8.97
CA GLU D 221 36.51 -0.70 9.56
C GLU D 221 36.34 -0.38 11.05
N ARG D 222 37.44 -0.47 11.82
CA ARG D 222 37.44 -0.16 13.25
C ARG D 222 37.02 1.28 13.46
N LEU D 223 37.61 2.21 12.66
CA LEU D 223 37.32 3.64 12.71
C LEU D 223 35.83 3.92 12.40
N ALA D 224 35.31 3.32 11.33
CA ALA D 224 33.92 3.45 10.90
C ALA D 224 32.96 2.90 11.96
N LYS D 225 33.26 1.72 12.58
CA LYS D 225 32.47 1.11 13.65
C LYS D 225 32.40 2.03 14.90
N GLY D 226 33.53 2.63 15.28
CA GLY D 226 33.57 3.56 16.40
C GLY D 226 32.76 4.82 16.15
N PHE D 227 32.76 5.34 14.89
CA PHE D 227 32.02 6.54 14.46
C PHE D 227 30.54 6.31 14.23
N PHE D 228 30.14 5.08 13.85
CA PHE D 228 28.72 4.73 13.62
C PHE D 228 28.35 3.47 14.39
N PRO D 229 28.31 3.54 15.76
CA PRO D 229 28.00 2.32 16.55
C PRO D 229 26.64 1.67 16.31
N GLY D 230 25.62 2.48 16.01
CA GLY D 230 24.26 2.01 15.75
C GLY D 230 24.20 1.14 14.49
N SER D 231 24.79 1.64 13.38
CA SER D 231 24.91 0.94 12.09
C SER D 231 25.69 -0.36 12.23
N ALA D 232 26.78 -0.36 13.05
CA ALA D 232 27.61 -1.54 13.29
C ALA D 232 26.86 -2.62 14.11
N GLN D 233 25.98 -2.17 15.04
CA GLN D 233 25.14 -3.04 15.87
C GLN D 233 24.06 -3.73 15.00
N SER D 234 23.44 -2.98 14.08
CA SER D 234 22.42 -3.51 13.17
C SER D 234 22.98 -4.42 12.05
N CYS D 235 24.27 -4.23 11.64
CA CYS D 235 24.89 -4.98 10.53
C CYS D 235 26.42 -4.98 10.72
N GLU D 236 27.10 -6.14 10.75
CA GLU D 236 28.57 -6.13 10.90
C GLU D 236 29.24 -5.52 9.66
N ALA D 237 28.68 -5.81 8.46
CA ALA D 237 29.18 -5.28 7.20
C ALA D 237 28.38 -4.04 6.71
N PHE D 238 28.10 -3.04 7.58
CA PHE D 238 27.31 -1.86 7.21
C PHE D 238 27.98 -1.00 6.10
N LEU D 239 29.33 -1.06 5.95
CA LEU D 239 30.03 -0.35 4.88
C LEU D 239 29.56 -0.82 3.50
N ARG D 240 29.13 -2.11 3.41
CA ARG D 240 28.56 -2.66 2.18
C ARG D 240 27.25 -1.96 1.76
N HIS D 241 26.60 -1.17 2.66
CA HIS D 241 25.36 -0.41 2.31
C HIS D 241 25.74 0.73 1.37
N LYS D 242 27.06 1.09 1.32
CA LYS D 242 27.67 2.15 0.49
C LYS D 242 27.06 3.55 0.77
N MET D 243 26.90 3.86 2.04
CA MET D 243 26.34 5.15 2.49
C MET D 243 27.36 5.96 3.32
N THR D 244 28.52 5.40 3.61
CA THR D 244 29.44 6.02 4.56
C THR D 244 30.56 6.80 3.88
N LEU D 245 30.55 8.13 4.09
N LEU D 245 30.55 8.13 4.09
CA LEU D 245 31.55 9.03 3.53
CA LEU D 245 31.58 9.01 3.54
C LEU D 245 32.46 9.53 4.65
C LEU D 245 32.47 9.46 4.68
N ILE D 246 33.78 9.31 4.49
CA ILE D 246 34.79 9.71 5.49
C ILE D 246 35.85 10.52 4.74
N SER D 247 35.99 11.77 5.12
CA SER D 247 36.93 12.67 4.45
C SER D 247 38.40 12.25 4.64
N PRO D 248 39.30 12.54 3.67
CA PRO D 248 40.73 12.21 3.86
C PRO D 248 41.35 12.88 5.08
N LEU D 249 40.87 14.07 5.47
CA LEU D 249 41.35 14.80 6.66
C LEU D 249 41.05 13.99 7.93
N MET D 250 39.88 13.32 7.96
CA MET D 250 39.46 12.42 9.05
C MET D 250 40.38 11.17 9.15
N LEU D 251 40.70 10.54 8.00
CA LEU D 251 41.63 9.41 7.95
C LEU D 251 43.05 9.81 8.43
N LYS D 252 43.51 11.00 8.02
CA LYS D 252 44.79 11.58 8.37
C LYS D 252 44.86 11.88 9.88
N LYS D 253 43.77 12.44 10.46
CA LYS D 253 43.63 12.72 11.90
C LYS D 253 43.82 11.43 12.75
N TYR D 254 43.29 10.31 12.23
CA TYR D 254 43.36 9.03 12.92
C TYR D 254 44.48 8.10 12.45
N GLY D 255 45.33 8.60 11.55
CA GLY D 255 46.51 7.86 11.08
C GLY D 255 46.20 6.65 10.22
N ILE D 256 45.06 6.67 9.53
CA ILE D 256 44.70 5.56 8.65
C ILE D 256 45.45 5.79 7.32
N PRO D 257 46.32 4.86 6.88
CA PRO D 257 47.03 5.09 5.61
C PRO D 257 46.07 5.01 4.41
N PHE D 258 46.21 5.95 3.47
CA PHE D 258 45.40 6.05 2.27
C PHE D 258 46.22 6.75 1.20
N ASP D 259 45.73 6.70 -0.02
CA ASP D 259 46.34 7.38 -1.12
C ASP D 259 45.22 7.96 -1.93
N LYS D 260 45.52 8.90 -2.81
CA LYS D 260 44.54 9.51 -3.68
C LYS D 260 45.05 9.55 -5.13
N VAL D 261 44.12 9.54 -6.08
CA VAL D 261 44.44 9.57 -7.50
C VAL D 261 43.24 10.08 -8.28
N THR D 262 43.48 10.87 -9.35
CA THR D 262 42.47 11.35 -10.27
C THR D 262 42.52 10.56 -11.57
N GLN D 263 41.38 9.99 -11.95
CA GLN D 263 41.20 9.25 -13.17
C GLN D 263 40.67 10.23 -14.23
N GLU D 264 41.36 10.30 -15.36
CA GLU D 264 40.95 11.16 -16.46
C GLU D 264 40.32 10.33 -17.54
N ALA D 265 39.58 10.97 -18.46
CA ALA D 265 38.92 10.26 -19.55
C ALA D 265 39.92 9.45 -20.36
N GLY D 266 39.55 8.20 -20.64
CA GLY D 266 40.36 7.26 -21.41
C GLY D 266 41.23 6.38 -20.56
N GLU D 267 41.07 6.42 -19.23
CA GLU D 267 41.90 5.64 -18.29
C GLU D 267 41.11 4.59 -17.54
N PHE D 268 41.77 3.47 -17.21
CA PHE D 268 41.23 2.39 -16.40
C PHE D 268 41.71 2.48 -14.95
N MET D 269 40.82 2.15 -14.03
CA MET D 269 41.16 2.06 -12.62
C MET D 269 40.85 0.62 -12.24
N ILE D 270 41.74 0.00 -11.49
CA ILE D 270 41.54 -1.36 -11.04
C ILE D 270 41.50 -1.40 -9.54
N THR D 271 40.48 -2.03 -8.97
CA THR D 271 40.37 -2.18 -7.52
C THR D 271 40.69 -3.64 -7.24
N PHE D 272 41.46 -3.88 -6.19
CA PHE D 272 41.89 -5.23 -5.83
C PHE D 272 41.06 -5.80 -4.68
N PRO D 273 41.04 -7.14 -4.47
CA PRO D 273 40.25 -7.71 -3.35
C PRO D 273 40.51 -7.03 -2.00
N TYR D 274 39.41 -6.69 -1.30
CA TYR D 274 39.45 -6.06 0.02
C TYR D 274 40.12 -4.64 0.00
N GLY D 275 40.12 -4.02 -1.17
CA GLY D 275 40.61 -2.67 -1.40
C GLY D 275 39.50 -1.68 -1.13
N TYR D 276 39.53 -0.99 0.02
CA TYR D 276 38.49 0.02 0.29
C TYR D 276 38.72 1.26 -0.57
N HIS D 277 37.65 1.72 -1.26
CA HIS D 277 37.70 2.91 -2.11
C HIS D 277 36.44 3.75 -1.98
N ALA D 278 36.60 5.05 -2.25
CA ALA D 278 35.59 6.10 -2.21
C ALA D 278 36.02 7.18 -3.25
N GLY D 279 35.13 8.09 -3.59
CA GLY D 279 35.49 9.15 -4.52
C GLY D 279 34.36 10.01 -4.98
N PHE D 280 34.66 10.89 -5.93
CA PHE D 280 33.67 11.82 -6.44
C PHE D 280 33.94 12.20 -7.88
N ASN D 281 32.88 12.65 -8.57
CA ASN D 281 32.96 13.15 -9.95
C ASN D 281 33.19 14.64 -9.97
N HIS D 282 34.05 15.10 -10.92
CA HIS D 282 34.39 16.52 -11.14
C HIS D 282 33.33 17.24 -11.92
N GLY D 283 32.53 16.49 -12.67
CA GLY D 283 31.49 17.04 -13.53
C GLY D 283 30.90 15.93 -14.34
N PHE D 284 30.19 16.28 -15.40
CA PHE D 284 29.54 15.35 -16.34
C PHE D 284 30.53 14.43 -16.98
N ASN D 285 30.30 13.13 -16.85
CA ASN D 285 31.17 12.08 -17.38
C ASN D 285 30.41 10.80 -17.44
N CYS D 286 31.06 9.77 -17.95
CA CYS D 286 30.49 8.44 -17.98
C CYS D 286 31.56 7.38 -17.81
N ALA D 287 31.34 6.51 -16.83
CA ALA D 287 32.25 5.40 -16.54
C ALA D 287 31.49 4.11 -16.72
N GLU D 288 32.24 3.05 -17.07
CA GLU D 288 31.74 1.69 -17.28
C GLU D 288 32.48 0.81 -16.30
N SER D 289 31.73 -0.07 -15.62
CA SER D 289 32.30 -0.90 -14.58
C SER D 289 31.74 -2.29 -14.52
N THR D 290 32.53 -3.21 -13.92
CA THR D 290 32.18 -4.61 -13.64
C THR D 290 33.13 -5.24 -12.64
N ASN D 291 32.79 -6.44 -12.15
CA ASN D 291 33.69 -7.16 -11.25
C ASN D 291 34.38 -8.26 -12.03
N PHE D 292 35.56 -8.68 -11.57
CA PHE D 292 36.28 -9.79 -12.19
C PHE D 292 37.03 -10.53 -11.06
N ALA D 293 37.62 -11.69 -11.36
CA ALA D 293 38.36 -12.42 -10.32
C ALA D 293 39.65 -12.99 -10.89
N THR D 294 40.60 -13.31 -10.00
CA THR D 294 41.81 -14.06 -10.32
C THR D 294 41.77 -15.25 -9.33
N ARG D 295 42.74 -16.21 -9.43
CA ARG D 295 42.79 -17.34 -8.48
C ARG D 295 43.06 -16.89 -7.02
N ARG D 296 43.71 -15.72 -6.83
CA ARG D 296 44.00 -15.09 -5.53
C ARG D 296 42.69 -14.73 -4.78
N TRP D 297 41.69 -14.24 -5.52
CA TRP D 297 40.41 -13.84 -4.97
C TRP D 297 39.65 -14.94 -4.20
N ILE D 298 39.72 -16.22 -4.65
CA ILE D 298 38.97 -17.32 -4.07
C ILE D 298 39.04 -17.33 -2.52
N GLU D 299 40.24 -17.14 -1.96
CA GLU D 299 40.38 -17.08 -0.51
C GLU D 299 39.65 -15.89 0.11
N TYR D 300 39.68 -14.73 -0.58
CA TYR D 300 38.95 -13.52 -0.18
C TYR D 300 37.46 -13.77 -0.22
N GLY D 301 36.96 -14.43 -1.27
CA GLY D 301 35.54 -14.75 -1.40
C GLY D 301 35.05 -15.64 -0.29
N LYS D 302 35.84 -16.68 0.05
CA LYS D 302 35.58 -17.65 1.13
C LYS D 302 35.50 -16.97 2.51
N GLN D 303 36.30 -15.90 2.72
CA GLN D 303 36.38 -15.17 4.00
C GLN D 303 35.66 -13.84 4.07
N ALA D 304 35.00 -13.39 2.99
CA ALA D 304 34.34 -12.08 2.96
C ALA D 304 33.27 -11.92 4.03
N VAL D 305 33.24 -10.77 4.71
CA VAL D 305 32.23 -10.53 5.75
C VAL D 305 31.03 -9.88 5.03
N LEU D 306 29.90 -10.55 4.99
CA LEU D 306 28.74 -10.07 4.21
C LEU D 306 27.69 -9.36 5.02
N CYS D 307 26.93 -8.47 4.35
CA CYS D 307 25.81 -7.74 4.95
C CYS D 307 24.72 -8.77 5.39
N SER D 308 24.25 -8.62 6.64
CA SER D 308 23.28 -9.49 7.28
C SER D 308 21.81 -9.01 7.26
N CYS D 309 21.60 -7.72 7.52
CA CYS D 309 20.33 -7.03 7.70
C CYS D 309 19.37 -7.00 6.47
N ARG D 310 19.86 -7.23 5.24
CA ARG D 310 19.02 -7.16 4.04
C ARG D 310 18.92 -8.51 3.31
N LYS D 311 17.76 -8.77 2.69
CA LYS D 311 17.49 -10.02 1.95
C LYS D 311 18.08 -10.03 0.52
N ASP D 312 17.98 -8.89 -0.19
CA ASP D 312 18.44 -8.74 -1.58
C ASP D 312 19.98 -8.78 -1.80
N MET D 313 20.81 -8.55 -0.73
CA MET D 313 22.29 -8.47 -0.79
C MET D 313 22.94 -9.59 -1.66
N VAL D 314 24.03 -9.23 -2.38
CA VAL D 314 24.76 -10.12 -3.28
C VAL D 314 25.56 -11.18 -2.49
N LYS D 315 25.29 -12.46 -2.79
CA LYS D 315 25.96 -13.60 -2.18
C LYS D 315 26.29 -14.63 -3.27
N ILE D 316 27.59 -14.79 -3.54
CA ILE D 316 28.08 -15.75 -4.52
C ILE D 316 28.41 -17.01 -3.72
N SER D 317 27.89 -18.17 -4.15
CA SER D 317 28.24 -19.44 -3.53
C SER D 317 29.69 -19.75 -3.97
N MET D 318 30.57 -19.99 -2.99
CA MET D 318 31.99 -20.29 -3.23
C MET D 318 32.26 -21.75 -3.58
N ASP D 319 31.28 -22.64 -3.38
CA ASP D 319 31.36 -24.08 -3.58
C ASP D 319 32.02 -24.49 -4.91
N VAL D 320 31.55 -23.91 -6.04
CA VAL D 320 32.03 -24.17 -7.40
C VAL D 320 33.54 -23.88 -7.55
N PHE D 321 34.02 -22.80 -6.89
CA PHE D 321 35.40 -22.34 -6.89
C PHE D 321 36.32 -23.26 -6.08
N VAL D 322 35.87 -23.64 -4.88
CA VAL D 322 36.60 -24.52 -3.97
C VAL D 322 36.75 -25.90 -4.63
N ARG D 323 35.68 -26.41 -5.27
CA ARG D 323 35.73 -27.68 -5.96
C ARG D 323 36.76 -27.69 -7.08
N LYS D 324 36.68 -26.65 -7.96
CA LYS D 324 37.53 -26.53 -9.14
C LYS D 324 39.01 -26.24 -8.83
N PHE D 325 39.27 -25.24 -7.97
CA PHE D 325 40.61 -24.73 -7.69
C PHE D 325 41.26 -25.24 -6.43
N GLN D 326 40.47 -25.74 -5.46
CA GLN D 326 41.01 -26.25 -4.19
C GLN D 326 40.40 -27.64 -3.86
N PRO D 327 40.36 -28.63 -4.79
CA PRO D 327 39.70 -29.92 -4.48
C PRO D 327 40.17 -30.63 -3.22
N GLU D 328 41.46 -30.50 -2.91
CA GLU D 328 42.09 -31.11 -1.74
C GLU D 328 41.64 -30.47 -0.41
N ARG D 329 41.14 -29.22 -0.46
N ARG D 329 41.15 -29.21 -0.46
CA ARG D 329 40.67 -28.46 0.71
CA ARG D 329 40.67 -28.46 0.71
C ARG D 329 39.13 -28.45 0.85
C ARG D 329 39.14 -28.44 0.84
N TYR D 330 38.41 -29.10 -0.09
CA TYR D 330 36.93 -29.09 -0.11
C TYR D 330 36.25 -29.66 1.18
N LYS D 331 36.64 -30.88 1.62
CA LYS D 331 36.13 -31.53 2.84
C LYS D 331 36.36 -30.63 4.07
N LEU D 332 37.59 -30.12 4.22
CA LEU D 332 38.02 -29.26 5.30
C LEU D 332 37.21 -27.96 5.34
N TRP D 333 37.03 -27.30 4.17
CA TRP D 333 36.27 -26.05 4.05
C TRP D 333 34.80 -26.21 4.43
N LYS D 334 34.19 -27.32 4.00
CA LYS D 334 32.79 -27.64 4.29
C LYS D 334 32.59 -27.97 5.78
N ALA D 335 33.59 -28.61 6.42
CA ALA D 335 33.59 -28.92 7.85
C ALA D 335 33.84 -27.66 8.70
N GLY D 336 34.16 -26.56 8.02
CA GLY D 336 34.46 -25.26 8.62
C GLY D 336 35.84 -25.20 9.23
N LYS D 337 36.72 -26.16 8.86
CA LYS D 337 38.07 -26.29 9.39
C LYS D 337 39.18 -25.66 8.50
N ASP D 338 38.80 -24.90 7.45
CA ASP D 338 39.78 -24.21 6.58
C ASP D 338 40.22 -22.90 7.26
N ASN D 339 41.38 -22.96 7.95
CA ASN D 339 41.96 -21.89 8.78
C ASN D 339 43.04 -21.02 8.07
N THR D 340 42.97 -20.93 6.72
CA THR D 340 43.89 -20.14 5.90
C THR D 340 43.83 -18.65 6.31
N VAL D 341 45.00 -18.06 6.58
CA VAL D 341 45.17 -16.63 6.90
C VAL D 341 45.61 -15.99 5.58
N ILE D 342 44.90 -14.94 5.14
CA ILE D 342 45.24 -14.23 3.89
C ILE D 342 46.44 -13.30 4.11
N ASP D 343 47.45 -13.39 3.21
CA ASP D 343 48.59 -12.48 3.15
C ASP D 343 48.30 -11.50 1.99
N HIS D 344 47.88 -10.26 2.30
CA HIS D 344 47.51 -9.23 1.32
C HIS D 344 48.66 -8.77 0.38
N THR D 345 49.91 -9.03 0.75
CA THR D 345 51.11 -8.65 -0.05
C THR D 345 51.40 -9.64 -1.19
N LEU D 346 51.05 -10.92 -1.02
CA LEU D 346 51.30 -12.00 -2.00
C LEU D 346 50.58 -11.73 -3.35
N PRO D 347 51.28 -11.89 -4.49
CA PRO D 347 50.59 -11.71 -5.78
C PRO D 347 49.82 -12.97 -6.16
N THR D 348 48.91 -12.86 -7.15
CA THR D 348 48.11 -13.98 -7.65
C THR D 348 49.03 -15.11 -8.18
N PRO D 349 48.73 -16.42 -7.96
CA PRO D 349 49.61 -17.48 -8.50
C PRO D 349 50.05 -17.30 -9.96
N GLU D 350 49.15 -16.76 -10.83
CA GLU D 350 49.36 -16.50 -12.27
C GLU D 350 50.53 -15.53 -12.57
N ALA D 351 50.98 -14.76 -11.55
CA ALA D 351 52.08 -13.80 -11.62
C ALA D 351 53.47 -14.46 -11.54
N ALA D 352 53.53 -15.78 -11.28
CA ALA D 352 54.77 -16.57 -11.15
C ALA D 352 55.72 -16.38 -12.35
N GLU D 353 55.15 -16.41 -13.59
CA GLU D 353 55.90 -16.25 -14.85
C GLU D 353 56.69 -14.93 -14.93
N PHE D 354 56.25 -13.90 -14.17
CA PHE D 354 56.90 -12.59 -14.09
C PHE D 354 57.74 -12.54 -12.82
#